data_1P2X
# 
_entry.id   1P2X 
# 
_audit_conform.dict_name       mmcif_pdbx.dic 
_audit_conform.dict_version    5.386 
_audit_conform.dict_location   http://mmcif.pdb.org/dictionaries/ascii/mmcif_pdbx.dic 
# 
loop_
_database_2.database_id 
_database_2.database_code 
_database_2.pdbx_database_accession 
_database_2.pdbx_DOI 
PDB   1P2X         pdb_00001p2x 10.2210/pdb1p2x/pdb 
RCSB  RCSB018944   ?            ?                   
WWPDB D_1000018944 ?            ?                   
# 
loop_
_pdbx_audit_revision_history.ordinal 
_pdbx_audit_revision_history.data_content_type 
_pdbx_audit_revision_history.major_revision 
_pdbx_audit_revision_history.minor_revision 
_pdbx_audit_revision_history.revision_date 
1 'Structure model' 1 0 2004-06-08 
2 'Structure model' 1 1 2008-04-29 
3 'Structure model' 1 2 2011-07-13 
4 'Structure model' 1 3 2024-02-14 
# 
_pdbx_audit_revision_details.ordinal             1 
_pdbx_audit_revision_details.revision_ordinal    1 
_pdbx_audit_revision_details.data_content_type   'Structure model' 
_pdbx_audit_revision_details.provider            repository 
_pdbx_audit_revision_details.type                'Initial release' 
_pdbx_audit_revision_details.description         ? 
_pdbx_audit_revision_details.details             ? 
# 
loop_
_pdbx_audit_revision_group.ordinal 
_pdbx_audit_revision_group.revision_ordinal 
_pdbx_audit_revision_group.data_content_type 
_pdbx_audit_revision_group.group 
1 2 'Structure model' 'Version format compliance' 
2 3 'Structure model' 'Version format compliance' 
3 4 'Structure model' 'Data collection'           
4 4 'Structure model' 'Database references'       
5 4 'Structure model' 'Derived calculations'      
# 
loop_
_pdbx_audit_revision_category.ordinal 
_pdbx_audit_revision_category.revision_ordinal 
_pdbx_audit_revision_category.data_content_type 
_pdbx_audit_revision_category.category 
1 4 'Structure model' chem_comp_atom 
2 4 'Structure model' chem_comp_bond 
3 4 'Structure model' database_2     
4 4 'Structure model' struct_site    
# 
loop_
_pdbx_audit_revision_item.ordinal 
_pdbx_audit_revision_item.revision_ordinal 
_pdbx_audit_revision_item.data_content_type 
_pdbx_audit_revision_item.item 
1 4 'Structure model' '_database_2.pdbx_DOI'                
2 4 'Structure model' '_database_2.pdbx_database_accession' 
3 4 'Structure model' '_struct_site.pdbx_auth_asym_id'      
4 4 'Structure model' '_struct_site.pdbx_auth_comp_id'      
5 4 'Structure model' '_struct_site.pdbx_auth_seq_id'       
# 
_pdbx_database_status.status_code                     REL 
_pdbx_database_status.entry_id                        1P2X 
_pdbx_database_status.recvd_initial_deposition_date   2003-04-16 
_pdbx_database_status.deposit_site                    RCSB 
_pdbx_database_status.process_site                    RCSB 
_pdbx_database_status.status_code_sf                  REL 
_pdbx_database_status.SG_entry                        . 
_pdbx_database_status.pdb_format_compatible           Y 
_pdbx_database_status.status_code_mr                  ? 
_pdbx_database_status.status_code_cs                  ? 
_pdbx_database_status.status_code_nmr_data            ? 
_pdbx_database_status.methods_development_category    ? 
# 
loop_
_audit_author.name 
_audit_author.pdbx_ordinal 
'Wang, C.-H.'           1 
'Balasubramanian, M.K.' 2 
'Dokland, T.'           3 
# 
_citation.id                        primary 
_citation.title                     
'Structure, crystal packing and molecular dynamics of the calponin-homology domain of Schizosaccharomyces pombe Rng2.' 
_citation.journal_abbrev            'Acta Crystallogr.,Sect.D' 
_citation.journal_volume            60 
_citation.page_first                1396 
_citation.page_last                 1403 
_citation.year                      2004 
_citation.journal_id_ASTM           ABCRE6 
_citation.country                   DK 
_citation.journal_id_ISSN           0907-4449 
_citation.journal_id_CSD            0766 
_citation.book_publisher            ? 
_citation.pdbx_database_id_PubMed   15272162 
_citation.pdbx_database_id_DOI      10.1107/S0907444904012983 
# 
loop_
_citation_author.citation_id 
_citation_author.name 
_citation_author.ordinal 
_citation_author.identifier_ORCID 
primary 'Wang, C.H.'            1 ? 
primary 'Balasubramanian, M.K.' 2 ? 
primary 'Dokland, T.'           3 ? 
# 
loop_
_entity.id 
_entity.type 
_entity.src_method 
_entity.pdbx_description 
_entity.formula_weight 
_entity.pdbx_number_of_molecules 
_entity.pdbx_ec 
_entity.pdbx_mutation 
_entity.pdbx_fragment 
_entity.details 
1 polymer     man 'Ras GTPase-activating-like protein' 18476.211 1   ? ? 'CALPONIN-HOMOLOGY DOMAIN' ? 
2 non-polymer syn 'BROMIDE ION'                        79.904    11  ? ? ?                          ? 
3 water       nat water                                18.015    157 ? ? ?                          ? 
# 
_entity_name_com.entity_id   1 
_entity_name_com.name        'Rng2 protein' 
# 
_entity_poly.entity_id                      1 
_entity_poly.type                           'polypeptide(L)' 
_entity_poly.nstd_linkage                   no 
_entity_poly.nstd_monomer                   no 
_entity_poly.pdbx_seq_one_letter_code       
;RETLQAYDYLCRVDEAKKWIEECLGTDLGPTSTFEQSLRNGVVLALLVQKFQPDKLIKIFYSNELQFRHSDNINKFLDFI
HGIGLPEIFHFELTDIYEGKNLPKVIYCIHALSYFLSMQDLAPPLIKSDENLSFTDEDVSIIVRRLRQSNVILPNFKAL
;
_entity_poly.pdbx_seq_one_letter_code_can   
;RETLQAYDYLCRVDEAKKWIEECLGTDLGPTSTFEQSLRNGVVLALLVQKFQPDKLIKIFYSNELQFRHSDNINKFLDFI
HGIGLPEIFHFELTDIYEGKNLPKVIYCIHALSYFLSMQDLAPPLIKSDENLSFTDEDVSIIVRRLRQSNVILPNFKAL
;
_entity_poly.pdbx_strand_id                 A 
_entity_poly.pdbx_target_identifier         ? 
# 
loop_
_pdbx_entity_nonpoly.entity_id 
_pdbx_entity_nonpoly.name 
_pdbx_entity_nonpoly.comp_id 
2 'BROMIDE ION' BR  
3 water         HOH 
# 
loop_
_entity_poly_seq.entity_id 
_entity_poly_seq.num 
_entity_poly_seq.mon_id 
_entity_poly_seq.hetero 
1 1   ARG n 
1 2   GLU n 
1 3   THR n 
1 4   LEU n 
1 5   GLN n 
1 6   ALA n 
1 7   TYR n 
1 8   ASP n 
1 9   TYR n 
1 10  LEU n 
1 11  CYS n 
1 12  ARG n 
1 13  VAL n 
1 14  ASP n 
1 15  GLU n 
1 16  ALA n 
1 17  LYS n 
1 18  LYS n 
1 19  TRP n 
1 20  ILE n 
1 21  GLU n 
1 22  GLU n 
1 23  CYS n 
1 24  LEU n 
1 25  GLY n 
1 26  THR n 
1 27  ASP n 
1 28  LEU n 
1 29  GLY n 
1 30  PRO n 
1 31  THR n 
1 32  SER n 
1 33  THR n 
1 34  PHE n 
1 35  GLU n 
1 36  GLN n 
1 37  SER n 
1 38  LEU n 
1 39  ARG n 
1 40  ASN n 
1 41  GLY n 
1 42  VAL n 
1 43  VAL n 
1 44  LEU n 
1 45  ALA n 
1 46  LEU n 
1 47  LEU n 
1 48  VAL n 
1 49  GLN n 
1 50  LYS n 
1 51  PHE n 
1 52  GLN n 
1 53  PRO n 
1 54  ASP n 
1 55  LYS n 
1 56  LEU n 
1 57  ILE n 
1 58  LYS n 
1 59  ILE n 
1 60  PHE n 
1 61  TYR n 
1 62  SER n 
1 63  ASN n 
1 64  GLU n 
1 65  LEU n 
1 66  GLN n 
1 67  PHE n 
1 68  ARG n 
1 69  HIS n 
1 70  SER n 
1 71  ASP n 
1 72  ASN n 
1 73  ILE n 
1 74  ASN n 
1 75  LYS n 
1 76  PHE n 
1 77  LEU n 
1 78  ASP n 
1 79  PHE n 
1 80  ILE n 
1 81  HIS n 
1 82  GLY n 
1 83  ILE n 
1 84  GLY n 
1 85  LEU n 
1 86  PRO n 
1 87  GLU n 
1 88  ILE n 
1 89  PHE n 
1 90  HIS n 
1 91  PHE n 
1 92  GLU n 
1 93  LEU n 
1 94  THR n 
1 95  ASP n 
1 96  ILE n 
1 97  TYR n 
1 98  GLU n 
1 99  GLY n 
1 100 LYS n 
1 101 ASN n 
1 102 LEU n 
1 103 PRO n 
1 104 LYS n 
1 105 VAL n 
1 106 ILE n 
1 107 TYR n 
1 108 CYS n 
1 109 ILE n 
1 110 HIS n 
1 111 ALA n 
1 112 LEU n 
1 113 SER n 
1 114 TYR n 
1 115 PHE n 
1 116 LEU n 
1 117 SER n 
1 118 MET n 
1 119 GLN n 
1 120 ASP n 
1 121 LEU n 
1 122 ALA n 
1 123 PRO n 
1 124 PRO n 
1 125 LEU n 
1 126 ILE n 
1 127 LYS n 
1 128 SER n 
1 129 ASP n 
1 130 GLU n 
1 131 ASN n 
1 132 LEU n 
1 133 SER n 
1 134 PHE n 
1 135 THR n 
1 136 ASP n 
1 137 GLU n 
1 138 ASP n 
1 139 VAL n 
1 140 SER n 
1 141 ILE n 
1 142 ILE n 
1 143 VAL n 
1 144 ARG n 
1 145 ARG n 
1 146 LEU n 
1 147 ARG n 
1 148 GLN n 
1 149 SER n 
1 150 ASN n 
1 151 VAL n 
1 152 ILE n 
1 153 LEU n 
1 154 PRO n 
1 155 ASN n 
1 156 PHE n 
1 157 LYS n 
1 158 ALA n 
1 159 LEU n 
# 
_entity_src_gen.entity_id                          1 
_entity_src_gen.pdbx_src_id                        1 
_entity_src_gen.pdbx_alt_source_flag               sample 
_entity_src_gen.pdbx_seq_type                      ? 
_entity_src_gen.pdbx_beg_seq_num                   ? 
_entity_src_gen.pdbx_end_seq_num                   ? 
_entity_src_gen.gene_src_common_name               'fission yeast' 
_entity_src_gen.gene_src_genus                     Schizosaccharomyces 
_entity_src_gen.pdbx_gene_src_gene                 'RNG2 OR SPAC4F8.13C' 
_entity_src_gen.gene_src_species                   ? 
_entity_src_gen.gene_src_strain                    ? 
_entity_src_gen.gene_src_tissue                    ? 
_entity_src_gen.gene_src_tissue_fraction           ? 
_entity_src_gen.gene_src_details                   ? 
_entity_src_gen.pdbx_gene_src_fragment             ? 
_entity_src_gen.pdbx_gene_src_scientific_name      'Schizosaccharomyces pombe' 
_entity_src_gen.pdbx_gene_src_ncbi_taxonomy_id     4896 
_entity_src_gen.pdbx_gene_src_variant              ? 
_entity_src_gen.pdbx_gene_src_cell_line            ? 
_entity_src_gen.pdbx_gene_src_atcc                 ? 
_entity_src_gen.pdbx_gene_src_organ                ? 
_entity_src_gen.pdbx_gene_src_organelle            ? 
_entity_src_gen.pdbx_gene_src_cell                 ? 
_entity_src_gen.pdbx_gene_src_cellular_location    ? 
_entity_src_gen.host_org_common_name               ? 
_entity_src_gen.pdbx_host_org_scientific_name      'Escherichia coli' 
_entity_src_gen.pdbx_host_org_ncbi_taxonomy_id     562 
_entity_src_gen.host_org_genus                     Escherichia 
_entity_src_gen.pdbx_host_org_gene                 ? 
_entity_src_gen.pdbx_host_org_organ                ? 
_entity_src_gen.host_org_species                   ? 
_entity_src_gen.pdbx_host_org_tissue               ? 
_entity_src_gen.pdbx_host_org_tissue_fraction      ? 
_entity_src_gen.pdbx_host_org_strain               BL21-CodonPlus-RIL 
_entity_src_gen.pdbx_host_org_variant              ? 
_entity_src_gen.pdbx_host_org_cell_line            ? 
_entity_src_gen.pdbx_host_org_atcc                 ? 
_entity_src_gen.pdbx_host_org_culture_collection   ? 
_entity_src_gen.pdbx_host_org_cell                 ? 
_entity_src_gen.pdbx_host_org_organelle            ? 
_entity_src_gen.pdbx_host_org_cellular_location    ? 
_entity_src_gen.pdbx_host_org_vector_type          PLASMID 
_entity_src_gen.pdbx_host_org_vector               ? 
_entity_src_gen.host_org_details                   ? 
_entity_src_gen.expression_system_id               ? 
_entity_src_gen.plasmid_name                       pGEX-KG 
_entity_src_gen.plasmid_details                    ? 
_entity_src_gen.pdbx_description                   ? 
# 
loop_
_chem_comp.id 
_chem_comp.type 
_chem_comp.mon_nstd_flag 
_chem_comp.name 
_chem_comp.pdbx_synonyms 
_chem_comp.formula 
_chem_comp.formula_weight 
ALA 'L-peptide linking' y ALANINE         ? 'C3 H7 N O2'     89.093  
ARG 'L-peptide linking' y ARGININE        ? 'C6 H15 N4 O2 1' 175.209 
ASN 'L-peptide linking' y ASPARAGINE      ? 'C4 H8 N2 O3'    132.118 
ASP 'L-peptide linking' y 'ASPARTIC ACID' ? 'C4 H7 N O4'     133.103 
BR  non-polymer         . 'BROMIDE ION'   ? 'Br -1'          79.904  
CYS 'L-peptide linking' y CYSTEINE        ? 'C3 H7 N O2 S'   121.158 
GLN 'L-peptide linking' y GLUTAMINE       ? 'C5 H10 N2 O3'   146.144 
GLU 'L-peptide linking' y 'GLUTAMIC ACID' ? 'C5 H9 N O4'     147.129 
GLY 'peptide linking'   y GLYCINE         ? 'C2 H5 N O2'     75.067  
HIS 'L-peptide linking' y HISTIDINE       ? 'C6 H10 N3 O2 1' 156.162 
HOH non-polymer         . WATER           ? 'H2 O'           18.015  
ILE 'L-peptide linking' y ISOLEUCINE      ? 'C6 H13 N O2'    131.173 
LEU 'L-peptide linking' y LEUCINE         ? 'C6 H13 N O2'    131.173 
LYS 'L-peptide linking' y LYSINE          ? 'C6 H15 N2 O2 1' 147.195 
MET 'L-peptide linking' y METHIONINE      ? 'C5 H11 N O2 S'  149.211 
PHE 'L-peptide linking' y PHENYLALANINE   ? 'C9 H11 N O2'    165.189 
PRO 'L-peptide linking' y PROLINE         ? 'C5 H9 N O2'     115.130 
SER 'L-peptide linking' y SERINE          ? 'C3 H7 N O3'     105.093 
THR 'L-peptide linking' y THREONINE       ? 'C4 H9 N O3'     119.119 
TRP 'L-peptide linking' y TRYPTOPHAN      ? 'C11 H12 N2 O2'  204.225 
TYR 'L-peptide linking' y TYROSINE        ? 'C9 H11 N O3'    181.189 
VAL 'L-peptide linking' y VALINE          ? 'C5 H11 N O2'    117.146 
# 
loop_
_pdbx_poly_seq_scheme.asym_id 
_pdbx_poly_seq_scheme.entity_id 
_pdbx_poly_seq_scheme.seq_id 
_pdbx_poly_seq_scheme.mon_id 
_pdbx_poly_seq_scheme.ndb_seq_num 
_pdbx_poly_seq_scheme.pdb_seq_num 
_pdbx_poly_seq_scheme.auth_seq_num 
_pdbx_poly_seq_scheme.pdb_mon_id 
_pdbx_poly_seq_scheme.auth_mon_id 
_pdbx_poly_seq_scheme.pdb_strand_id 
_pdbx_poly_seq_scheme.pdb_ins_code 
_pdbx_poly_seq_scheme.hetero 
A 1 1   ARG 1   32  32  ARG ARG A . n 
A 1 2   GLU 2   33  33  GLU GLU A . n 
A 1 3   THR 3   34  34  THR THR A . n 
A 1 4   LEU 4   35  35  LEU LEU A . n 
A 1 5   GLN 5   36  36  GLN GLN A . n 
A 1 6   ALA 6   37  37  ALA ALA A . n 
A 1 7   TYR 7   38  38  TYR TYR A . n 
A 1 8   ASP 8   39  39  ASP ASP A . n 
A 1 9   TYR 9   40  40  TYR TYR A . n 
A 1 10  LEU 10  41  41  LEU LEU A . n 
A 1 11  CYS 11  42  42  CYS CYS A . n 
A 1 12  ARG 12  43  43  ARG ARG A . n 
A 1 13  VAL 13  44  44  VAL VAL A . n 
A 1 14  ASP 14  45  45  ASP ASP A . n 
A 1 15  GLU 15  46  46  GLU GLU A . n 
A 1 16  ALA 16  47  47  ALA ALA A . n 
A 1 17  LYS 17  48  48  LYS LYS A . n 
A 1 18  LYS 18  49  49  LYS LYS A . n 
A 1 19  TRP 19  50  50  TRP TRP A . n 
A 1 20  ILE 20  51  51  ILE ILE A . n 
A 1 21  GLU 21  52  52  GLU GLU A . n 
A 1 22  GLU 22  53  53  GLU GLU A . n 
A 1 23  CYS 23  54  54  CYS CYS A . n 
A 1 24  LEU 24  55  55  LEU LEU A . n 
A 1 25  GLY 25  56  56  GLY GLY A . n 
A 1 26  THR 26  57  57  THR THR A . n 
A 1 27  ASP 27  58  58  ASP ASP A . n 
A 1 28  LEU 28  59  59  LEU LEU A . n 
A 1 29  GLY 29  60  60  GLY GLY A . n 
A 1 30  PRO 30  61  61  PRO PRO A . n 
A 1 31  THR 31  62  62  THR THR A . n 
A 1 32  SER 32  63  63  SER SER A . n 
A 1 33  THR 33  64  64  THR THR A . n 
A 1 34  PHE 34  65  65  PHE PHE A . n 
A 1 35  GLU 35  66  66  GLU GLU A . n 
A 1 36  GLN 36  67  67  GLN GLN A . n 
A 1 37  SER 37  68  68  SER SER A . n 
A 1 38  LEU 38  69  69  LEU LEU A . n 
A 1 39  ARG 39  70  70  ARG ARG A . n 
A 1 40  ASN 40  71  71  ASN ASN A . n 
A 1 41  GLY 41  72  72  GLY GLY A . n 
A 1 42  VAL 42  73  73  VAL VAL A . n 
A 1 43  VAL 43  74  74  VAL VAL A . n 
A 1 44  LEU 44  75  75  LEU LEU A . n 
A 1 45  ALA 45  76  76  ALA ALA A . n 
A 1 46  LEU 46  77  77  LEU LEU A . n 
A 1 47  LEU 47  78  78  LEU LEU A . n 
A 1 48  VAL 48  79  79  VAL VAL A . n 
A 1 49  GLN 49  80  80  GLN GLN A . n 
A 1 50  LYS 50  81  81  LYS LYS A . n 
A 1 51  PHE 51  82  82  PHE PHE A . n 
A 1 52  GLN 52  83  83  GLN GLN A . n 
A 1 53  PRO 53  84  84  PRO PRO A . n 
A 1 54  ASP 54  85  85  ASP ASP A . n 
A 1 55  LYS 55  86  86  LYS LYS A . n 
A 1 56  LEU 56  87  87  LEU LEU A . n 
A 1 57  ILE 57  88  88  ILE ILE A . n 
A 1 58  LYS 58  89  89  LYS LYS A . n 
A 1 59  ILE 59  90  90  ILE ILE A . n 
A 1 60  PHE 60  91  91  PHE PHE A . n 
A 1 61  TYR 61  92  92  TYR TYR A . n 
A 1 62  SER 62  93  93  SER SER A . n 
A 1 63  ASN 63  94  94  ASN ASN A . n 
A 1 64  GLU 64  95  95  GLU GLU A . n 
A 1 65  LEU 65  96  96  LEU LEU A . n 
A 1 66  GLN 66  97  97  GLN GLN A . n 
A 1 67  PHE 67  98  98  PHE PHE A . n 
A 1 68  ARG 68  99  99  ARG ARG A . n 
A 1 69  HIS 69  100 100 HIS HIS A . n 
A 1 70  SER 70  101 101 SER SER A . n 
A 1 71  ASP 71  102 102 ASP ASP A . n 
A 1 72  ASN 72  103 103 ASN ASN A . n 
A 1 73  ILE 73  104 104 ILE ILE A . n 
A 1 74  ASN 74  105 105 ASN ASN A . n 
A 1 75  LYS 75  106 106 LYS LYS A . n 
A 1 76  PHE 76  107 107 PHE PHE A . n 
A 1 77  LEU 77  108 108 LEU LEU A . n 
A 1 78  ASP 78  109 109 ASP ASP A . n 
A 1 79  PHE 79  110 110 PHE PHE A . n 
A 1 80  ILE 80  111 111 ILE ILE A . n 
A 1 81  HIS 81  112 112 HIS HIS A . n 
A 1 82  GLY 82  113 113 GLY GLY A . n 
A 1 83  ILE 83  114 114 ILE ILE A . n 
A 1 84  GLY 84  115 115 GLY GLY A . n 
A 1 85  LEU 85  116 116 LEU LEU A . n 
A 1 86  PRO 86  117 117 PRO PRO A . n 
A 1 87  GLU 87  118 118 GLU GLU A . n 
A 1 88  ILE 88  119 119 ILE ILE A . n 
A 1 89  PHE 89  120 120 PHE PHE A . n 
A 1 90  HIS 90  121 121 HIS HIS A . n 
A 1 91  PHE 91  122 122 PHE PHE A . n 
A 1 92  GLU 92  123 123 GLU GLU A . n 
A 1 93  LEU 93  124 124 LEU LEU A . n 
A 1 94  THR 94  125 125 THR THR A . n 
A 1 95  ASP 95  126 126 ASP ASP A . n 
A 1 96  ILE 96  127 127 ILE ILE A . n 
A 1 97  TYR 97  128 128 TYR TYR A . n 
A 1 98  GLU 98  129 129 GLU GLU A . n 
A 1 99  GLY 99  130 130 GLY GLY A . n 
A 1 100 LYS 100 131 131 LYS LYS A . n 
A 1 101 ASN 101 132 132 ASN ASN A . n 
A 1 102 LEU 102 133 133 LEU LEU A . n 
A 1 103 PRO 103 134 134 PRO PRO A . n 
A 1 104 LYS 104 135 135 LYS LYS A . n 
A 1 105 VAL 105 136 136 VAL VAL A . n 
A 1 106 ILE 106 137 137 ILE ILE A . n 
A 1 107 TYR 107 138 138 TYR TYR A . n 
A 1 108 CYS 108 139 139 CYS CYS A . n 
A 1 109 ILE 109 140 140 ILE ILE A . n 
A 1 110 HIS 110 141 141 HIS HIS A . n 
A 1 111 ALA 111 142 142 ALA ALA A . n 
A 1 112 LEU 112 143 143 LEU LEU A . n 
A 1 113 SER 113 144 144 SER SER A . n 
A 1 114 TYR 114 145 145 TYR TYR A . n 
A 1 115 PHE 115 146 146 PHE PHE A . n 
A 1 116 LEU 116 147 147 LEU LEU A . n 
A 1 117 SER 117 148 148 SER SER A . n 
A 1 118 MET 118 149 149 MET MET A . n 
A 1 119 GLN 119 150 150 GLN GLN A . n 
A 1 120 ASP 120 151 151 ASP ASP A . n 
A 1 121 LEU 121 152 152 LEU LEU A . n 
A 1 122 ALA 122 153 153 ALA ALA A . n 
A 1 123 PRO 123 154 154 PRO PRO A . n 
A 1 124 PRO 124 155 155 PRO PRO A . n 
A 1 125 LEU 125 156 156 LEU LEU A . n 
A 1 126 ILE 126 157 157 ILE ILE A . n 
A 1 127 LYS 127 158 158 LYS LYS A . n 
A 1 128 SER 128 159 159 SER SER A . n 
A 1 129 ASP 129 160 160 ASP ASP A . n 
A 1 130 GLU 130 161 161 GLU GLU A . n 
A 1 131 ASN 131 162 162 ASN ASN A . n 
A 1 132 LEU 132 163 163 LEU LEU A . n 
A 1 133 SER 133 164 164 SER SER A . n 
A 1 134 PHE 134 165 165 PHE PHE A . n 
A 1 135 THR 135 166 166 THR THR A . n 
A 1 136 ASP 136 167 167 ASP ASP A . n 
A 1 137 GLU 137 168 168 GLU GLU A . n 
A 1 138 ASP 138 169 169 ASP ASP A . n 
A 1 139 VAL 139 170 170 VAL VAL A . n 
A 1 140 SER 140 171 171 SER SER A . n 
A 1 141 ILE 141 172 172 ILE ILE A . n 
A 1 142 ILE 142 173 173 ILE ILE A . n 
A 1 143 VAL 143 174 174 VAL VAL A . n 
A 1 144 ARG 144 175 175 ARG ARG A . n 
A 1 145 ARG 145 176 176 ARG ARG A . n 
A 1 146 LEU 146 177 177 LEU LEU A . n 
A 1 147 ARG 147 178 178 ARG ARG A . n 
A 1 148 GLN 148 179 179 GLN GLN A . n 
A 1 149 SER 149 180 180 SER SER A . n 
A 1 150 ASN 150 181 181 ASN ASN A . n 
A 1 151 VAL 151 182 182 VAL VAL A . n 
A 1 152 ILE 152 183 183 ILE ILE A . n 
A 1 153 LEU 153 184 184 LEU LEU A . n 
A 1 154 PRO 154 185 185 PRO PRO A . n 
A 1 155 ASN 155 186 186 ASN ASN A . n 
A 1 156 PHE 156 187 187 PHE PHE A . n 
A 1 157 LYS 157 188 188 LYS LYS A . n 
A 1 158 ALA 158 189 189 ALA ALA A . n 
A 1 159 LEU 159 190 190 LEU LEU A . n 
# 
loop_
_pdbx_nonpoly_scheme.asym_id 
_pdbx_nonpoly_scheme.entity_id 
_pdbx_nonpoly_scheme.mon_id 
_pdbx_nonpoly_scheme.ndb_seq_num 
_pdbx_nonpoly_scheme.pdb_seq_num 
_pdbx_nonpoly_scheme.auth_seq_num 
_pdbx_nonpoly_scheme.pdb_mon_id 
_pdbx_nonpoly_scheme.auth_mon_id 
_pdbx_nonpoly_scheme.pdb_strand_id 
_pdbx_nonpoly_scheme.pdb_ins_code 
B 2 BR  1   191 191 BR  BR  A . 
C 2 BR  1   192 192 BR  BR  A . 
D 2 BR  1   193 193 BR  BR  A . 
E 2 BR  1   194 194 BR  BR  A . 
F 2 BR  1   195 195 BR  BR  A . 
G 2 BR  1   196 196 BR  BR  A . 
H 2 BR  1   197 197 BR  BR  A . 
I 2 BR  1   198 198 BR  BR  A . 
J 2 BR  1   199 199 BR  BR  A . 
K 2 BR  1   200 200 BR  BR  A . 
L 2 BR  1   201 201 BR  BR  A . 
M 3 HOH 1   202 1   HOH HOH A . 
M 3 HOH 2   203 2   HOH HOH A . 
M 3 HOH 3   204 3   HOH HOH A . 
M 3 HOH 4   205 4   HOH HOH A . 
M 3 HOH 5   206 5   HOH HOH A . 
M 3 HOH 6   207 6   HOH HOH A . 
M 3 HOH 7   208 7   HOH HOH A . 
M 3 HOH 8   209 8   HOH HOH A . 
M 3 HOH 9   210 9   HOH HOH A . 
M 3 HOH 10  211 10  HOH HOH A . 
M 3 HOH 11  212 11  HOH HOH A . 
M 3 HOH 12  213 12  HOH HOH A . 
M 3 HOH 13  214 13  HOH HOH A . 
M 3 HOH 14  215 14  HOH HOH A . 
M 3 HOH 15  216 15  HOH HOH A . 
M 3 HOH 16  217 16  HOH HOH A . 
M 3 HOH 17  218 17  HOH HOH A . 
M 3 HOH 18  219 18  HOH HOH A . 
M 3 HOH 19  220 19  HOH HOH A . 
M 3 HOH 20  221 20  HOH HOH A . 
M 3 HOH 21  222 21  HOH HOH A . 
M 3 HOH 22  223 22  HOH HOH A . 
M 3 HOH 23  224 23  HOH HOH A . 
M 3 HOH 24  225 24  HOH HOH A . 
M 3 HOH 25  226 25  HOH HOH A . 
M 3 HOH 26  227 26  HOH HOH A . 
M 3 HOH 27  228 27  HOH HOH A . 
M 3 HOH 28  229 28  HOH HOH A . 
M 3 HOH 29  230 29  HOH HOH A . 
M 3 HOH 30  231 30  HOH HOH A . 
M 3 HOH 31  232 31  HOH HOH A . 
M 3 HOH 32  233 32  HOH HOH A . 
M 3 HOH 33  234 33  HOH HOH A . 
M 3 HOH 34  235 34  HOH HOH A . 
M 3 HOH 35  236 35  HOH HOH A . 
M 3 HOH 36  237 36  HOH HOH A . 
M 3 HOH 37  238 37  HOH HOH A . 
M 3 HOH 38  239 38  HOH HOH A . 
M 3 HOH 39  240 39  HOH HOH A . 
M 3 HOH 40  241 40  HOH HOH A . 
M 3 HOH 41  242 41  HOH HOH A . 
M 3 HOH 42  243 42  HOH HOH A . 
M 3 HOH 43  244 43  HOH HOH A . 
M 3 HOH 44  245 44  HOH HOH A . 
M 3 HOH 45  246 45  HOH HOH A . 
M 3 HOH 46  247 46  HOH HOH A . 
M 3 HOH 47  248 47  HOH HOH A . 
M 3 HOH 48  249 48  HOH HOH A . 
M 3 HOH 49  250 49  HOH HOH A . 
M 3 HOH 50  251 50  HOH HOH A . 
M 3 HOH 51  252 51  HOH HOH A . 
M 3 HOH 52  253 52  HOH HOH A . 
M 3 HOH 53  254 53  HOH HOH A . 
M 3 HOH 54  255 54  HOH HOH A . 
M 3 HOH 55  256 55  HOH HOH A . 
M 3 HOH 56  257 56  HOH HOH A . 
M 3 HOH 57  258 57  HOH HOH A . 
M 3 HOH 58  259 58  HOH HOH A . 
M 3 HOH 59  260 59  HOH HOH A . 
M 3 HOH 60  261 60  HOH HOH A . 
M 3 HOH 61  262 61  HOH HOH A . 
M 3 HOH 62  263 62  HOH HOH A . 
M 3 HOH 63  264 63  HOH HOH A . 
M 3 HOH 64  265 64  HOH HOH A . 
M 3 HOH 65  266 65  HOH HOH A . 
M 3 HOH 66  267 66  HOH HOH A . 
M 3 HOH 67  268 67  HOH HOH A . 
M 3 HOH 68  269 68  HOH HOH A . 
M 3 HOH 69  270 69  HOH HOH A . 
M 3 HOH 70  271 70  HOH HOH A . 
M 3 HOH 71  272 71  HOH HOH A . 
M 3 HOH 72  273 72  HOH HOH A . 
M 3 HOH 73  274 73  HOH HOH A . 
M 3 HOH 74  275 74  HOH HOH A . 
M 3 HOH 75  276 75  HOH HOH A . 
M 3 HOH 76  277 76  HOH HOH A . 
M 3 HOH 77  278 77  HOH HOH A . 
M 3 HOH 78  279 78  HOH HOH A . 
M 3 HOH 79  280 79  HOH HOH A . 
M 3 HOH 80  281 80  HOH HOH A . 
M 3 HOH 81  282 81  HOH HOH A . 
M 3 HOH 82  283 82  HOH HOH A . 
M 3 HOH 83  284 83  HOH HOH A . 
M 3 HOH 84  285 84  HOH HOH A . 
M 3 HOH 85  286 85  HOH HOH A . 
M 3 HOH 86  287 86  HOH HOH A . 
M 3 HOH 87  288 87  HOH HOH A . 
M 3 HOH 88  289 88  HOH HOH A . 
M 3 HOH 89  290 89  HOH HOH A . 
M 3 HOH 90  291 90  HOH HOH A . 
M 3 HOH 91  292 91  HOH HOH A . 
M 3 HOH 92  293 92  HOH HOH A . 
M 3 HOH 93  294 93  HOH HOH A . 
M 3 HOH 94  295 94  HOH HOH A . 
M 3 HOH 95  296 95  HOH HOH A . 
M 3 HOH 96  297 96  HOH HOH A . 
M 3 HOH 97  298 97  HOH HOH A . 
M 3 HOH 98  299 98  HOH HOH A . 
M 3 HOH 99  300 99  HOH HOH A . 
M 3 HOH 100 301 100 HOH HOH A . 
M 3 HOH 101 302 101 HOH HOH A . 
M 3 HOH 102 303 102 HOH HOH A . 
M 3 HOH 103 304 103 HOH HOH A . 
M 3 HOH 104 305 104 HOH HOH A . 
M 3 HOH 105 306 105 HOH HOH A . 
M 3 HOH 106 307 106 HOH HOH A . 
M 3 HOH 107 308 107 HOH HOH A . 
M 3 HOH 108 309 108 HOH HOH A . 
M 3 HOH 109 310 109 HOH HOH A . 
M 3 HOH 110 311 110 HOH HOH A . 
M 3 HOH 111 312 111 HOH HOH A . 
M 3 HOH 112 313 112 HOH HOH A . 
M 3 HOH 113 314 113 HOH HOH A . 
M 3 HOH 114 315 114 HOH HOH A . 
M 3 HOH 115 316 115 HOH HOH A . 
M 3 HOH 116 317 116 HOH HOH A . 
M 3 HOH 117 318 117 HOH HOH A . 
M 3 HOH 118 319 118 HOH HOH A . 
M 3 HOH 119 320 119 HOH HOH A . 
M 3 HOH 120 321 120 HOH HOH A . 
M 3 HOH 121 322 121 HOH HOH A . 
M 3 HOH 122 323 122 HOH HOH A . 
M 3 HOH 123 324 123 HOH HOH A . 
M 3 HOH 124 325 124 HOH HOH A . 
M 3 HOH 125 326 125 HOH HOH A . 
M 3 HOH 126 327 126 HOH HOH A . 
M 3 HOH 127 328 127 HOH HOH A . 
M 3 HOH 128 329 128 HOH HOH A . 
M 3 HOH 129 330 129 HOH HOH A . 
M 3 HOH 130 331 130 HOH HOH A . 
M 3 HOH 131 332 131 HOH HOH A . 
M 3 HOH 132 333 132 HOH HOH A . 
M 3 HOH 133 334 133 HOH HOH A . 
M 3 HOH 134 335 134 HOH HOH A . 
M 3 HOH 135 336 135 HOH HOH A . 
M 3 HOH 136 337 136 HOH HOH A . 
M 3 HOH 137 338 137 HOH HOH A . 
M 3 HOH 138 339 138 HOH HOH A . 
M 3 HOH 139 340 139 HOH HOH A . 
M 3 HOH 140 341 140 HOH HOH A . 
M 3 HOH 141 342 141 HOH HOH A . 
M 3 HOH 142 343 142 HOH HOH A . 
M 3 HOH 143 344 143 HOH HOH A . 
M 3 HOH 144 345 144 HOH HOH A . 
M 3 HOH 145 346 145 HOH HOH A . 
M 3 HOH 146 347 146 HOH HOH A . 
M 3 HOH 147 348 147 HOH HOH A . 
M 3 HOH 148 349 148 HOH HOH A . 
M 3 HOH 149 350 149 HOH HOH A . 
M 3 HOH 150 351 150 HOH HOH A . 
M 3 HOH 151 352 151 HOH HOH A . 
M 3 HOH 152 353 152 HOH HOH A . 
M 3 HOH 153 354 153 HOH HOH A . 
M 3 HOH 154 355 154 HOH HOH A . 
M 3 HOH 155 356 155 HOH HOH A . 
M 3 HOH 156 357 156 HOH HOH A . 
M 3 HOH 157 358 157 HOH HOH A . 
# 
loop_
_pdbx_unobs_or_zero_occ_atoms.id 
_pdbx_unobs_or_zero_occ_atoms.PDB_model_num 
_pdbx_unobs_or_zero_occ_atoms.polymer_flag 
_pdbx_unobs_or_zero_occ_atoms.occupancy_flag 
_pdbx_unobs_or_zero_occ_atoms.auth_asym_id 
_pdbx_unobs_or_zero_occ_atoms.auth_comp_id 
_pdbx_unobs_or_zero_occ_atoms.auth_seq_id 
_pdbx_unobs_or_zero_occ_atoms.PDB_ins_code 
_pdbx_unobs_or_zero_occ_atoms.auth_atom_id 
_pdbx_unobs_or_zero_occ_atoms.label_alt_id 
_pdbx_unobs_or_zero_occ_atoms.label_asym_id 
_pdbx_unobs_or_zero_occ_atoms.label_comp_id 
_pdbx_unobs_or_zero_occ_atoms.label_seq_id 
_pdbx_unobs_or_zero_occ_atoms.label_atom_id 
1  1 Y 0 A ALA 37  ? CB ? A ALA 6   CB 
2  1 Y 0 A ASP 39  ? CB ? A ASP 8   CB 
3  1 Y 0 A GLY 56  ? N  ? A GLY 25  N  
4  1 Y 0 A GLY 56  ? O  ? A GLY 25  O  
5  1 Y 0 A THR 57  ? C  ? A THR 26  C  
6  1 Y 0 A THR 57  ? O  ? A THR 26  O  
7  1 Y 0 A VAL 79  ? CB ? A VAL 48  CB 
8  1 Y 0 A GLN 80  ? CA ? A GLN 49  CA 
9  1 Y 0 A LYS 89  ? CA ? A LYS 58  CA 
10 1 Y 0 A LYS 89  ? CB ? A LYS 58  CB 
11 1 Y 0 A TYR 92  ? CB ? A TYR 61  CB 
12 1 Y 0 A GLU 95  ? O  ? A GLU 64  O  
13 1 Y 0 A HIS 100 ? CB ? A HIS 69  CB 
14 1 Y 0 A SER 101 ? O  ? A SER 70  O  
15 1 Y 0 A ASN 105 ? CA ? A ASN 74  CA 
16 1 Y 0 A ASN 105 ? CB ? A ASN 74  CB 
17 1 Y 0 A ILE 111 ? O  ? A ILE 80  O  
18 1 Y 0 A GLY 115 ? CA ? A GLY 84  CA 
19 1 Y 0 A HIS 121 ? CA ? A HIS 90  CA 
20 1 Y 0 A ASP 126 ? CB ? A ASP 95  CB 
21 1 Y 0 A GLY 130 ? CA ? A GLY 99  CA 
22 1 Y 0 A ASN 132 ? CB ? A ASN 101 CB 
23 1 Y 0 A PRO 154 ? O  ? A PRO 123 O  
24 1 Y 0 A ASN 162 ? O  ? A ASN 131 O  
25 1 Y 0 A LEU 163 ? O  ? A LEU 132 O  
26 1 Y 0 A PHE 165 ? CB ? A PHE 134 CB 
27 1 Y 0 A ASP 167 ? CB ? A ASP 136 CB 
28 1 Y 0 A ASP 169 ? CB ? A ASP 138 CB 
29 1 Y 0 A VAL 170 ? CB ? A VAL 139 CB 
30 1 Y 0 A SER 180 ? C  ? A SER 149 C  
31 1 Y 0 A SER 180 ? O  ? A SER 149 O  
# 
loop_
_software.name 
_software.classification 
_software.version 
_software.citation_id 
_software.pdbx_ordinal 
CNS       refinement       1.1 ? 1 
DENZO     'data reduction' .   ? 2 
SCALEPACK 'data scaling'   .   ? 3 
SHARP     phasing          .   ? 4 
# 
_cell.entry_id           1P2X 
_cell.length_a           31.226 
_cell.length_b           68.836 
_cell.length_c           39.811 
_cell.angle_alpha        90.00 
_cell.angle_beta         105.54 
_cell.angle_gamma        90.00 
_cell.Z_PDB              2 
_cell.pdbx_unique_axis   ? 
# 
_symmetry.entry_id                         1P2X 
_symmetry.space_group_name_H-M             'P 1 21 1' 
_symmetry.pdbx_full_space_group_name_H-M   ? 
_symmetry.cell_setting                     ? 
_symmetry.Int_Tables_number                4 
_symmetry.space_group_name_Hall            ? 
# 
_exptl.entry_id          1P2X 
_exptl.method            'X-RAY DIFFRACTION' 
_exptl.crystals_number   1 
# 
_exptl_crystal.id                    1 
_exptl_crystal.density_meas          ? 
_exptl_crystal.density_Matthews      2.00 
_exptl_crystal.density_percent_sol   38.07 
_exptl_crystal.description           ? 
_exptl_crystal.F_000                 ? 
_exptl_crystal.preparation           ? 
# 
_exptl_crystal_grow.crystal_id      1 
_exptl_crystal_grow.method          'VAPOR DIFFUSION, SITTING DROP' 
_exptl_crystal_grow.temp            295 
_exptl_crystal_grow.temp_details    ? 
_exptl_crystal_grow.pH              7 
_exptl_crystal_grow.pdbx_details    
'21% PEG 3000, 0.3M Calcium Acetate, 0.1M Tris pH 7, VAPOR DIFFUSION, SITTING DROP, temperature 295K' 
_exptl_crystal_grow.pdbx_pH_range   . 
# 
_diffrn.id                     1 
_diffrn.ambient_temp           100 
_diffrn.ambient_temp_details   ? 
_diffrn.crystal_id             1 
# 
_diffrn_detector.diffrn_id              1 
_diffrn_detector.detector               CCD 
_diffrn_detector.type                   MARRESEARCH 
_diffrn_detector.pdbx_collection_date   2002-09-15 
_diffrn_detector.details                mirrors 
# 
_diffrn_radiation.diffrn_id                        1 
_diffrn_radiation.wavelength_id                    1 
_diffrn_radiation.pdbx_monochromatic_or_laue_m_l   M 
_diffrn_radiation.monochromator                    'Si(111)' 
_diffrn_radiation.pdbx_diffrn_protocol             MAD 
_diffrn_radiation.pdbx_scattering_type             x-ray 
# 
loop_
_diffrn_radiation_wavelength.id 
_diffrn_radiation_wavelength.wavelength 
_diffrn_radiation_wavelength.wt 
1 0.919087 1.0 
2 0.919338 1.0 
3 0.855057 1.0 
# 
_diffrn_source.diffrn_id                   1 
_diffrn_source.source                      SYNCHROTRON 
_diffrn_source.type                        'ESRF BEAMLINE BM14' 
_diffrn_source.pdbx_synchrotron_site       ESRF 
_diffrn_source.pdbx_synchrotron_beamline   BM14 
_diffrn_source.pdbx_wavelength             ? 
_diffrn_source.pdbx_wavelength_list        '0.919087, 0.919338, 0.855057' 
# 
_reflns.entry_id                     1P2X 
_reflns.observed_criterion_sigma_I   3 
_reflns.observed_criterion_sigma_F   3 
_reflns.d_resolution_low             22.65 
_reflns.d_resolution_high            2.21 
_reflns.number_obs                   7532 
_reflns.number_all                   ? 
_reflns.percent_possible_obs         89.6 
_reflns.pdbx_Rmerge_I_obs            0.053 
_reflns.pdbx_Rsym_value              0.053 
_reflns.pdbx_netI_over_sigmaI        0.053 
_reflns.B_iso_Wilson_estimate        16.8 
_reflns.pdbx_redundancy              3.47 
_reflns.R_free_details               ? 
_reflns.limit_h_max                  ? 
_reflns.limit_h_min                  ? 
_reflns.limit_k_max                  ? 
_reflns.limit_k_min                  ? 
_reflns.limit_l_max                  ? 
_reflns.limit_l_min                  ? 
_reflns.observed_criterion_F_max     ? 
_reflns.observed_criterion_F_min     ? 
_reflns.pdbx_chi_squared             ? 
_reflns.pdbx_scaling_rejects         ? 
_reflns.pdbx_diffrn_id               1 
_reflns.pdbx_ordinal                 1 
# 
_reflns_shell.d_res_high             2.21 
_reflns_shell.d_res_low              2.29 
_reflns_shell.percent_possible_all   24.8 
_reflns_shell.Rmerge_I_obs           0.077 
_reflns_shell.pdbx_Rsym_value        0.077 
_reflns_shell.meanI_over_sigI_obs    9.39 
_reflns_shell.pdbx_redundancy        2.09 
_reflns_shell.percent_possible_obs   ? 
_reflns_shell.number_unique_all      202 
_reflns_shell.number_measured_all    ? 
_reflns_shell.number_measured_obs    ? 
_reflns_shell.number_unique_obs      ? 
_reflns_shell.pdbx_chi_squared       ? 
_reflns_shell.pdbx_diffrn_id         ? 
_reflns_shell.pdbx_ordinal           1 
# 
_refine.entry_id                                 1P2X 
_refine.ls_number_reflns_obs                     7347 
_refine.ls_number_reflns_all                     ? 
_refine.pdbx_ls_sigma_I                          3 
_refine.pdbx_ls_sigma_F                          3 
_refine.pdbx_data_cutoff_high_absF               930480.25 
_refine.pdbx_data_cutoff_low_absF                0.000000 
_refine.pdbx_data_cutoff_high_rms_absF           930480.25 
_refine.ls_d_res_low                             22.65 
_refine.ls_d_res_high                            2.21 
_refine.ls_percent_reflns_obs                    92.1 
_refine.ls_R_factor_obs                          0.206 
_refine.ls_R_factor_all                          0.208 
_refine.ls_R_factor_R_work                       0.206 
_refine.ls_R_factor_R_free                       0.262 
_refine.ls_R_factor_R_free_error                 0.014 
_refine.ls_R_factor_R_free_error_details         ? 
_refine.ls_percent_reflns_R_free                 4.9 
_refine.ls_number_reflns_R_free                  369 
_refine.ls_number_parameters                     ? 
_refine.ls_number_restraints                     ? 
_refine.occupancy_min                            ? 
_refine.occupancy_max                            ? 
_refine.correlation_coeff_Fo_to_Fc               ? 
_refine.correlation_coeff_Fo_to_Fc_free          ? 
_refine.B_iso_mean                               17.6 
_refine.aniso_B[1][1]                            -0.30 
_refine.aniso_B[2][2]                            -2.40 
_refine.aniso_B[3][3]                            2.70 
_refine.aniso_B[1][2]                            0.00 
_refine.aniso_B[1][3]                            0.55 
_refine.aniso_B[2][3]                            0.00 
_refine.solvent_model_details                    'FLAT MODEL' 
_refine.solvent_model_param_ksol                 0.346508 
_refine.solvent_model_param_bsol                 43.4937 
_refine.pdbx_solvent_vdw_probe_radii             ? 
_refine.pdbx_solvent_ion_probe_radii             ? 
_refine.pdbx_solvent_shrinkage_radii             ? 
_refine.pdbx_ls_cross_valid_method               THROUGHOUT 
_refine.details                                  ? 
_refine.pdbx_starting_model                      ? 
_refine.pdbx_method_to_determine_struct          MAD 
_refine.pdbx_isotropic_thermal_model             RESTRAINED 
_refine.pdbx_stereochemistry_target_values       'Engh & Huber' 
_refine.pdbx_stereochem_target_val_spec_case     ? 
_refine.pdbx_R_Free_selection_details            RANDOM 
_refine.pdbx_overall_ESU_R                       ? 
_refine.pdbx_overall_ESU_R_Free                  ? 
_refine.overall_SU_ML                            ? 
_refine.overall_SU_B                             ? 
_refine.ls_redundancy_reflns_obs                 ? 
_refine.B_iso_min                                ? 
_refine.B_iso_max                                ? 
_refine.overall_SU_R_Cruickshank_DPI             ? 
_refine.overall_SU_R_free                        ? 
_refine.ls_wR_factor_R_free                      ? 
_refine.ls_wR_factor_R_work                      ? 
_refine.overall_FOM_free_R_set                   ? 
_refine.overall_FOM_work_R_set                   ? 
_refine.pdbx_refine_id                           'X-RAY DIFFRACTION' 
_refine.pdbx_diffrn_id                           1 
_refine.pdbx_TLS_residual_ADP_flag               ? 
_refine.pdbx_overall_phase_error                 ? 
_refine.pdbx_overall_SU_R_free_Cruickshank_DPI   ? 
_refine.pdbx_overall_SU_R_Blow_DPI               ? 
_refine.pdbx_overall_SU_R_free_Blow_DPI          ? 
# 
_refine_analyze.entry_id                        1P2X 
_refine_analyze.Luzzati_coordinate_error_obs    0.24 
_refine_analyze.Luzzati_sigma_a_obs             0.12 
_refine_analyze.Luzzati_d_res_low_obs           5.00 
_refine_analyze.Luzzati_coordinate_error_free   0.31 
_refine_analyze.Luzzati_sigma_a_free            0.13 
_refine_analyze.Luzzati_d_res_low_free          ? 
_refine_analyze.number_disordered_residues      ? 
_refine_analyze.occupancy_sum_hydrogen          ? 
_refine_analyze.occupancy_sum_non_hydrogen      ? 
_refine_analyze.pdbx_Luzzati_d_res_high_obs     ? 
_refine_analyze.pdbx_refine_id                  'X-RAY DIFFRACTION' 
# 
_refine_hist.pdbx_refine_id                   'X-RAY DIFFRACTION' 
_refine_hist.cycle_id                         LAST 
_refine_hist.pdbx_number_atoms_protein        1303 
_refine_hist.pdbx_number_atoms_nucleic_acid   0 
_refine_hist.pdbx_number_atoms_ligand         11 
_refine_hist.number_atoms_solvent             157 
_refine_hist.number_atoms_total               1471 
_refine_hist.d_res_high                       2.21 
_refine_hist.d_res_low                        22.65 
# 
loop_
_refine_ls_restr.type 
_refine_ls_restr.dev_ideal 
_refine_ls_restr.dev_ideal_target 
_refine_ls_restr.weight 
_refine_ls_restr.number 
_refine_ls_restr.pdbx_refine_id 
_refine_ls_restr.pdbx_restraint_function 
c_bond_d           0.008 ? ? ? 'X-RAY DIFFRACTION' ? 
c_angle_deg        1.0   ? ? ? 'X-RAY DIFFRACTION' ? 
c_dihedral_angle_d 19.9  ? ? ? 'X-RAY DIFFRACTION' ? 
c_improper_angle_d 1.01  ? ? ? 'X-RAY DIFFRACTION' ? 
# 
_refine_ls_shell.pdbx_total_number_of_bins_used   6 
_refine_ls_shell.d_res_high                       2.21 
_refine_ls_shell.d_res_low                        2.35 
_refine_ls_shell.number_reflns_R_work             852 
_refine_ls_shell.R_factor_R_work                  0.235 
_refine_ls_shell.percent_reflns_obs               66.1 
_refine_ls_shell.R_factor_R_free                  0.279 
_refine_ls_shell.R_factor_R_free_error            0.043 
_refine_ls_shell.percent_reflns_R_free            4.7 
_refine_ls_shell.number_reflns_R_free             42 
_refine_ls_shell.number_reflns_obs                25342 
_refine_ls_shell.redundancy_reflns_obs            ? 
_refine_ls_shell.number_reflns_all                ? 
_refine_ls_shell.pdbx_refine_id                   'X-RAY DIFFRACTION' 
_refine_ls_shell.R_factor_all                     ? 
# 
loop_
_pdbx_xplor_file.serial_no 
_pdbx_xplor_file.param_file 
_pdbx_xplor_file.topol_file 
_pdbx_xplor_file.pdbx_refine_id 
1 PROTEIN_REP.PARAM PROTEIN.TOP 'X-RAY DIFFRACTION' 
2 DNA-RNA_REP.PARAM DNA-RNA.TOP 'X-RAY DIFFRACTION' 
3 WATER_REP.PARAM   WATER.TOP   'X-RAY DIFFRACTION' 
4 ION.PARAM         ION.TOP     'X-RAY DIFFRACTION' 
# 
_struct.entry_id                  1P2X 
_struct.title                     'CRYSTAL STRUCTURE OF THE CALPONIN-HOMOLOGY DOMAIN OF RNG2 FROM SCHIZOSACCHAROMYCES POMBE' 
_struct.pdbx_model_details        ? 
_struct.pdbx_CASP_flag            ? 
_struct.pdbx_model_type_details   ? 
# 
_struct_keywords.entry_id        1P2X 
_struct_keywords.pdbx_keywords   'PROTEIN BINDING' 
_struct_keywords.text            '4 HELICES, BUNDLE, PROTEIN BINDING' 
# 
loop_
_struct_asym.id 
_struct_asym.pdbx_blank_PDB_chainid_flag 
_struct_asym.pdbx_modified 
_struct_asym.entity_id 
_struct_asym.details 
A N N 1 ? 
B N N 2 ? 
C N N 2 ? 
D N N 2 ? 
E N N 2 ? 
F N N 2 ? 
G N N 2 ? 
H N N 2 ? 
I N N 2 ? 
J N N 2 ? 
K N N 2 ? 
L N N 2 ? 
M N N 3 ? 
# 
_struct_ref.id                         1 
_struct_ref.db_name                    UNP 
_struct_ref.db_code                    RNG2_SCHPO 
_struct_ref.pdbx_db_accession          O14188 
_struct_ref.entity_id                  1 
_struct_ref.pdbx_seq_one_letter_code   
;RETLQAYDYLCRVDEAKKWIEECLGTDLGPTSTFEQSLRNGVVLALLVQKFQPDKLIKIFYSNELQFRHSDNINKFLDFI
HGIGLPEIFHFELTDIYEGKNLPKVIYCIHALSYFLSMQDLAPPLIKSDENLSFTDEDVSIIVRRLRQSNVILPNFKAL
;
_struct_ref.pdbx_align_begin           32 
_struct_ref.pdbx_db_isoform            ? 
# 
_struct_ref_seq.align_id                      1 
_struct_ref_seq.ref_id                        1 
_struct_ref_seq.pdbx_PDB_id_code              1P2X 
_struct_ref_seq.pdbx_strand_id                A 
_struct_ref_seq.seq_align_beg                 1 
_struct_ref_seq.pdbx_seq_align_beg_ins_code   ? 
_struct_ref_seq.seq_align_end                 159 
_struct_ref_seq.pdbx_seq_align_end_ins_code   ? 
_struct_ref_seq.pdbx_db_accession             O14188 
_struct_ref_seq.db_align_beg                  32 
_struct_ref_seq.pdbx_db_align_beg_ins_code    ? 
_struct_ref_seq.db_align_end                  190 
_struct_ref_seq.pdbx_db_align_end_ins_code    ? 
_struct_ref_seq.pdbx_auth_seq_align_beg       32 
_struct_ref_seq.pdbx_auth_seq_align_end       190 
# 
_pdbx_struct_assembly.id                   1 
_pdbx_struct_assembly.details              author_defined_assembly 
_pdbx_struct_assembly.method_details       ? 
_pdbx_struct_assembly.oligomeric_details   monomeric 
_pdbx_struct_assembly.oligomeric_count     1 
# 
_pdbx_struct_assembly_gen.assembly_id       1 
_pdbx_struct_assembly_gen.oper_expression   1 
_pdbx_struct_assembly_gen.asym_id_list      A,B,C,D,E,F,G,H,I,J,K,L,M 
# 
_pdbx_struct_oper_list.id                   1 
_pdbx_struct_oper_list.type                 'identity operation' 
_pdbx_struct_oper_list.name                 1_555 
_pdbx_struct_oper_list.symmetry_operation   x,y,z 
_pdbx_struct_oper_list.matrix[1][1]         1.0000000000 
_pdbx_struct_oper_list.matrix[1][2]         0.0000000000 
_pdbx_struct_oper_list.matrix[1][3]         0.0000000000 
_pdbx_struct_oper_list.vector[1]            0.0000000000 
_pdbx_struct_oper_list.matrix[2][1]         0.0000000000 
_pdbx_struct_oper_list.matrix[2][2]         1.0000000000 
_pdbx_struct_oper_list.matrix[2][3]         0.0000000000 
_pdbx_struct_oper_list.vector[2]            0.0000000000 
_pdbx_struct_oper_list.matrix[3][1]         0.0000000000 
_pdbx_struct_oper_list.matrix[3][2]         0.0000000000 
_pdbx_struct_oper_list.matrix[3][3]         1.0000000000 
_pdbx_struct_oper_list.vector[3]            0.0000000000 
# 
_struct_biol.id                    1 
_struct_biol.pdbx_parent_biol_id   ? 
_struct_biol.details               ? 
# 
loop_
_struct_conf.conf_type_id 
_struct_conf.id 
_struct_conf.pdbx_PDB_helix_id 
_struct_conf.beg_label_comp_id 
_struct_conf.beg_label_asym_id 
_struct_conf.beg_label_seq_id 
_struct_conf.pdbx_beg_PDB_ins_code 
_struct_conf.end_label_comp_id 
_struct_conf.end_label_asym_id 
_struct_conf.end_label_seq_id 
_struct_conf.pdbx_end_PDB_ins_code 
_struct_conf.beg_auth_comp_id 
_struct_conf.beg_auth_asym_id 
_struct_conf.beg_auth_seq_id 
_struct_conf.end_auth_comp_id 
_struct_conf.end_auth_asym_id 
_struct_conf.end_auth_seq_id 
_struct_conf.pdbx_PDB_helix_class 
_struct_conf.details 
_struct_conf.pdbx_PDB_helix_length 
HELX_P HELX_P1  1  ARG A 1   ? GLY A 25  ? ARG A 32  GLY A 56  1 ? 25 
HELX_P HELX_P2  2  PRO A 30  ? SER A 32  ? PRO A 61  SER A 63  5 ? 3  
HELX_P HELX_P3  3  THR A 33  ? LEU A 38  ? THR A 64  LEU A 69  1 ? 6  
HELX_P HELX_P4  4  GLY A 41  ? GLN A 52  ? GLY A 72  GLN A 83  1 ? 12 
HELX_P HELX_P5  5  ARG A 68  ? ILE A 83  ? ARG A 99  ILE A 114 1 ? 16 
HELX_P HELX_P6  6  PRO A 86  ? HIS A 90  ? PRO A 117 HIS A 121 5 ? 5  
HELX_P HELX_P7  7  GLU A 92  ? TYR A 97  ? GLU A 123 TYR A 128 1 ? 6  
HELX_P HELX_P8  8  ASN A 101 ? MET A 118 ? ASN A 132 MET A 149 1 ? 18 
HELX_P HELX_P9  9  THR A 135 ? SER A 149 ? THR A 166 SER A 180 1 ? 15 
HELX_P HELX_P10 10 ASN A 155 ? LEU A 159 ? ASN A 186 LEU A 190 5 ? 5  
# 
_struct_conf_type.id          HELX_P 
_struct_conf_type.criteria    ? 
_struct_conf_type.reference   ? 
# 
loop_
_struct_site.id 
_struct_site.pdbx_evidence_code 
_struct_site.pdbx_auth_asym_id 
_struct_site.pdbx_auth_comp_id 
_struct_site.pdbx_auth_seq_id 
_struct_site.pdbx_auth_ins_code 
_struct_site.pdbx_num_residues 
_struct_site.details 
AC1 Software A BR 192 ? 4 'BINDING SITE FOR RESIDUE BR A 192' 
AC2 Software A BR 193 ? 1 'BINDING SITE FOR RESIDUE BR A 193' 
AC3 Software A BR 194 ? 2 'BINDING SITE FOR RESIDUE BR A 194' 
AC4 Software A BR 195 ? 2 'BINDING SITE FOR RESIDUE BR A 195' 
AC5 Software A BR 197 ? 1 'BINDING SITE FOR RESIDUE BR A 197' 
AC6 Software A BR 198 ? 1 'BINDING SITE FOR RESIDUE BR A 198' 
AC7 Software A BR 199 ? 1 'BINDING SITE FOR RESIDUE BR A 199' 
AC8 Software A BR 200 ? 1 'BINDING SITE FOR RESIDUE BR A 200' 
AC9 Software A BR 201 ? 2 'BINDING SITE FOR RESIDUE BR A 201' 
# 
loop_
_struct_site_gen.id 
_struct_site_gen.site_id 
_struct_site_gen.pdbx_num_res 
_struct_site_gen.label_comp_id 
_struct_site_gen.label_asym_id 
_struct_site_gen.label_seq_id 
_struct_site_gen.pdbx_auth_ins_code 
_struct_site_gen.auth_comp_id 
_struct_site_gen.auth_asym_id 
_struct_site_gen.auth_seq_id 
_struct_site_gen.label_atom_id 
_struct_site_gen.label_alt_id 
_struct_site_gen.symmetry 
_struct_site_gen.details 
1  AC1 4 LEU A 56  ? LEU A 87  . ? 1_555 ? 
2  AC1 4 ILE A 57  ? ILE A 88  . ? 1_555 ? 
3  AC1 4 LYS A 58  ? LYS A 89  . ? 1_555 ? 
4  AC1 4 LYS A 75  ? LYS A 106 . ? 1_555 ? 
5  AC2 1 ARG A 12  ? ARG A 43  . ? 1_555 ? 
6  AC3 2 ARG A 145 ? ARG A 176 . ? 1_555 ? 
7  AC3 2 SER A 149 ? SER A 180 . ? 1_555 ? 
8  AC4 2 PHE A 115 ? PHE A 146 . ? 1_555 ? 
9  AC4 2 HOH M .   ? HOH A 246 . ? 1_555 ? 
10 AC5 1 LYS A 50  ? LYS A 81  . ? 1_555 ? 
11 AC6 1 PRO A 123 ? PRO A 154 . ? 1_555 ? 
12 AC7 1 GLU A 87  ? GLU A 118 . ? 1_555 ? 
13 AC8 1 THR A 3   ? THR A 34  . ? 1_555 ? 
14 AC9 2 ARG A 144 ? ARG A 175 . ? 1_555 ? 
15 AC9 2 GLN A 148 ? GLN A 179 . ? 1_555 ? 
# 
loop_
_pdbx_validate_torsion.id 
_pdbx_validate_torsion.PDB_model_num 
_pdbx_validate_torsion.auth_comp_id 
_pdbx_validate_torsion.auth_asym_id 
_pdbx_validate_torsion.auth_seq_id 
_pdbx_validate_torsion.PDB_ins_code 
_pdbx_validate_torsion.label_alt_id 
_pdbx_validate_torsion.phi 
_pdbx_validate_torsion.psi 
1 1 SER A 93  ? ? -171.70 135.23 
2 1 ASN A 132 ? ? -156.09 68.83  
# 
loop_
_chem_comp_atom.comp_id 
_chem_comp_atom.atom_id 
_chem_comp_atom.type_symbol 
_chem_comp_atom.pdbx_aromatic_flag 
_chem_comp_atom.pdbx_stereo_config 
_chem_comp_atom.pdbx_ordinal 
ALA N    N  N N 1   
ALA CA   C  N S 2   
ALA C    C  N N 3   
ALA O    O  N N 4   
ALA CB   C  N N 5   
ALA OXT  O  N N 6   
ALA H    H  N N 7   
ALA H2   H  N N 8   
ALA HA   H  N N 9   
ALA HB1  H  N N 10  
ALA HB2  H  N N 11  
ALA HB3  H  N N 12  
ALA HXT  H  N N 13  
ARG N    N  N N 14  
ARG CA   C  N S 15  
ARG C    C  N N 16  
ARG O    O  N N 17  
ARG CB   C  N N 18  
ARG CG   C  N N 19  
ARG CD   C  N N 20  
ARG NE   N  N N 21  
ARG CZ   C  N N 22  
ARG NH1  N  N N 23  
ARG NH2  N  N N 24  
ARG OXT  O  N N 25  
ARG H    H  N N 26  
ARG H2   H  N N 27  
ARG HA   H  N N 28  
ARG HB2  H  N N 29  
ARG HB3  H  N N 30  
ARG HG2  H  N N 31  
ARG HG3  H  N N 32  
ARG HD2  H  N N 33  
ARG HD3  H  N N 34  
ARG HE   H  N N 35  
ARG HH11 H  N N 36  
ARG HH12 H  N N 37  
ARG HH21 H  N N 38  
ARG HH22 H  N N 39  
ARG HXT  H  N N 40  
ASN N    N  N N 41  
ASN CA   C  N S 42  
ASN C    C  N N 43  
ASN O    O  N N 44  
ASN CB   C  N N 45  
ASN CG   C  N N 46  
ASN OD1  O  N N 47  
ASN ND2  N  N N 48  
ASN OXT  O  N N 49  
ASN H    H  N N 50  
ASN H2   H  N N 51  
ASN HA   H  N N 52  
ASN HB2  H  N N 53  
ASN HB3  H  N N 54  
ASN HD21 H  N N 55  
ASN HD22 H  N N 56  
ASN HXT  H  N N 57  
ASP N    N  N N 58  
ASP CA   C  N S 59  
ASP C    C  N N 60  
ASP O    O  N N 61  
ASP CB   C  N N 62  
ASP CG   C  N N 63  
ASP OD1  O  N N 64  
ASP OD2  O  N N 65  
ASP OXT  O  N N 66  
ASP H    H  N N 67  
ASP H2   H  N N 68  
ASP HA   H  N N 69  
ASP HB2  H  N N 70  
ASP HB3  H  N N 71  
ASP HD2  H  N N 72  
ASP HXT  H  N N 73  
BR  BR   BR N N 74  
CYS N    N  N N 75  
CYS CA   C  N R 76  
CYS C    C  N N 77  
CYS O    O  N N 78  
CYS CB   C  N N 79  
CYS SG   S  N N 80  
CYS OXT  O  N N 81  
CYS H    H  N N 82  
CYS H2   H  N N 83  
CYS HA   H  N N 84  
CYS HB2  H  N N 85  
CYS HB3  H  N N 86  
CYS HG   H  N N 87  
CYS HXT  H  N N 88  
GLN N    N  N N 89  
GLN CA   C  N S 90  
GLN C    C  N N 91  
GLN O    O  N N 92  
GLN CB   C  N N 93  
GLN CG   C  N N 94  
GLN CD   C  N N 95  
GLN OE1  O  N N 96  
GLN NE2  N  N N 97  
GLN OXT  O  N N 98  
GLN H    H  N N 99  
GLN H2   H  N N 100 
GLN HA   H  N N 101 
GLN HB2  H  N N 102 
GLN HB3  H  N N 103 
GLN HG2  H  N N 104 
GLN HG3  H  N N 105 
GLN HE21 H  N N 106 
GLN HE22 H  N N 107 
GLN HXT  H  N N 108 
GLU N    N  N N 109 
GLU CA   C  N S 110 
GLU C    C  N N 111 
GLU O    O  N N 112 
GLU CB   C  N N 113 
GLU CG   C  N N 114 
GLU CD   C  N N 115 
GLU OE1  O  N N 116 
GLU OE2  O  N N 117 
GLU OXT  O  N N 118 
GLU H    H  N N 119 
GLU H2   H  N N 120 
GLU HA   H  N N 121 
GLU HB2  H  N N 122 
GLU HB3  H  N N 123 
GLU HG2  H  N N 124 
GLU HG3  H  N N 125 
GLU HE2  H  N N 126 
GLU HXT  H  N N 127 
GLY N    N  N N 128 
GLY CA   C  N N 129 
GLY C    C  N N 130 
GLY O    O  N N 131 
GLY OXT  O  N N 132 
GLY H    H  N N 133 
GLY H2   H  N N 134 
GLY HA2  H  N N 135 
GLY HA3  H  N N 136 
GLY HXT  H  N N 137 
HIS N    N  N N 138 
HIS CA   C  N S 139 
HIS C    C  N N 140 
HIS O    O  N N 141 
HIS CB   C  N N 142 
HIS CG   C  Y N 143 
HIS ND1  N  Y N 144 
HIS CD2  C  Y N 145 
HIS CE1  C  Y N 146 
HIS NE2  N  Y N 147 
HIS OXT  O  N N 148 
HIS H    H  N N 149 
HIS H2   H  N N 150 
HIS HA   H  N N 151 
HIS HB2  H  N N 152 
HIS HB3  H  N N 153 
HIS HD1  H  N N 154 
HIS HD2  H  N N 155 
HIS HE1  H  N N 156 
HIS HE2  H  N N 157 
HIS HXT  H  N N 158 
HOH O    O  N N 159 
HOH H1   H  N N 160 
HOH H2   H  N N 161 
ILE N    N  N N 162 
ILE CA   C  N S 163 
ILE C    C  N N 164 
ILE O    O  N N 165 
ILE CB   C  N S 166 
ILE CG1  C  N N 167 
ILE CG2  C  N N 168 
ILE CD1  C  N N 169 
ILE OXT  O  N N 170 
ILE H    H  N N 171 
ILE H2   H  N N 172 
ILE HA   H  N N 173 
ILE HB   H  N N 174 
ILE HG12 H  N N 175 
ILE HG13 H  N N 176 
ILE HG21 H  N N 177 
ILE HG22 H  N N 178 
ILE HG23 H  N N 179 
ILE HD11 H  N N 180 
ILE HD12 H  N N 181 
ILE HD13 H  N N 182 
ILE HXT  H  N N 183 
LEU N    N  N N 184 
LEU CA   C  N S 185 
LEU C    C  N N 186 
LEU O    O  N N 187 
LEU CB   C  N N 188 
LEU CG   C  N N 189 
LEU CD1  C  N N 190 
LEU CD2  C  N N 191 
LEU OXT  O  N N 192 
LEU H    H  N N 193 
LEU H2   H  N N 194 
LEU HA   H  N N 195 
LEU HB2  H  N N 196 
LEU HB3  H  N N 197 
LEU HG   H  N N 198 
LEU HD11 H  N N 199 
LEU HD12 H  N N 200 
LEU HD13 H  N N 201 
LEU HD21 H  N N 202 
LEU HD22 H  N N 203 
LEU HD23 H  N N 204 
LEU HXT  H  N N 205 
LYS N    N  N N 206 
LYS CA   C  N S 207 
LYS C    C  N N 208 
LYS O    O  N N 209 
LYS CB   C  N N 210 
LYS CG   C  N N 211 
LYS CD   C  N N 212 
LYS CE   C  N N 213 
LYS NZ   N  N N 214 
LYS OXT  O  N N 215 
LYS H    H  N N 216 
LYS H2   H  N N 217 
LYS HA   H  N N 218 
LYS HB2  H  N N 219 
LYS HB3  H  N N 220 
LYS HG2  H  N N 221 
LYS HG3  H  N N 222 
LYS HD2  H  N N 223 
LYS HD3  H  N N 224 
LYS HE2  H  N N 225 
LYS HE3  H  N N 226 
LYS HZ1  H  N N 227 
LYS HZ2  H  N N 228 
LYS HZ3  H  N N 229 
LYS HXT  H  N N 230 
MET N    N  N N 231 
MET CA   C  N S 232 
MET C    C  N N 233 
MET O    O  N N 234 
MET CB   C  N N 235 
MET CG   C  N N 236 
MET SD   S  N N 237 
MET CE   C  N N 238 
MET OXT  O  N N 239 
MET H    H  N N 240 
MET H2   H  N N 241 
MET HA   H  N N 242 
MET HB2  H  N N 243 
MET HB3  H  N N 244 
MET HG2  H  N N 245 
MET HG3  H  N N 246 
MET HE1  H  N N 247 
MET HE2  H  N N 248 
MET HE3  H  N N 249 
MET HXT  H  N N 250 
PHE N    N  N N 251 
PHE CA   C  N S 252 
PHE C    C  N N 253 
PHE O    O  N N 254 
PHE CB   C  N N 255 
PHE CG   C  Y N 256 
PHE CD1  C  Y N 257 
PHE CD2  C  Y N 258 
PHE CE1  C  Y N 259 
PHE CE2  C  Y N 260 
PHE CZ   C  Y N 261 
PHE OXT  O  N N 262 
PHE H    H  N N 263 
PHE H2   H  N N 264 
PHE HA   H  N N 265 
PHE HB2  H  N N 266 
PHE HB3  H  N N 267 
PHE HD1  H  N N 268 
PHE HD2  H  N N 269 
PHE HE1  H  N N 270 
PHE HE2  H  N N 271 
PHE HZ   H  N N 272 
PHE HXT  H  N N 273 
PRO N    N  N N 274 
PRO CA   C  N S 275 
PRO C    C  N N 276 
PRO O    O  N N 277 
PRO CB   C  N N 278 
PRO CG   C  N N 279 
PRO CD   C  N N 280 
PRO OXT  O  N N 281 
PRO H    H  N N 282 
PRO HA   H  N N 283 
PRO HB2  H  N N 284 
PRO HB3  H  N N 285 
PRO HG2  H  N N 286 
PRO HG3  H  N N 287 
PRO HD2  H  N N 288 
PRO HD3  H  N N 289 
PRO HXT  H  N N 290 
SER N    N  N N 291 
SER CA   C  N S 292 
SER C    C  N N 293 
SER O    O  N N 294 
SER CB   C  N N 295 
SER OG   O  N N 296 
SER OXT  O  N N 297 
SER H    H  N N 298 
SER H2   H  N N 299 
SER HA   H  N N 300 
SER HB2  H  N N 301 
SER HB3  H  N N 302 
SER HG   H  N N 303 
SER HXT  H  N N 304 
THR N    N  N N 305 
THR CA   C  N S 306 
THR C    C  N N 307 
THR O    O  N N 308 
THR CB   C  N R 309 
THR OG1  O  N N 310 
THR CG2  C  N N 311 
THR OXT  O  N N 312 
THR H    H  N N 313 
THR H2   H  N N 314 
THR HA   H  N N 315 
THR HB   H  N N 316 
THR HG1  H  N N 317 
THR HG21 H  N N 318 
THR HG22 H  N N 319 
THR HG23 H  N N 320 
THR HXT  H  N N 321 
TRP N    N  N N 322 
TRP CA   C  N S 323 
TRP C    C  N N 324 
TRP O    O  N N 325 
TRP CB   C  N N 326 
TRP CG   C  Y N 327 
TRP CD1  C  Y N 328 
TRP CD2  C  Y N 329 
TRP NE1  N  Y N 330 
TRP CE2  C  Y N 331 
TRP CE3  C  Y N 332 
TRP CZ2  C  Y N 333 
TRP CZ3  C  Y N 334 
TRP CH2  C  Y N 335 
TRP OXT  O  N N 336 
TRP H    H  N N 337 
TRP H2   H  N N 338 
TRP HA   H  N N 339 
TRP HB2  H  N N 340 
TRP HB3  H  N N 341 
TRP HD1  H  N N 342 
TRP HE1  H  N N 343 
TRP HE3  H  N N 344 
TRP HZ2  H  N N 345 
TRP HZ3  H  N N 346 
TRP HH2  H  N N 347 
TRP HXT  H  N N 348 
TYR N    N  N N 349 
TYR CA   C  N S 350 
TYR C    C  N N 351 
TYR O    O  N N 352 
TYR CB   C  N N 353 
TYR CG   C  Y N 354 
TYR CD1  C  Y N 355 
TYR CD2  C  Y N 356 
TYR CE1  C  Y N 357 
TYR CE2  C  Y N 358 
TYR CZ   C  Y N 359 
TYR OH   O  N N 360 
TYR OXT  O  N N 361 
TYR H    H  N N 362 
TYR H2   H  N N 363 
TYR HA   H  N N 364 
TYR HB2  H  N N 365 
TYR HB3  H  N N 366 
TYR HD1  H  N N 367 
TYR HD2  H  N N 368 
TYR HE1  H  N N 369 
TYR HE2  H  N N 370 
TYR HH   H  N N 371 
TYR HXT  H  N N 372 
VAL N    N  N N 373 
VAL CA   C  N S 374 
VAL C    C  N N 375 
VAL O    O  N N 376 
VAL CB   C  N N 377 
VAL CG1  C  N N 378 
VAL CG2  C  N N 379 
VAL OXT  O  N N 380 
VAL H    H  N N 381 
VAL H2   H  N N 382 
VAL HA   H  N N 383 
VAL HB   H  N N 384 
VAL HG11 H  N N 385 
VAL HG12 H  N N 386 
VAL HG13 H  N N 387 
VAL HG21 H  N N 388 
VAL HG22 H  N N 389 
VAL HG23 H  N N 390 
VAL HXT  H  N N 391 
# 
loop_
_chem_comp_bond.comp_id 
_chem_comp_bond.atom_id_1 
_chem_comp_bond.atom_id_2 
_chem_comp_bond.value_order 
_chem_comp_bond.pdbx_aromatic_flag 
_chem_comp_bond.pdbx_stereo_config 
_chem_comp_bond.pdbx_ordinal 
ALA N   CA   sing N N 1   
ALA N   H    sing N N 2   
ALA N   H2   sing N N 3   
ALA CA  C    sing N N 4   
ALA CA  CB   sing N N 5   
ALA CA  HA   sing N N 6   
ALA C   O    doub N N 7   
ALA C   OXT  sing N N 8   
ALA CB  HB1  sing N N 9   
ALA CB  HB2  sing N N 10  
ALA CB  HB3  sing N N 11  
ALA OXT HXT  sing N N 12  
ARG N   CA   sing N N 13  
ARG N   H    sing N N 14  
ARG N   H2   sing N N 15  
ARG CA  C    sing N N 16  
ARG CA  CB   sing N N 17  
ARG CA  HA   sing N N 18  
ARG C   O    doub N N 19  
ARG C   OXT  sing N N 20  
ARG CB  CG   sing N N 21  
ARG CB  HB2  sing N N 22  
ARG CB  HB3  sing N N 23  
ARG CG  CD   sing N N 24  
ARG CG  HG2  sing N N 25  
ARG CG  HG3  sing N N 26  
ARG CD  NE   sing N N 27  
ARG CD  HD2  sing N N 28  
ARG CD  HD3  sing N N 29  
ARG NE  CZ   sing N N 30  
ARG NE  HE   sing N N 31  
ARG CZ  NH1  sing N N 32  
ARG CZ  NH2  doub N N 33  
ARG NH1 HH11 sing N N 34  
ARG NH1 HH12 sing N N 35  
ARG NH2 HH21 sing N N 36  
ARG NH2 HH22 sing N N 37  
ARG OXT HXT  sing N N 38  
ASN N   CA   sing N N 39  
ASN N   H    sing N N 40  
ASN N   H2   sing N N 41  
ASN CA  C    sing N N 42  
ASN CA  CB   sing N N 43  
ASN CA  HA   sing N N 44  
ASN C   O    doub N N 45  
ASN C   OXT  sing N N 46  
ASN CB  CG   sing N N 47  
ASN CB  HB2  sing N N 48  
ASN CB  HB3  sing N N 49  
ASN CG  OD1  doub N N 50  
ASN CG  ND2  sing N N 51  
ASN ND2 HD21 sing N N 52  
ASN ND2 HD22 sing N N 53  
ASN OXT HXT  sing N N 54  
ASP N   CA   sing N N 55  
ASP N   H    sing N N 56  
ASP N   H2   sing N N 57  
ASP CA  C    sing N N 58  
ASP CA  CB   sing N N 59  
ASP CA  HA   sing N N 60  
ASP C   O    doub N N 61  
ASP C   OXT  sing N N 62  
ASP CB  CG   sing N N 63  
ASP CB  HB2  sing N N 64  
ASP CB  HB3  sing N N 65  
ASP CG  OD1  doub N N 66  
ASP CG  OD2  sing N N 67  
ASP OD2 HD2  sing N N 68  
ASP OXT HXT  sing N N 69  
CYS N   CA   sing N N 70  
CYS N   H    sing N N 71  
CYS N   H2   sing N N 72  
CYS CA  C    sing N N 73  
CYS CA  CB   sing N N 74  
CYS CA  HA   sing N N 75  
CYS C   O    doub N N 76  
CYS C   OXT  sing N N 77  
CYS CB  SG   sing N N 78  
CYS CB  HB2  sing N N 79  
CYS CB  HB3  sing N N 80  
CYS SG  HG   sing N N 81  
CYS OXT HXT  sing N N 82  
GLN N   CA   sing N N 83  
GLN N   H    sing N N 84  
GLN N   H2   sing N N 85  
GLN CA  C    sing N N 86  
GLN CA  CB   sing N N 87  
GLN CA  HA   sing N N 88  
GLN C   O    doub N N 89  
GLN C   OXT  sing N N 90  
GLN CB  CG   sing N N 91  
GLN CB  HB2  sing N N 92  
GLN CB  HB3  sing N N 93  
GLN CG  CD   sing N N 94  
GLN CG  HG2  sing N N 95  
GLN CG  HG3  sing N N 96  
GLN CD  OE1  doub N N 97  
GLN CD  NE2  sing N N 98  
GLN NE2 HE21 sing N N 99  
GLN NE2 HE22 sing N N 100 
GLN OXT HXT  sing N N 101 
GLU N   CA   sing N N 102 
GLU N   H    sing N N 103 
GLU N   H2   sing N N 104 
GLU CA  C    sing N N 105 
GLU CA  CB   sing N N 106 
GLU CA  HA   sing N N 107 
GLU C   O    doub N N 108 
GLU C   OXT  sing N N 109 
GLU CB  CG   sing N N 110 
GLU CB  HB2  sing N N 111 
GLU CB  HB3  sing N N 112 
GLU CG  CD   sing N N 113 
GLU CG  HG2  sing N N 114 
GLU CG  HG3  sing N N 115 
GLU CD  OE1  doub N N 116 
GLU CD  OE2  sing N N 117 
GLU OE2 HE2  sing N N 118 
GLU OXT HXT  sing N N 119 
GLY N   CA   sing N N 120 
GLY N   H    sing N N 121 
GLY N   H2   sing N N 122 
GLY CA  C    sing N N 123 
GLY CA  HA2  sing N N 124 
GLY CA  HA3  sing N N 125 
GLY C   O    doub N N 126 
GLY C   OXT  sing N N 127 
GLY OXT HXT  sing N N 128 
HIS N   CA   sing N N 129 
HIS N   H    sing N N 130 
HIS N   H2   sing N N 131 
HIS CA  C    sing N N 132 
HIS CA  CB   sing N N 133 
HIS CA  HA   sing N N 134 
HIS C   O    doub N N 135 
HIS C   OXT  sing N N 136 
HIS CB  CG   sing N N 137 
HIS CB  HB2  sing N N 138 
HIS CB  HB3  sing N N 139 
HIS CG  ND1  sing Y N 140 
HIS CG  CD2  doub Y N 141 
HIS ND1 CE1  doub Y N 142 
HIS ND1 HD1  sing N N 143 
HIS CD2 NE2  sing Y N 144 
HIS CD2 HD2  sing N N 145 
HIS CE1 NE2  sing Y N 146 
HIS CE1 HE1  sing N N 147 
HIS NE2 HE2  sing N N 148 
HIS OXT HXT  sing N N 149 
HOH O   H1   sing N N 150 
HOH O   H2   sing N N 151 
ILE N   CA   sing N N 152 
ILE N   H    sing N N 153 
ILE N   H2   sing N N 154 
ILE CA  C    sing N N 155 
ILE CA  CB   sing N N 156 
ILE CA  HA   sing N N 157 
ILE C   O    doub N N 158 
ILE C   OXT  sing N N 159 
ILE CB  CG1  sing N N 160 
ILE CB  CG2  sing N N 161 
ILE CB  HB   sing N N 162 
ILE CG1 CD1  sing N N 163 
ILE CG1 HG12 sing N N 164 
ILE CG1 HG13 sing N N 165 
ILE CG2 HG21 sing N N 166 
ILE CG2 HG22 sing N N 167 
ILE CG2 HG23 sing N N 168 
ILE CD1 HD11 sing N N 169 
ILE CD1 HD12 sing N N 170 
ILE CD1 HD13 sing N N 171 
ILE OXT HXT  sing N N 172 
LEU N   CA   sing N N 173 
LEU N   H    sing N N 174 
LEU N   H2   sing N N 175 
LEU CA  C    sing N N 176 
LEU CA  CB   sing N N 177 
LEU CA  HA   sing N N 178 
LEU C   O    doub N N 179 
LEU C   OXT  sing N N 180 
LEU CB  CG   sing N N 181 
LEU CB  HB2  sing N N 182 
LEU CB  HB3  sing N N 183 
LEU CG  CD1  sing N N 184 
LEU CG  CD2  sing N N 185 
LEU CG  HG   sing N N 186 
LEU CD1 HD11 sing N N 187 
LEU CD1 HD12 sing N N 188 
LEU CD1 HD13 sing N N 189 
LEU CD2 HD21 sing N N 190 
LEU CD2 HD22 sing N N 191 
LEU CD2 HD23 sing N N 192 
LEU OXT HXT  sing N N 193 
LYS N   CA   sing N N 194 
LYS N   H    sing N N 195 
LYS N   H2   sing N N 196 
LYS CA  C    sing N N 197 
LYS CA  CB   sing N N 198 
LYS CA  HA   sing N N 199 
LYS C   O    doub N N 200 
LYS C   OXT  sing N N 201 
LYS CB  CG   sing N N 202 
LYS CB  HB2  sing N N 203 
LYS CB  HB3  sing N N 204 
LYS CG  CD   sing N N 205 
LYS CG  HG2  sing N N 206 
LYS CG  HG3  sing N N 207 
LYS CD  CE   sing N N 208 
LYS CD  HD2  sing N N 209 
LYS CD  HD3  sing N N 210 
LYS CE  NZ   sing N N 211 
LYS CE  HE2  sing N N 212 
LYS CE  HE3  sing N N 213 
LYS NZ  HZ1  sing N N 214 
LYS NZ  HZ2  sing N N 215 
LYS NZ  HZ3  sing N N 216 
LYS OXT HXT  sing N N 217 
MET N   CA   sing N N 218 
MET N   H    sing N N 219 
MET N   H2   sing N N 220 
MET CA  C    sing N N 221 
MET CA  CB   sing N N 222 
MET CA  HA   sing N N 223 
MET C   O    doub N N 224 
MET C   OXT  sing N N 225 
MET CB  CG   sing N N 226 
MET CB  HB2  sing N N 227 
MET CB  HB3  sing N N 228 
MET CG  SD   sing N N 229 
MET CG  HG2  sing N N 230 
MET CG  HG3  sing N N 231 
MET SD  CE   sing N N 232 
MET CE  HE1  sing N N 233 
MET CE  HE2  sing N N 234 
MET CE  HE3  sing N N 235 
MET OXT HXT  sing N N 236 
PHE N   CA   sing N N 237 
PHE N   H    sing N N 238 
PHE N   H2   sing N N 239 
PHE CA  C    sing N N 240 
PHE CA  CB   sing N N 241 
PHE CA  HA   sing N N 242 
PHE C   O    doub N N 243 
PHE C   OXT  sing N N 244 
PHE CB  CG   sing N N 245 
PHE CB  HB2  sing N N 246 
PHE CB  HB3  sing N N 247 
PHE CG  CD1  doub Y N 248 
PHE CG  CD2  sing Y N 249 
PHE CD1 CE1  sing Y N 250 
PHE CD1 HD1  sing N N 251 
PHE CD2 CE2  doub Y N 252 
PHE CD2 HD2  sing N N 253 
PHE CE1 CZ   doub Y N 254 
PHE CE1 HE1  sing N N 255 
PHE CE2 CZ   sing Y N 256 
PHE CE2 HE2  sing N N 257 
PHE CZ  HZ   sing N N 258 
PHE OXT HXT  sing N N 259 
PRO N   CA   sing N N 260 
PRO N   CD   sing N N 261 
PRO N   H    sing N N 262 
PRO CA  C    sing N N 263 
PRO CA  CB   sing N N 264 
PRO CA  HA   sing N N 265 
PRO C   O    doub N N 266 
PRO C   OXT  sing N N 267 
PRO CB  CG   sing N N 268 
PRO CB  HB2  sing N N 269 
PRO CB  HB3  sing N N 270 
PRO CG  CD   sing N N 271 
PRO CG  HG2  sing N N 272 
PRO CG  HG3  sing N N 273 
PRO CD  HD2  sing N N 274 
PRO CD  HD3  sing N N 275 
PRO OXT HXT  sing N N 276 
SER N   CA   sing N N 277 
SER N   H    sing N N 278 
SER N   H2   sing N N 279 
SER CA  C    sing N N 280 
SER CA  CB   sing N N 281 
SER CA  HA   sing N N 282 
SER C   O    doub N N 283 
SER C   OXT  sing N N 284 
SER CB  OG   sing N N 285 
SER CB  HB2  sing N N 286 
SER CB  HB3  sing N N 287 
SER OG  HG   sing N N 288 
SER OXT HXT  sing N N 289 
THR N   CA   sing N N 290 
THR N   H    sing N N 291 
THR N   H2   sing N N 292 
THR CA  C    sing N N 293 
THR CA  CB   sing N N 294 
THR CA  HA   sing N N 295 
THR C   O    doub N N 296 
THR C   OXT  sing N N 297 
THR CB  OG1  sing N N 298 
THR CB  CG2  sing N N 299 
THR CB  HB   sing N N 300 
THR OG1 HG1  sing N N 301 
THR CG2 HG21 sing N N 302 
THR CG2 HG22 sing N N 303 
THR CG2 HG23 sing N N 304 
THR OXT HXT  sing N N 305 
TRP N   CA   sing N N 306 
TRP N   H    sing N N 307 
TRP N   H2   sing N N 308 
TRP CA  C    sing N N 309 
TRP CA  CB   sing N N 310 
TRP CA  HA   sing N N 311 
TRP C   O    doub N N 312 
TRP C   OXT  sing N N 313 
TRP CB  CG   sing N N 314 
TRP CB  HB2  sing N N 315 
TRP CB  HB3  sing N N 316 
TRP CG  CD1  doub Y N 317 
TRP CG  CD2  sing Y N 318 
TRP CD1 NE1  sing Y N 319 
TRP CD1 HD1  sing N N 320 
TRP CD2 CE2  doub Y N 321 
TRP CD2 CE3  sing Y N 322 
TRP NE1 CE2  sing Y N 323 
TRP NE1 HE1  sing N N 324 
TRP CE2 CZ2  sing Y N 325 
TRP CE3 CZ3  doub Y N 326 
TRP CE3 HE3  sing N N 327 
TRP CZ2 CH2  doub Y N 328 
TRP CZ2 HZ2  sing N N 329 
TRP CZ3 CH2  sing Y N 330 
TRP CZ3 HZ3  sing N N 331 
TRP CH2 HH2  sing N N 332 
TRP OXT HXT  sing N N 333 
TYR N   CA   sing N N 334 
TYR N   H    sing N N 335 
TYR N   H2   sing N N 336 
TYR CA  C    sing N N 337 
TYR CA  CB   sing N N 338 
TYR CA  HA   sing N N 339 
TYR C   O    doub N N 340 
TYR C   OXT  sing N N 341 
TYR CB  CG   sing N N 342 
TYR CB  HB2  sing N N 343 
TYR CB  HB3  sing N N 344 
TYR CG  CD1  doub Y N 345 
TYR CG  CD2  sing Y N 346 
TYR CD1 CE1  sing Y N 347 
TYR CD1 HD1  sing N N 348 
TYR CD2 CE2  doub Y N 349 
TYR CD2 HD2  sing N N 350 
TYR CE1 CZ   doub Y N 351 
TYR CE1 HE1  sing N N 352 
TYR CE2 CZ   sing Y N 353 
TYR CE2 HE2  sing N N 354 
TYR CZ  OH   sing N N 355 
TYR OH  HH   sing N N 356 
TYR OXT HXT  sing N N 357 
VAL N   CA   sing N N 358 
VAL N   H    sing N N 359 
VAL N   H2   sing N N 360 
VAL CA  C    sing N N 361 
VAL CA  CB   sing N N 362 
VAL CA  HA   sing N N 363 
VAL C   O    doub N N 364 
VAL C   OXT  sing N N 365 
VAL CB  CG1  sing N N 366 
VAL CB  CG2  sing N N 367 
VAL CB  HB   sing N N 368 
VAL CG1 HG11 sing N N 369 
VAL CG1 HG12 sing N N 370 
VAL CG1 HG13 sing N N 371 
VAL CG2 HG21 sing N N 372 
VAL CG2 HG22 sing N N 373 
VAL CG2 HG23 sing N N 374 
VAL OXT HXT  sing N N 375 
# 
_atom_sites.entry_id                    1P2X 
_atom_sites.fract_transf_matrix[1][1]   0.01534760 
_atom_sites.fract_transf_matrix[1][2]   -0.01162267 
_atom_sites.fract_transf_matrix[1][3]   0.02709731 
_atom_sites.fract_transf_matrix[2][1]   0.00011308 
_atom_sites.fract_transf_matrix[2][2]   0.01337341 
_atom_sites.fract_transf_matrix[2][3]   0.00567212 
_atom_sites.fract_transf_matrix[3][1]   -0.01905535 
_atom_sites.fract_transf_matrix[3][2]   -0.00681132 
_atom_sites.fract_transf_matrix[3][3]   0.01643925 
_atom_sites.fract_transf_vector[1]      0.535334 
_atom_sites.fract_transf_vector[2]      0.224685 
_atom_sites.fract_transf_vector[3]      0.480752 
# 
loop_
_atom_type.symbol 
BR 
C  
N  
O  
S  
# 
loop_
_atom_site.group_PDB 
_atom_site.id 
_atom_site.type_symbol 
_atom_site.label_atom_id 
_atom_site.label_alt_id 
_atom_site.label_comp_id 
_atom_site.label_asym_id 
_atom_site.label_entity_id 
_atom_site.label_seq_id 
_atom_site.pdbx_PDB_ins_code 
_atom_site.Cartn_x 
_atom_site.Cartn_y 
_atom_site.Cartn_z 
_atom_site.occupancy 
_atom_site.B_iso_or_equiv 
_atom_site.pdbx_formal_charge 
_atom_site.auth_seq_id 
_atom_site.auth_comp_id 
_atom_site.auth_asym_id 
_atom_site.auth_atom_id 
_atom_site.pdbx_PDB_model_num 
ATOM   1    N  N   . ARG A 1 1   ? 2.687   -18.450 16.766  1.00 14.64  ? 32  ARG A N   1 
ATOM   2    C  CA  . ARG A 1 1   ? 3.295   -17.089 16.572  1.00 19.11  ? 32  ARG A CA  1 
ATOM   3    C  C   . ARG A 1 1   ? 3.317   -16.710 15.083  1.00 15.48  ? 32  ARG A C   1 
ATOM   4    O  O   . ARG A 1 1   ? 3.066   -15.562 14.724  1.00 13.64  ? 32  ARG A O   1 
ATOM   5    C  CB  . ARG A 1 1   ? 4.725   -17.021 17.162  1.00 19.80  ? 32  ARG A CB  1 
ATOM   6    C  CG  . ARG A 1 1   ? 5.776   -17.881 16.431  1.00 27.20  ? 32  ARG A CG  1 
ATOM   7    C  CD  . ARG A 1 1   ? 7.243   -17.441 16.668  1.00 29.80  ? 32  ARG A CD  1 
ATOM   8    N  NE  . ARG A 1 1   ? 7.797   -17.846 17.960  1.00 32.68  ? 32  ARG A NE  1 
ATOM   9    C  CZ  . ARG A 1 1   ? 7.969   -19.110 18.352  1.00 40.02  ? 32  ARG A CZ  1 
ATOM   10   N  NH1 . ARG A 1 1   ? 7.632   -20.117 17.549  1.00 39.73  ? 32  ARG A NH1 1 
ATOM   11   N  NH2 . ARG A 1 1   ? 8.487   -19.372 19.552  1.00 35.09  ? 32  ARG A NH2 1 
ATOM   12   N  N   . GLU A 1 2   ? 3.602   -17.683 14.226  1.00 13.73  ? 33  GLU A N   1 
ATOM   13   C  CA  . GLU A 1 2   ? 3.638   -17.445 12.787  1.00 15.65  ? 33  GLU A CA  1 
ATOM   14   C  C   . GLU A 1 2   ? 2.265   -17.090 12.239  1.00 12.42  ? 33  GLU A C   1 
ATOM   15   O  O   . GLU A 1 2   ? 2.129   -16.167 11.444  1.00 8.97   ? 33  GLU A O   1 
ATOM   16   C  CB  . GLU A 1 2   ? 4.125   -18.684 12.043  1.00 16.16  ? 33  GLU A CB  1 
ATOM   17   C  CG  . GLU A 1 2   ? 5.619   -18.820 11.853  1.00 17.78  ? 33  GLU A CG  1 
ATOM   18   C  CD  . GLU A 1 2   ? 5.924   -19.928 10.843  1.00 24.53  ? 33  GLU A CD  1 
ATOM   19   O  OE1 . GLU A 1 2   ? 5.419   -21.064 11.050  1.00 19.54  ? 33  GLU A OE1 1 
ATOM   20   O  OE2 . GLU A 1 2   ? 6.653   -19.660 9.855   1.00 19.01  ? 33  GLU A OE2 1 
ATOM   21   N  N   . THR A 1 3   ? 1.253   -17.853 12.644  1.00 13.10  ? 34  THR A N   1 
ATOM   22   C  CA  . THR A 1 3   ? -0.112  -17.643 12.163  1.00 13.69  ? 34  THR A CA  1 
ATOM   23   C  C   . THR A 1 3   ? -0.562  -16.227 12.497  1.00 13.04  ? 34  THR A C   1 
ATOM   24   O  O   . THR A 1 3   ? -0.999  -15.477 11.616  1.00 12.31  ? 34  THR A O   1 
ATOM   25   C  CB  . THR A 1 3   ? -1.085  -18.663 12.802  1.00 14.21  ? 34  THR A CB  1 
ATOM   26   O  OG1 . THR A 1 3   ? -0.846  -19.953 12.230  1.00 18.89  ? 34  THR A OG1 1 
ATOM   27   C  CG2 . THR A 1 3   ? -2.536  -18.297 12.494  1.00 17.20  ? 34  THR A CG2 1 
ATOM   28   N  N   . LEU A 1 4   ? -0.439  -15.873 13.773  1.00 10.77  ? 35  LEU A N   1 
ATOM   29   C  CA  . LEU A 1 4   ? -0.811  -14.549 14.259  1.00 11.80  ? 35  LEU A CA  1 
ATOM   30   C  C   . LEU A 1 4   ? -0.097  -13.440 13.485  1.00 10.24  ? 35  LEU A C   1 
ATOM   31   O  O   . LEU A 1 4   ? -0.725  -12.454 13.091  1.00 11.77  ? 35  LEU A O   1 
ATOM   32   C  CB  . LEU A 1 4   ? -0.482  -14.422 15.748  1.00 13.22  ? 35  LEU A CB  1 
ATOM   33   C  CG  . LEU A 1 4   ? -0.714  -13.041 16.358  1.00 15.44  ? 35  LEU A CG  1 
ATOM   34   C  CD1 . LEU A 1 4   ? -2.218  -12.769 16.475  1.00 15.27  ? 35  LEU A CD1 1 
ATOM   35   C  CD2 . LEU A 1 4   ? -0.053  -12.964 17.726  1.00 15.79  ? 35  LEU A CD2 1 
ATOM   36   N  N   . GLN A 1 5   ? 1.208   -13.606 13.271  1.00 9.86   ? 36  GLN A N   1 
ATOM   37   C  CA  . GLN A 1 5   ? 1.997   -12.628 12.520  1.00 11.64  ? 36  GLN A CA  1 
ATOM   38   C  C   . GLN A 1 5   ? 1.428   -12.492 11.105  1.00 8.91   ? 36  GLN A C   1 
ATOM   39   O  O   . GLN A 1 5   ? 1.299   -11.385 10.584  1.00 8.64   ? 36  GLN A O   1 
ATOM   40   C  CB  . GLN A 1 5   ? 3.481   -13.039 12.463  1.00 9.81   ? 36  GLN A CB  1 
ATOM   41   C  CG  . GLN A 1 5   ? 4.343   -12.101 11.613  1.00 15.05  ? 36  GLN A CG  1 
ATOM   42   C  CD  . GLN A 1 5   ? 5.777   -12.587 11.420  1.00 21.26  ? 36  GLN A CD  1 
ATOM   43   O  OE1 . GLN A 1 5   ? 6.025   -13.716 10.968  1.00 19.68  ? 36  GLN A OE1 1 
ATOM   44   N  NE2 . GLN A 1 5   ? 6.730   -11.724 11.748  1.00 22.56  ? 36  GLN A NE2 1 
ATOM   45   N  N   . ALA A 1 6   ? 1.089   -13.627 10.502  1.00 8.65   ? 37  ALA A N   1 
ATOM   46   C  CA  . ALA A 1 6   ? 0.492   -13.659 9.171   1.00 9.33   ? 37  ALA A CA  1 
ATOM   47   C  C   . ALA A 1 6   ? -0.861  -12.930 9.193   1.00 8.65   ? 37  ALA A C   1 
ATOM   48   O  O   . ALA A 1 6   ? -1.127  -12.069 8.361   1.00 7.94   ? 37  ALA A O   1 
ATOM   49   C  CB  . ALA A 1 6   ? 0.315   -15.099 8.699   0.00 9.17   ? 37  ALA A CB  1 
ATOM   50   N  N   . TYR A 1 7   ? -1.709  -13.278 10.153  1.00 8.11   ? 38  TYR A N   1 
ATOM   51   C  CA  . TYR A 1 7   ? -3.026  -12.664 10.265  1.00 9.40   ? 38  TYR A CA  1 
ATOM   52   C  C   . TYR A 1 7   ? -2.972  -11.149 10.467  1.00 9.16   ? 38  TYR A C   1 
ATOM   53   O  O   . TYR A 1 7   ? -3.735  -10.410 9.848   1.00 9.28   ? 38  TYR A O   1 
ATOM   54   C  CB  . TYR A 1 7   ? -3.817  -13.277 11.422  1.00 8.98   ? 38  TYR A CB  1 
ATOM   55   C  CG  . TYR A 1 7   ? -5.077  -12.502 11.756  1.00 8.00   ? 38  TYR A CG  1 
ATOM   56   C  CD1 . TYR A 1 7   ? -6.238  -12.660 11.000  1.00 10.93  ? 38  TYR A CD1 1 
ATOM   57   C  CD2 . TYR A 1 7   ? -5.108  -11.604 12.828  1.00 7.70   ? 38  TYR A CD2 1 
ATOM   58   C  CE1 . TYR A 1 7   ? -7.405  -11.948 11.308  1.00 10.27  ? 38  TYR A CE1 1 
ATOM   59   C  CE2 . TYR A 1 7   ? -6.268  -10.881 13.138  1.00 7.68   ? 38  TYR A CE2 1 
ATOM   60   C  CZ  . TYR A 1 7   ? -7.406  -11.062 12.372  1.00 7.25   ? 38  TYR A CZ  1 
ATOM   61   O  OH  . TYR A 1 7   ? -8.543  -10.362 12.672  1.00 11.40  ? 38  TYR A OH  1 
ATOM   62   N  N   . ASP A 1 8   ? -2.087  -10.698 11.351  1.00 9.47   ? 39  ASP A N   1 
ATOM   63   C  CA  . ASP A 1 8   ? -1.944  -9.278  11.641  1.00 10.56  ? 39  ASP A CA  1 
ATOM   64   C  C   . ASP A 1 8   ? -1.555  -8.484  10.397  1.00 10.87  ? 39  ASP A C   1 
ATOM   65   O  O   . ASP A 1 8   ? -2.190  -7.477  10.091  1.00 11.90  ? 39  ASP A O   1 
ATOM   66   C  CB  . ASP A 1 8   ? -0.924  -9.026  12.738  0.00 11.49  ? 39  ASP A CB  1 
ATOM   67   C  CG  . ASP A 1 8   ? -1.496  -9.300  14.113  1.00 11.75  ? 39  ASP A CG  1 
ATOM   68   O  OD1 . ASP A 1 8   ? -2.734  -9.398  14.295  1.00 14.58  ? 39  ASP A OD1 1 
ATOM   69   O  OD2 . ASP A 1 8   ? -0.716  -9.320  15.084  1.00 14.76  ? 39  ASP A OD2 1 
ATOM   70   N  N   . TYR A 1 9   ? -0.530  -8.947  9.681   1.00 8.74   ? 40  TYR A N   1 
ATOM   71   C  CA  . TYR A 1 9   ? -0.078  -8.264  8.476   1.00 9.02   ? 40  TYR A CA  1 
ATOM   72   C  C   . TYR A 1 9   ? -1.200  -8.186  7.437   1.00 8.97   ? 40  TYR A C   1 
ATOM   73   O  O   . TYR A 1 9   ? -1.329  -7.188  6.723   1.00 8.48   ? 40  TYR A O   1 
ATOM   74   C  CB  . TYR A 1 9   ? 1.166   -8.939  7.866   1.00 7.53   ? 40  TYR A CB  1 
ATOM   75   C  CG  . TYR A 1 9   ? 1.628   -8.233  6.608   1.00 7.38   ? 40  TYR A CG  1 
ATOM   76   C  CD1 . TYR A 1 9   ? 2.043   -6.900  6.652   1.00 11.88  ? 40  TYR A CD1 1 
ATOM   77   C  CD2 . TYR A 1 9   ? 1.556   -8.854  5.366   1.00 8.95   ? 40  TYR A CD2 1 
ATOM   78   C  CE1 . TYR A 1 9   ? 2.369   -6.198  5.484   1.00 11.07  ? 40  TYR A CE1 1 
ATOM   79   C  CE2 . TYR A 1 9   ? 1.891   -8.163  4.195   1.00 11.20  ? 40  TYR A CE2 1 
ATOM   80   C  CZ  . TYR A 1 9   ? 2.289   -6.836  4.264   1.00 9.72   ? 40  TYR A CZ  1 
ATOM   81   O  OH  . TYR A 1 9   ? 2.571   -6.134  3.116   1.00 12.68  ? 40  TYR A OH  1 
ATOM   82   N  N   . LEU A 1 10  ? -2.013  -9.233  7.355   1.00 7.05   ? 41  LEU A N   1 
ATOM   83   C  CA  . LEU A 1 10  ? -3.136  -9.221  6.427   1.00 8.66   ? 41  LEU A CA  1 
ATOM   84   C  C   . LEU A 1 10  ? -4.135  -8.154  6.848   1.00 7.26   ? 41  LEU A C   1 
ATOM   85   O  O   . LEU A 1 10  ? -4.797  -7.547  6.006   1.00 8.64   ? 41  LEU A O   1 
ATOM   86   C  CB  . LEU A 1 10  ? -3.815  -10.601 6.362   1.00 9.41   ? 41  LEU A CB  1 
ATOM   87   C  CG  . LEU A 1 10  ? -3.186  -11.596 5.382   1.00 7.75   ? 41  LEU A CG  1 
ATOM   88   C  CD1 . LEU A 1 10  ? -3.835  -12.978 5.528   1.00 7.90   ? 41  LEU A CD1 1 
ATOM   89   C  CD2 . LEU A 1 10  ? -3.345  -11.071 3.960   1.00 6.19   ? 41  LEU A CD2 1 
ATOM   90   N  N   . CYS A 1 11  ? -4.258  -7.920  8.151   1.00 9.00   ? 42  CYS A N   1 
ATOM   91   C  CA  . CYS A 1 11  ? -5.153  -6.866  8.624   1.00 7.63   ? 42  CYS A CA  1 
ATOM   92   C  C   . CYS A 1 11  ? -4.578  -5.516  8.214   1.00 7.99   ? 42  CYS A C   1 
ATOM   93   O  O   . CYS A 1 11  ? -5.315  -4.621  7.816   1.00 9.71   ? 42  CYS A O   1 
ATOM   94   C  CB  . CYS A 1 11  ? -5.310  -6.896  10.142  1.00 9.68   ? 42  CYS A CB  1 
ATOM   95   S  SG  . CYS A 1 11  ? -6.270  -8.285  10.760  1.00 11.74  ? 42  CYS A SG  1 
ATOM   96   N  N   . ARG A 1 12  ? -3.260  -5.379  8.304   1.00 4.76   ? 43  ARG A N   1 
ATOM   97   C  CA  . ARG A 1 12  ? -2.621  -4.136  7.918   1.00 6.02   ? 43  ARG A CA  1 
ATOM   98   C  C   . ARG A 1 12  ? -2.865  -3.866  6.438   1.00 8.77   ? 43  ARG A C   1 
ATOM   99   O  O   . ARG A 1 12  ? -3.186  -2.738  6.049   1.00 12.28  ? 43  ARG A O   1 
ATOM   100  C  CB  . ARG A 1 12  ? -1.120  -4.181  8.220   1.00 6.72   ? 43  ARG A CB  1 
ATOM   101  C  CG  . ARG A 1 12  ? -0.775  -4.577  9.680   1.00 5.88   ? 43  ARG A CG  1 
ATOM   102  C  CD  . ARG A 1 12  ? -1.121  -3.488  10.710  1.00 3.06   ? 43  ARG A CD  1 
ATOM   103  N  NE  . ARG A 1 12  ? -2.518  -3.496  11.154  1.00 5.33   ? 43  ARG A NE  1 
ATOM   104  C  CZ  . ARG A 1 12  ? -3.021  -4.332  12.055  1.00 5.66   ? 43  ARG A CZ  1 
ATOM   105  N  NH1 . ARG A 1 12  ? -2.250  -5.249  12.627  1.00 7.55   ? 43  ARG A NH1 1 
ATOM   106  N  NH2 . ARG A 1 12  ? -4.294  -4.236  12.416  1.00 4.92   ? 43  ARG A NH2 1 
ATOM   107  N  N   . VAL A 1 13  ? -2.716  -4.898  5.610   1.00 9.81   ? 44  VAL A N   1 
ATOM   108  C  CA  . VAL A 1 13  ? -2.943  -4.773  4.172   1.00 8.07   ? 44  VAL A CA  1 
ATOM   109  C  C   . VAL A 1 13  ? -4.416  -4.433  3.895   1.00 9.84   ? 44  VAL A C   1 
ATOM   110  O  O   . VAL A 1 13  ? -4.725  -3.595  3.046   1.00 10.56  ? 44  VAL A O   1 
ATOM   111  C  CB  . VAL A 1 13  ? -2.569  -6.084  3.417   1.00 9.83   ? 44  VAL A CB  1 
ATOM   112  C  CG1 . VAL A 1 13  ? -2.789  -5.914  1.916   1.00 10.24  ? 44  VAL A CG1 1 
ATOM   113  C  CG2 . VAL A 1 13  ? -1.131  -6.464  3.689   1.00 6.70   ? 44  VAL A CG2 1 
ATOM   114  N  N   . ASP A 1 14  ? -5.317  -5.080  4.629   1.00 8.31   ? 45  ASP A N   1 
ATOM   115  C  CA  . ASP A 1 14  ? -6.756  -4.848  4.478   1.00 7.89   ? 45  ASP A CA  1 
ATOM   116  C  C   . ASP A 1 14  ? -7.122  -3.394  4.813   1.00 8.82   ? 45  ASP A C   1 
ATOM   117  O  O   . ASP A 1 14  ? -7.923  -2.765  4.120   1.00 8.65   ? 45  ASP A O   1 
ATOM   118  C  CB  . ASP A 1 14  ? -7.536  -5.803  5.393   1.00 6.47   ? 45  ASP A CB  1 
ATOM   119  C  CG  . ASP A 1 14  ? -9.002  -5.863  5.056   1.00 7.09   ? 45  ASP A CG  1 
ATOM   120  O  OD1 . ASP A 1 14  ? -9.843  -5.450  5.893   1.00 8.97   ? 45  ASP A OD1 1 
ATOM   121  O  OD2 . ASP A 1 14  ? -9.351  -6.333  3.948   1.00 9.73   ? 45  ASP A OD2 1 
ATOM   122  N  N   . GLU A 1 15  ? -6.536  -2.877  5.887   1.00 6.28   ? 46  GLU A N   1 
ATOM   123  C  CA  . GLU A 1 15  ? -6.780  -1.504  6.327   1.00 9.61   ? 46  GLU A CA  1 
ATOM   124  C  C   . GLU A 1 15  ? -6.316  -0.468  5.292   1.00 8.70   ? 46  GLU A C   1 
ATOM   125  O  O   . GLU A 1 15  ? -7.014  0.507   5.024   1.00 9.25   ? 46  GLU A O   1 
ATOM   126  C  CB  . GLU A 1 15  ? -6.089  -1.259  7.681   1.00 7.99   ? 46  GLU A CB  1 
ATOM   127  C  CG  . GLU A 1 15  ? -6.695  -2.052  8.837   1.00 8.96   ? 46  GLU A CG  1 
ATOM   128  C  CD  . GLU A 1 15  ? -5.755  -2.189  10.018  1.00 13.57  ? 46  GLU A CD  1 
ATOM   129  O  OE1 . GLU A 1 15  ? -4.644  -1.614  9.967   1.00 16.23  ? 46  GLU A OE1 1 
ATOM   130  O  OE2 . GLU A 1 15  ? -6.118  -2.875  10.999  1.00 12.16  ? 46  GLU A OE2 1 
ATOM   131  N  N   . ALA A 1 16  ? -5.138  -0.689  4.717   1.00 10.27  ? 47  ALA A N   1 
ATOM   132  C  CA  . ALA A 1 16  ? -4.601  0.201   3.695   1.00 9.72   ? 47  ALA A CA  1 
ATOM   133  C  C   . ALA A 1 16  ? -5.469  0.107   2.432   1.00 10.95  ? 47  ALA A C   1 
ATOM   134  O  O   . ALA A 1 16  ? -5.711  1.114   1.768   1.00 10.11  ? 47  ALA A O   1 
ATOM   135  C  CB  . ALA A 1 16  ? -3.149  -0.177  3.368   1.00 9.31   ? 47  ALA A CB  1 
ATOM   136  N  N   . LYS A 1 17  ? -5.923  -1.100  2.100   1.00 7.63   ? 48  LYS A N   1 
ATOM   137  C  CA  . LYS A 1 17  ? -6.761  -1.287  0.924   1.00 8.70   ? 48  LYS A CA  1 
ATOM   138  C  C   . LYS A 1 17  ? -8.035  -0.478  1.111   1.00 9.11   ? 48  LYS A C   1 
ATOM   139  O  O   . LYS A 1 17  ? -8.348  0.393   0.301   1.00 8.61   ? 48  LYS A O   1 
ATOM   140  C  CB  . LYS A 1 17  ? -7.124  -2.763  0.711   1.00 8.53   ? 48  LYS A CB  1 
ATOM   141  C  CG  . LYS A 1 17  ? -7.833  -3.038  -0.611  1.00 8.46   ? 48  LYS A CG  1 
ATOM   142  C  CD  . LYS A 1 17  ? -8.382  -4.468  -0.724  1.00 8.48   ? 48  LYS A CD  1 
ATOM   143  C  CE  . LYS A 1 17  ? -9.546  -4.682  0.235   1.00 12.49  ? 48  LYS A CE  1 
ATOM   144  N  NZ  . LYS A 1 17  ? -10.219 -5.984  0.051   1.00 13.51  ? 48  LYS A NZ  1 
ATOM   145  N  N   . LYS A 1 18  ? -8.761  -0.762  2.186   1.00 7.23   ? 49  LYS A N   1 
ATOM   146  C  CA  . LYS A 1 18  ? -10.011 -0.057  2.471   1.00 12.01  ? 49  LYS A CA  1 
ATOM   147  C  C   . LYS A 1 18  ? -9.867  1.462   2.401   1.00 10.16  ? 49  LYS A C   1 
ATOM   148  O  O   . LYS A 1 18  ? -10.714 2.132   1.824   1.00 11.19  ? 49  LYS A O   1 
ATOM   149  C  CB  . LYS A 1 18  ? -10.536 -0.432  3.860   1.00 13.75  ? 49  LYS A CB  1 
ATOM   150  C  CG  . LYS A 1 18  ? -10.965 -1.888  4.042   1.00 16.69  ? 49  LYS A CG  1 
ATOM   151  C  CD  . LYS A 1 18  ? -11.304 -2.109  5.516   1.00 21.01  ? 49  LYS A CD  1 
ATOM   152  C  CE  . LYS A 1 18  ? -10.145 -1.613  6.413   1.00 23.53  ? 49  LYS A CE  1 
ATOM   153  N  NZ  . LYS A 1 18  ? -10.500 -1.329  7.845   1.00 17.10  ? 49  LYS A NZ  1 
ATOM   154  N  N   . TRP A 1 19  ? -8.805  1.993   3.005   1.00 10.43  ? 50  TRP A N   1 
ATOM   155  C  CA  . TRP A 1 19  ? -8.554  3.429   3.014   1.00 10.49  ? 50  TRP A CA  1 
ATOM   156  C  C   . TRP A 1 19  ? -8.464  3.959   1.590   1.00 9.17   ? 50  TRP A C   1 
ATOM   157  O  O   . TRP A 1 19  ? -9.054  4.982   1.259   1.00 10.78  ? 50  TRP A O   1 
ATOM   158  C  CB  . TRP A 1 19  ? -7.254  3.751   3.761   1.00 9.38   ? 50  TRP A CB  1 
ATOM   159  C  CG  . TRP A 1 19  ? -6.984  5.216   3.798   1.00 7.73   ? 50  TRP A CG  1 
ATOM   160  C  CD1 . TRP A 1 19  ? -7.655  6.153   4.530   1.00 7.52   ? 50  TRP A CD1 1 
ATOM   161  C  CD2 . TRP A 1 19  ? -6.037  5.935   2.997   1.00 7.59   ? 50  TRP A CD2 1 
ATOM   162  N  NE1 . TRP A 1 19  ? -7.190  7.406   4.234   1.00 8.36   ? 50  TRP A NE1 1 
ATOM   163  C  CE2 . TRP A 1 19  ? -6.190  7.306   3.299   1.00 9.19   ? 50  TRP A CE2 1 
ATOM   164  C  CE3 . TRP A 1 19  ? -5.069  5.555   2.053   1.00 7.83   ? 50  TRP A CE3 1 
ATOM   165  C  CZ2 . TRP A 1 19  ? -5.417  8.304   2.691   1.00 6.80   ? 50  TRP A CZ2 1 
ATOM   166  C  CZ3 . TRP A 1 19  ? -4.297  6.549   1.451   1.00 7.70   ? 50  TRP A CZ3 1 
ATOM   167  C  CH2 . TRP A 1 19  ? -4.478  7.909   1.778   1.00 6.79   ? 50  TRP A CH2 1 
ATOM   168  N  N   . ILE A 1 20  ? -7.719  3.253   0.748   1.00 10.46  ? 51  ILE A N   1 
ATOM   169  C  CA  . ILE A 1 20  ? -7.578  3.649   -0.640  1.00 6.83   ? 51  ILE A CA  1 
ATOM   170  C  C   . ILE A 1 20  ? -8.917  3.508   -1.349  1.00 8.47   ? 51  ILE A C   1 
ATOM   171  O  O   . ILE A 1 20  ? -9.263  4.339   -2.176  1.00 9.08   ? 51  ILE A O   1 
ATOM   172  C  CB  . ILE A 1 20  ? -6.506  2.803   -1.356  1.00 8.20   ? 51  ILE A CB  1 
ATOM   173  C  CG1 . ILE A 1 20  ? -5.130  3.085   -0.742  1.00 6.13   ? 51  ILE A CG1 1 
ATOM   174  C  CG2 . ILE A 1 20  ? -6.499  3.106   -2.855  1.00 6.78   ? 51  ILE A CG2 1 
ATOM   175  C  CD1 . ILE A 1 20  ? -3.995  2.288   -1.360  1.00 7.72   ? 51  ILE A CD1 1 
ATOM   176  N  N   . GLU A 1 21  ? -9.670  2.461   -1.027  1.00 8.28   ? 52  GLU A N   1 
ATOM   177  C  CA  . GLU A 1 21  ? -10.982 2.260   -1.643  1.00 13.52  ? 52  GLU A CA  1 
ATOM   178  C  C   . GLU A 1 21  ? -11.912 3.425   -1.291  1.00 14.20  ? 52  GLU A C   1 
ATOM   179  O  O   . GLU A 1 21  ? -12.736 3.850   -2.097  1.00 16.36  ? 52  GLU A O   1 
ATOM   180  C  CB  . GLU A 1 21  ? -11.602 0.928   -1.184  1.00 12.22  ? 52  GLU A CB  1 
ATOM   181  C  CG  . GLU A 1 21  ? -10.902 -0.310  -1.748  1.00 14.28  ? 52  GLU A CG  1 
ATOM   182  C  CD  . GLU A 1 21  ? -11.537 -1.624  -1.305  1.00 18.83  ? 52  GLU A CD  1 
ATOM   183  O  OE1 . GLU A 1 21  ? -11.794 -1.796  -0.090  1.00 17.29  ? 52  GLU A OE1 1 
ATOM   184  O  OE2 . GLU A 1 21  ? -11.762 -2.498  -2.172  1.00 15.53  ? 52  GLU A OE2 1 
ATOM   185  N  N   . GLU A 1 22  ? -11.757 3.939   -0.077  1.00 17.49  ? 53  GLU A N   1 
ATOM   186  C  CA  . GLU A 1 22  ? -12.545 5.056   0.425   1.00 17.39  ? 53  GLU A CA  1 
ATOM   187  C  C   . GLU A 1 22  ? -12.151 6.330   -0.342  1.00 17.47  ? 53  GLU A C   1 
ATOM   188  O  O   . GLU A 1 22  ? -13.018 7.052   -0.843  1.00 15.43  ? 53  GLU A O   1 
ATOM   189  C  CB  . GLU A 1 22  ? -12.268 5.210   1.928   1.00 20.83  ? 53  GLU A CB  1 
ATOM   190  C  CG  . GLU A 1 22  ? -13.280 6.015   2.729   1.00 28.77  ? 53  GLU A CG  1 
ATOM   191  C  CD  . GLU A 1 22  ? -12.949 6.042   4.227   1.00 37.75  ? 53  GLU A CD  1 
ATOM   192  O  OE1 . GLU A 1 22  ? -13.753 6.598   5.010   1.00 34.46  ? 53  GLU A OE1 1 
ATOM   193  O  OE2 . GLU A 1 22  ? -11.882 5.508   4.631   1.00 39.21  ? 53  GLU A OE2 1 
ATOM   194  N  N   . CYS A 1 23  ? -10.845 6.586   -0.446  1.00 13.92  ? 54  CYS A N   1 
ATOM   195  C  CA  . CYS A 1 23  ? -10.330 7.756   -1.160  1.00 12.74  ? 54  CYS A CA  1 
ATOM   196  C  C   . CYS A 1 23  ? -10.744 7.774   -2.628  1.00 13.85  ? 54  CYS A C   1 
ATOM   197  O  O   . CYS A 1 23  ? -11.134 8.819   -3.152  1.00 12.91  ? 54  CYS A O   1 
ATOM   198  C  CB  . CYS A 1 23  ? -8.797  7.813   -1.113  1.00 9.58   ? 54  CYS A CB  1 
ATOM   199  S  SG  . CYS A 1 23  ? -8.048  8.259   0.474   1.00 15.52  ? 54  CYS A SG  1 
ATOM   200  N  N   . LEU A 1 24  ? -10.634 6.629   -3.295  1.00 10.71  ? 55  LEU A N   1 
ATOM   201  C  CA  . LEU A 1 24  ? -10.939 6.562   -4.722  1.00 14.04  ? 55  LEU A CA  1 
ATOM   202  C  C   . LEU A 1 24  ? -12.383 6.164   -5.029  1.00 13.27  ? 55  LEU A C   1 
ATOM   203  O  O   . LEU A 1 24  ? -12.780 6.143   -6.189  1.00 10.81  ? 55  LEU A O   1 
ATOM   204  C  CB  . LEU A 1 24  ? -9.979  5.598   -5.426  1.00 8.17   ? 55  LEU A CB  1 
ATOM   205  C  CG  . LEU A 1 24  ? -8.479  5.909   -5.310  1.00 12.12  ? 55  LEU A CG  1 
ATOM   206  C  CD1 . LEU A 1 24  ? -7.678  4.848   -6.072  1.00 5.07   ? 55  LEU A CD1 1 
ATOM   207  C  CD2 . LEU A 1 24  ? -8.182  7.299   -5.864  1.00 9.11   ? 55  LEU A CD2 1 
ATOM   208  N  N   . GLY A 1 25  ? -13.136 5.858   -3.996  0.00 13.92  ? 56  GLY A N   1 
ATOM   209  C  CA  . GLY A 1 25  ? -14.507 5.490   -4.229  1.00 13.90  ? 56  GLY A CA  1 
ATOM   210  C  C   . GLY A 1 25  ? -14.774 4.282   -5.121  1.00 17.18  ? 56  GLY A C   1 
ATOM   211  O  O   . GLY A 1 25  ? -15.673 4.275   -5.919  0.00 16.90  ? 56  GLY A O   1 
ATOM   212  N  N   . THR A 1 26  ? -13.849 3.322   -5.094  1.00 18.23  ? 57  THR A N   1 
ATOM   213  C  CA  . THR A 1 26  ? -13.953 2.127   -5.914  1.00 18.99  ? 57  THR A CA  1 
ATOM   214  C  C   . THR A 1 26  ? -13.529 0.867   -5.118  0.00 20.78  ? 57  THR A C   1 
ATOM   215  O  O   . THR A 1 26  ? -13.013 0.936   -4.000  0.00 20.97  ? 57  THR A O   1 
ATOM   216  C  CB  . THR A 1 26  ? -12.978 2.176   -7.102  1.00 18.36  ? 57  THR A CB  1 
ATOM   217  O  OG1 . THR A 1 26  ? -12.590 3.524   -7.358  1.00 25.37  ? 57  THR A OG1 1 
ATOM   218  C  CG2 . THR A 1 26  ? -13.638 1.648   -8.341  1.00 18.13  ? 57  THR A CG2 1 
ATOM   219  N  N   . ASP A 1 27  ? -13.778 -0.255  -5.684  1.00 21.95  ? 58  ASP A N   1 
ATOM   220  C  CA  . ASP A 1 27  ? -13.443 -1.569  -5.137  1.00 22.79  ? 58  ASP A CA  1 
ATOM   221  C  C   . ASP A 1 27  ? -12.079 -1.955  -5.702  1.00 20.57  ? 58  ASP A C   1 
ATOM   222  O  O   . ASP A 1 27  ? -11.816 -1.725  -6.879  1.00 20.73  ? 58  ASP A O   1 
ATOM   223  C  CB  . ASP A 1 27  ? -14.497 -2.592  -5.563  1.00 25.89  ? 58  ASP A CB  1 
ATOM   224  C  CG  . ASP A 1 27  ? -14.371 -3.905  -4.818  1.00 30.67  ? 58  ASP A CG  1 
ATOM   225  O  OD1 . ASP A 1 27  ? -13.310 -4.571  -4.924  1.00 31.08  ? 58  ASP A OD1 1 
ATOM   226  O  OD2 . ASP A 1 27  ? -15.331 -4.294  -4.117  1.00 34.41  ? 58  ASP A OD2 1 
ATOM   227  N  N   . LEU A 1 28  ? -11.217 -2.542  -4.877  1.00 18.58  ? 59  LEU A N   1 
ATOM   228  C  CA  . LEU A 1 28  ? -9.878  -2.896  -5.328  1.00 16.28  ? 59  LEU A CA  1 
ATOM   229  C  C   . LEU A 1 28  ? -9.520  -4.385  -5.210  1.00 16.25  ? 59  LEU A C   1 
ATOM   230  O  O   . LEU A 1 28  ? -8.350  -4.743  -5.083  1.00 16.57  ? 59  LEU A O   1 
ATOM   231  C  CB  . LEU A 1 28  ? -8.839  -2.031  -4.596  1.00 15.21  ? 59  LEU A CB  1 
ATOM   232  C  CG  . LEU A 1 28  ? -8.964  -0.521  -4.839  1.00 14.96  ? 59  LEU A CG  1 
ATOM   233  C  CD1 . LEU A 1 28  ? -7.958  0.245   -3.998  1.00 17.74  ? 59  LEU A CD1 1 
ATOM   234  C  CD2 . LEU A 1 28  ? -8.750  -0.218  -6.315  1.00 17.92  ? 59  LEU A CD2 1 
ATOM   235  N  N   . GLY A 1 29  ? -10.533 -5.246  -5.258  1.00 16.95  ? 60  GLY A N   1 
ATOM   236  C  CA  . GLY A 1 29  ? -10.312 -6.682  -5.229  1.00 13.54  ? 60  GLY A CA  1 
ATOM   237  C  C   . GLY A 1 29  ? -9.883  -7.270  -3.895  1.00 13.21  ? 60  GLY A C   1 
ATOM   238  O  O   . GLY A 1 29  ? -9.829  -6.565  -2.891  1.00 12.66  ? 60  GLY A O   1 
ATOM   239  N  N   . PRO A 1 30  ? -9.570  -8.573  -3.873  1.00 10.88  ? 61  PRO A N   1 
ATOM   240  C  CA  . PRO A 1 30  ? -9.141  -9.295  -2.666  1.00 10.35  ? 61  PRO A CA  1 
ATOM   241  C  C   . PRO A 1 30  ? -7.914  -8.694  -1.976  1.00 10.35  ? 61  PRO A C   1 
ATOM   242  O  O   . PRO A 1 30  ? -7.010  -8.169  -2.625  1.00 9.55   ? 61  PRO A O   1 
ATOM   243  C  CB  . PRO A 1 30  ? -8.849  -10.710 -3.187  1.00 11.93  ? 61  PRO A CB  1 
ATOM   244  C  CG  . PRO A 1 30  ? -9.779  -10.857 -4.382  1.00 12.45  ? 61  PRO A CG  1 
ATOM   245  C  CD  . PRO A 1 30  ? -9.682  -9.483  -5.033  1.00 11.34  ? 61  PRO A CD  1 
ATOM   246  N  N   . THR A 1 31  ? -7.896  -8.785  -0.650  1.00 11.65  ? 62  THR A N   1 
ATOM   247  C  CA  . THR A 1 31  ? -6.788  -8.294  0.150   1.00 11.29  ? 62  THR A CA  1 
ATOM   248  C  C   . THR A 1 31  ? -5.534  -9.140  -0.091  1.00 10.81  ? 62  THR A C   1 
ATOM   249  O  O   . THR A 1 31  ? -4.429  -8.609  -0.170  1.00 10.51  ? 62  THR A O   1 
ATOM   250  C  CB  . THR A 1 31  ? -7.159  -8.327  1.652   1.00 12.64  ? 62  THR A CB  1 
ATOM   251  O  OG1 . THR A 1 31  ? -8.119  -7.295  1.925   1.00 13.49  ? 62  THR A OG1 1 
ATOM   252  C  CG2 . THR A 1 31  ? -5.928  -8.098  2.539   1.00 13.73  ? 62  THR A CG2 1 
ATOM   253  N  N   . SER A 1 32  ? -5.717  -10.452 -0.234  1.00 11.59  ? 63  SER A N   1 
ATOM   254  C  CA  . SER A 1 32  ? -4.592  -11.371 -0.426  1.00 13.41  ? 63  SER A CA  1 
ATOM   255  C  C   . SER A 1 32  ? -3.781  -11.109 -1.692  1.00 11.61  ? 63  SER A C   1 
ATOM   256  O  O   . SER A 1 32  ? -2.634  -11.523 -1.784  1.00 13.79  ? 63  SER A O   1 
ATOM   257  C  CB  . SER A 1 32  ? -5.076  -12.835 -0.415  1.00 12.19  ? 63  SER A CB  1 
ATOM   258  O  OG  . SER A 1 32  ? -6.019  -13.090 -1.447  1.00 15.52  ? 63  SER A OG  1 
ATOM   259  N  N   . THR A 1 33  ? -4.373  -10.421 -2.663  1.00 10.85  ? 64  THR A N   1 
ATOM   260  C  CA  . THR A 1 33  ? -3.659  -10.103 -3.894  1.00 11.56  ? 64  THR A CA  1 
ATOM   261  C  C   . THR A 1 33  ? -3.508  -8.601  -4.091  1.00 10.82  ? 64  THR A C   1 
ATOM   262  O  O   . THR A 1 33  ? -3.075  -8.153  -5.151  1.00 11.10  ? 64  THR A O   1 
ATOM   263  C  CB  . THR A 1 33  ? -4.381  -10.700 -5.108  1.00 11.48  ? 64  THR A CB  1 
ATOM   264  O  OG1 . THR A 1 33  ? -5.752  -10.285 -5.092  1.00 18.30  ? 64  THR A OG1 1 
ATOM   265  C  CG2 . THR A 1 33  ? -4.363  -12.222 -5.042  1.00 13.98  ? 64  THR A CG2 1 
ATOM   266  N  N   . PHE A 1 34  ? -3.854  -7.826  -3.062  1.00 10.01  ? 65  PHE A N   1 
ATOM   267  C  CA  . PHE A 1 34  ? -3.793  -6.368  -3.154  1.00 8.78   ? 65  PHE A CA  1 
ATOM   268  C  C   . PHE A 1 34  ? -2.377  -5.809  -3.299  1.00 8.27   ? 65  PHE A C   1 
ATOM   269  O  O   . PHE A 1 34  ? -2.155  -4.928  -4.114  1.00 10.63  ? 65  PHE A O   1 
ATOM   270  C  CB  . PHE A 1 34  ? -4.504  -5.709  -1.956  1.00 9.35   ? 65  PHE A CB  1 
ATOM   271  C  CG  . PHE A 1 34  ? -4.544  -4.200  -2.031  1.00 11.12  ? 65  PHE A CG  1 
ATOM   272  C  CD1 . PHE A 1 34  ? -5.276  -3.560  -3.025  1.00 13.02  ? 65  PHE A CD1 1 
ATOM   273  C  CD2 . PHE A 1 34  ? -3.838  -3.424  -1.116  1.00 10.89  ? 65  PHE A CD2 1 
ATOM   274  C  CE1 . PHE A 1 34  ? -5.306  -2.158  -3.111  1.00 17.24  ? 65  PHE A CE1 1 
ATOM   275  C  CE2 . PHE A 1 34  ? -3.863  -2.026  -1.189  1.00 13.54  ? 65  PHE A CE2 1 
ATOM   276  C  CZ  . PHE A 1 34  ? -4.598  -1.391  -2.191  1.00 13.61  ? 65  PHE A CZ  1 
ATOM   277  N  N   . GLU A 1 35  ? -1.417  -6.300  -2.520  1.00 7.07   ? 66  GLU A N   1 
ATOM   278  C  CA  . GLU A 1 35  ? -0.054  -5.788  -2.652  1.00 8.63   ? 66  GLU A CA  1 
ATOM   279  C  C   . GLU A 1 35  ? 0.465   -5.944  -4.065  1.00 9.07   ? 66  GLU A C   1 
ATOM   280  O  O   . GLU A 1 35  ? 1.063   -5.023  -4.619  1.00 9.39   ? 66  GLU A O   1 
ATOM   281  C  CB  . GLU A 1 35  ? 0.911   -6.504  -1.721  1.00 9.68   ? 66  GLU A CB  1 
ATOM   282  C  CG  . GLU A 1 35  ? 0.595   -6.328  -0.269  1.00 10.54  ? 66  GLU A CG  1 
ATOM   283  C  CD  . GLU A 1 35  ? 1.166   -7.456  0.539   1.00 12.64  ? 66  GLU A CD  1 
ATOM   284  O  OE1 . GLU A 1 35  ? 2.350   -7.356  0.936   1.00 10.81  ? 66  GLU A OE1 1 
ATOM   285  O  OE2 . GLU A 1 35  ? 0.430   -8.449  0.750   1.00 13.35  ? 66  GLU A OE2 1 
ATOM   286  N  N   . GLN A 1 36  ? 0.250   -7.119  -4.643  1.00 9.55   ? 67  GLN A N   1 
ATOM   287  C  CA  . GLN A 1 36  ? 0.719   -7.380  -5.995  1.00 10.36  ? 67  GLN A CA  1 
ATOM   288  C  C   . GLN A 1 36  ? 0.053   -6.479  -7.027  1.00 10.89  ? 67  GLN A C   1 
ATOM   289  O  O   . GLN A 1 36  ? 0.663   -6.166  -8.046  1.00 13.18  ? 67  GLN A O   1 
ATOM   290  C  CB  . GLN A 1 36  ? 0.507   -8.856  -6.367  1.00 12.00  ? 67  GLN A CB  1 
ATOM   291  C  CG  . GLN A 1 36  ? 1.469   -9.842  -5.689  1.00 9.64   ? 67  GLN A CG  1 
ATOM   292  C  CD  . GLN A 1 36  ? 2.904   -9.735  -6.191  1.00 11.43  ? 67  GLN A CD  1 
ATOM   293  O  OE1 . GLN A 1 36  ? 3.146   -9.619  -7.392  1.00 15.75  ? 67  GLN A OE1 1 
ATOM   294  N  NE2 . GLN A 1 36  ? 3.860   -9.790  -5.271  1.00 11.36  ? 67  GLN A NE2 1 
ATOM   295  N  N   . SER A 1 37  ? -1.184  -6.055  -6.772  1.00 10.41  ? 68  SER A N   1 
ATOM   296  C  CA  . SER A 1 37  ? -1.888  -5.200  -7.730  1.00 10.75  ? 68  SER A CA  1 
ATOM   297  C  C   . SER A 1 37  ? -1.361  -3.766  -7.761  1.00 10.01  ? 68  SER A C   1 
ATOM   298  O  O   . SER A 1 37  ? -1.675  -3.008  -8.676  1.00 10.78  ? 68  SER A O   1 
ATOM   299  C  CB  . SER A 1 37  ? -3.404  -5.184  -7.449  1.00 10.05  ? 68  SER A CB  1 
ATOM   300  O  OG  . SER A 1 37  ? -3.703  -4.551  -6.214  1.00 8.54   ? 68  SER A OG  1 
ATOM   301  N  N   . LEU A 1 38  ? -0.565  -3.391  -6.763  1.00 12.45  ? 69  LEU A N   1 
ATOM   302  C  CA  . LEU A 1 38  ? -0.037  -2.032  -6.699  1.00 11.56  ? 69  LEU A CA  1 
ATOM   303  C  C   . LEU A 1 38  ? 1.274   -1.908  -7.454  1.00 10.51  ? 69  LEU A C   1 
ATOM   304  O  O   . LEU A 1 38  ? 1.759   -0.806  -7.680  1.00 12.55  ? 69  LEU A O   1 
ATOM   305  C  CB  . LEU A 1 38  ? 0.174   -1.587  -5.242  1.00 8.31   ? 69  LEU A CB  1 
ATOM   306  C  CG  . LEU A 1 38  ? -1.014  -1.480  -4.281  1.00 7.16   ? 69  LEU A CG  1 
ATOM   307  C  CD1 . LEU A 1 38  ? -0.495  -1.170  -2.863  1.00 7.08   ? 69  LEU A CD1 1 
ATOM   308  C  CD2 . LEU A 1 38  ? -1.996  -0.411  -4.736  1.00 6.84   ? 69  LEU A CD2 1 
ATOM   309  N  N   . ARG A 1 39  ? 1.848   -3.039  -7.846  1.00 11.65  ? 70  ARG A N   1 
ATOM   310  C  CA  . ARG A 1 39  ? 3.148   -3.023  -8.517  1.00 11.85  ? 70  ARG A CA  1 
ATOM   311  C  C   . ARG A 1 39  ? 3.191   -2.229  -9.835  1.00 11.79  ? 70  ARG A C   1 
ATOM   312  O  O   . ARG A 1 39  ? 4.247   -1.731  -10.224 1.00 12.52  ? 70  ARG A O   1 
ATOM   313  C  CB  . ARG A 1 39  ? 3.656   -4.453  -8.729  1.00 8.65   ? 70  ARG A CB  1 
ATOM   314  C  CG  . ARG A 1 39  ? 3.899   -5.205  -7.423  1.00 11.59  ? 70  ARG A CG  1 
ATOM   315  C  CD  . ARG A 1 39  ? 4.377   -6.635  -7.642  1.00 11.75  ? 70  ARG A CD  1 
ATOM   316  N  NE  . ARG A 1 39  ? 5.733   -6.696  -8.195  1.00 13.30  ? 70  ARG A NE  1 
ATOM   317  C  CZ  . ARG A 1 39  ? 6.255   -7.780  -8.758  1.00 15.56  ? 70  ARG A CZ  1 
ATOM   318  N  NH1 . ARG A 1 39  ? 5.530   -8.888  -8.846  1.00 14.99  ? 70  ARG A NH1 1 
ATOM   319  N  NH2 . ARG A 1 39  ? 7.499   -7.761  -9.233  1.00 15.46  ? 70  ARG A NH2 1 
ATOM   320  N  N   . ASN A 1 40  ? 2.057   -2.103  -10.519 1.00 9.37   ? 71  ASN A N   1 
ATOM   321  C  CA  . ASN A 1 40  ? 2.027   -1.345  -11.763 1.00 10.34  ? 71  ASN A CA  1 
ATOM   322  C  C   . ASN A 1 40  ? 1.891   0.170   -11.546 1.00 10.77  ? 71  ASN A C   1 
ATOM   323  O  O   . ASN A 1 40  ? 1.934   0.941   -12.502 1.00 9.68   ? 71  ASN A O   1 
ATOM   324  C  CB  . ASN A 1 40  ? 0.918   -1.858  -12.705 1.00 13.83  ? 71  ASN A CB  1 
ATOM   325  C  CG  . ASN A 1 40  ? -0.493  -1.583  -12.188 1.00 12.84  ? 71  ASN A CG  1 
ATOM   326  O  OD1 . ASN A 1 40  ? -0.716  -0.708  -11.353 1.00 15.94  ? 71  ASN A OD1 1 
ATOM   327  N  ND2 . ASN A 1 40  ? -1.457  -2.321  -12.724 1.00 13.59  ? 71  ASN A ND2 1 
ATOM   328  N  N   . GLY A 1 41  ? 1.724   0.583   -10.291 1.00 9.53   ? 72  GLY A N   1 
ATOM   329  C  CA  . GLY A 1 41  ? 1.674   1.996   -9.954  1.00 8.62   ? 72  GLY A CA  1 
ATOM   330  C  C   . GLY A 1 41  ? 0.416   2.768   -10.312 1.00 9.70   ? 72  GLY A C   1 
ATOM   331  O  O   . GLY A 1 41  ? 0.307   3.945   -9.983  1.00 10.16  ? 72  GLY A O   1 
ATOM   332  N  N   . VAL A 1 42  ? -0.535  2.124   -10.978 1.00 9.16   ? 73  VAL A N   1 
ATOM   333  C  CA  . VAL A 1 42  ? -1.766  2.810   -11.361 1.00 7.68   ? 73  VAL A CA  1 
ATOM   334  C  C   . VAL A 1 42  ? -2.569  3.326   -10.164 1.00 7.13   ? 73  VAL A C   1 
ATOM   335  O  O   . VAL A 1 42  ? -2.922  4.503   -10.111 1.00 6.25   ? 73  VAL A O   1 
ATOM   336  C  CB  . VAL A 1 42  ? -2.672  1.916   -12.244 1.00 9.78   ? 73  VAL A CB  1 
ATOM   337  C  CG1 . VAL A 1 42  ? -4.015  2.597   -12.479 1.00 4.68   ? 73  VAL A CG1 1 
ATOM   338  C  CG2 . VAL A 1 42  ? -1.985  1.640   -13.593 1.00 4.12   ? 73  VAL A CG2 1 
ATOM   339  N  N   . VAL A 1 43  ? -2.869  2.457   -9.208  1.00 7.98   ? 74  VAL A N   1 
ATOM   340  C  CA  . VAL A 1 43  ? -3.645  2.872   -8.044  1.00 8.33   ? 74  VAL A CA  1 
ATOM   341  C  C   . VAL A 1 43  ? -2.970  4.022   -7.294  1.00 9.71   ? 74  VAL A C   1 
ATOM   342  O  O   . VAL A 1 43  ? -3.618  4.999   -6.916  1.00 10.25  ? 74  VAL A O   1 
ATOM   343  C  CB  . VAL A 1 43  ? -3.868  1.688   -7.072  1.00 12.30  ? 74  VAL A CB  1 
ATOM   344  C  CG1 . VAL A 1 43  ? -4.388  2.186   -5.726  1.00 10.21  ? 74  VAL A CG1 1 
ATOM   345  C  CG2 . VAL A 1 43  ? -4.848  0.702   -7.685  1.00 11.20  ? 74  VAL A CG2 1 
ATOM   346  N  N   . LEU A 1 44  ? -1.665  3.896   -7.083  1.00 9.26   ? 75  LEU A N   1 
ATOM   347  C  CA  . LEU A 1 44  ? -0.906  4.907   -6.372  1.00 9.90   ? 75  LEU A CA  1 
ATOM   348  C  C   . LEU A 1 44  ? -0.893  6.233   -7.138  1.00 11.83  ? 75  LEU A C   1 
ATOM   349  O  O   . LEU A 1 44  ? -1.014  7.300   -6.532  1.00 11.44  ? 75  LEU A O   1 
ATOM   350  C  CB  . LEU A 1 44  ? 0.518   4.413   -6.129  1.00 8.37   ? 75  LEU A CB  1 
ATOM   351  C  CG  . LEU A 1 44  ? 0.656   3.236   -5.148  1.00 11.60  ? 75  LEU A CG  1 
ATOM   352  C  CD1 . LEU A 1 44  ? 2.092   2.754   -5.108  1.00 7.00   ? 75  LEU A CD1 1 
ATOM   353  C  CD2 . LEU A 1 44  ? 0.196   3.677   -3.744  1.00 8.83   ? 75  LEU A CD2 1 
ATOM   354  N  N   . ALA A 1 45  ? -0.760  6.169   -8.462  1.00 10.51  ? 76  ALA A N   1 
ATOM   355  C  CA  . ALA A 1 45  ? -0.753  7.381   -9.282  1.00 11.53  ? 76  ALA A CA  1 
ATOM   356  C  C   . ALA A 1 45  ? -2.127  8.033   -9.250  1.00 12.06  ? 76  ALA A C   1 
ATOM   357  O  O   . ALA A 1 45  ? -2.249  9.260   -9.200  1.00 10.23  ? 76  ALA A O   1 
ATOM   358  C  CB  . ALA A 1 45  ? -0.355  7.052   -10.715 1.00 13.67  ? 76  ALA A CB  1 
ATOM   359  N  N   . LEU A 1 46  ? -3.169  7.206   -9.268  1.00 10.23  ? 77  LEU A N   1 
ATOM   360  C  CA  . LEU A 1 46  ? -4.535  7.721   -9.208  1.00 11.54  ? 77  LEU A CA  1 
ATOM   361  C  C   . LEU A 1 46  ? -4.742  8.452   -7.886  1.00 10.52  ? 77  LEU A C   1 
ATOM   362  O  O   . LEU A 1 46  ? -5.529  9.392   -7.796  1.00 7.64   ? 77  LEU A O   1 
ATOM   363  C  CB  . LEU A 1 46  ? -5.555  6.582   -9.360  1.00 9.31   ? 77  LEU A CB  1 
ATOM   364  C  CG  . LEU A 1 46  ? -5.699  6.064   -10.801 1.00 10.83  ? 77  LEU A CG  1 
ATOM   365  C  CD1 . LEU A 1 46  ? -6.544  4.800   -10.852 1.00 11.81  ? 77  LEU A CD1 1 
ATOM   366  C  CD2 . LEU A 1 46  ? -6.336  7.149   -11.640 1.00 9.35   ? 77  LEU A CD2 1 
ATOM   367  N  N   . LEU A 1 47  ? -4.019  8.020   -6.857  1.00 10.42  ? 78  LEU A N   1 
ATOM   368  C  CA  . LEU A 1 47  ? -4.111  8.678   -5.553  1.00 8.77   ? 78  LEU A CA  1 
ATOM   369  C  C   . LEU A 1 47  ? -3.526  10.091  -5.678  1.00 9.74   ? 78  LEU A C   1 
ATOM   370  O  O   . LEU A 1 47  ? -4.089  11.056  -5.155  1.00 8.38   ? 78  LEU A O   1 
ATOM   371  C  CB  . LEU A 1 47  ? -3.354  7.853   -4.511  1.00 7.85   ? 78  LEU A CB  1 
ATOM   372  C  CG  . LEU A 1 47  ? -3.949  7.648   -3.120  1.00 13.81  ? 78  LEU A CG  1 
ATOM   373  C  CD1 . LEU A 1 47  ? -5.453  7.345   -3.167  1.00 11.72  ? 78  LEU A CD1 1 
ATOM   374  C  CD2 . LEU A 1 47  ? -3.191  6.509   -2.440  1.00 11.09  ? 78  LEU A CD2 1 
ATOM   375  N  N   . VAL A 1 48  ? -2.398  10.205  -6.379  1.00 7.03   ? 79  VAL A N   1 
ATOM   376  C  CA  . VAL A 1 48  ? -1.779  11.504  -6.633  1.00 7.61   ? 79  VAL A CA  1 
ATOM   377  C  C   . VAL A 1 48  ? -2.769  12.466  -7.329  1.00 11.19  ? 79  VAL A C   1 
ATOM   378  O  O   . VAL A 1 48  ? -2.886  13.630  -6.942  1.00 9.15   ? 79  VAL A O   1 
ATOM   379  C  CB  . VAL A 1 48  ? -0.505  11.378  -7.481  0.00 7.96   ? 79  VAL A CB  1 
ATOM   380  C  CG1 . VAL A 1 48  ? 0.038   12.749  -7.801  1.00 8.73   ? 79  VAL A CG1 1 
ATOM   381  C  CG2 . VAL A 1 48  ? 0.563   10.581  -6.766  1.00 6.29   ? 79  VAL A CG2 1 
ATOM   382  N  N   . GLN A 1 49  ? -3.475  11.977  -8.350  1.00 8.71   ? 80  GLN A N   1 
ATOM   383  C  CA  . GLN A 1 49  ? -4.414  12.744  -9.111  0.00 10.22  ? 80  GLN A CA  1 
ATOM   384  C  C   . GLN A 1 49  ? -5.504  13.333  -8.237  1.00 10.19  ? 80  GLN A C   1 
ATOM   385  O  O   . GLN A 1 49  ? -5.760  14.537  -8.298  1.00 11.36  ? 80  GLN A O   1 
ATOM   386  C  CB  . GLN A 1 49  ? -5.082  11.875  -10.225 1.00 10.24  ? 80  GLN A CB  1 
ATOM   387  C  CG  . GLN A 1 49  ? -6.081  12.653  -11.102 1.00 8.53   ? 80  GLN A CG  1 
ATOM   388  C  CD  . GLN A 1 49  ? -5.434  13.833  -11.819 1.00 9.47   ? 80  GLN A CD  1 
ATOM   389  O  OE1 . GLN A 1 49  ? -4.798  13.671  -12.871 1.00 11.44  ? 80  GLN A OE1 1 
ATOM   390  N  NE2 . GLN A 1 49  ? -5.585  15.022  -11.249 1.00 8.86   ? 80  GLN A NE2 1 
ATOM   391  N  N   . LYS A 1 50  ? -6.035  12.527  -7.324  1.00 10.57  ? 81  LYS A N   1 
ATOM   392  C  CA  . LYS A 1 50  ? -7.038  12.989  -6.360  1.00 12.84  ? 81  LYS A CA  1 
ATOM   393  C  C   . LYS A 1 50  ? -6.546  14.175  -5.533  1.00 13.62  ? 81  LYS A C   1 
ATOM   394  O  O   . LYS A 1 50  ? -7.254  15.167  -5.372  1.00 15.34  ? 81  LYS A O   1 
ATOM   395  C  CB  . LYS A 1 50  ? -7.429  11.847  -5.410  1.00 12.59  ? 81  LYS A CB  1 
ATOM   396  C  CG  . LYS A 1 50  ? -8.357  12.247  -4.242  1.00 11.38  ? 81  LYS A CG  1 
ATOM   397  C  CD  . LYS A 1 50  ? -8.297  11.203  -3.128  1.00 12.76  ? 81  LYS A CD  1 
ATOM   398  C  CE  . LYS A 1 50  ? -9.222  11.534  -1.945  1.00 11.64  ? 81  LYS A CE  1 
ATOM   399  N  NZ  . LYS A 1 50  ? -10.658 11.340  -2.298  1.00 10.97  ? 81  LYS A NZ  1 
ATOM   400  N  N   . PHE A 1 51  ? -5.328  14.072  -5.010  1.00 14.00  ? 82  PHE A N   1 
ATOM   401  C  CA  . PHE A 1 51  ? -4.760  15.124  -4.162  1.00 13.13  ? 82  PHE A CA  1 
ATOM   402  C  C   . PHE A 1 51  ? -4.127  16.274  -4.945  1.00 13.84  ? 82  PHE A C   1 
ATOM   403  O  O   . PHE A 1 51  ? -3.699  17.269  -4.364  1.00 14.25  ? 82  PHE A O   1 
ATOM   404  C  CB  . PHE A 1 51  ? -3.754  14.518  -3.187  1.00 9.75   ? 82  PHE A CB  1 
ATOM   405  C  CG  . PHE A 1 51  ? -4.366  13.511  -2.253  1.00 11.64  ? 82  PHE A CG  1 
ATOM   406  C  CD1 . PHE A 1 51  ? -3.930  12.186  -2.246  1.00 9.99   ? 82  PHE A CD1 1 
ATOM   407  C  CD2 . PHE A 1 51  ? -5.402  13.881  -1.401  1.00 10.84  ? 82  PHE A CD2 1 
ATOM   408  C  CE1 . PHE A 1 51  ? -4.517  11.247  -1.415  1.00 7.78   ? 82  PHE A CE1 1 
ATOM   409  C  CE2 . PHE A 1 51  ? -5.997  12.942  -0.558  1.00 15.04  ? 82  PHE A CE2 1 
ATOM   410  C  CZ  . PHE A 1 51  ? -5.552  11.615  -0.569  1.00 10.14  ? 82  PHE A CZ  1 
ATOM   411  N  N   . GLN A 1 52  ? -4.061  16.122  -6.263  1.00 12.55  ? 83  GLN A N   1 
ATOM   412  C  CA  . GLN A 1 52  ? -3.544  17.168  -7.133  1.00 11.72  ? 83  GLN A CA  1 
ATOM   413  C  C   . GLN A 1 52  ? -4.541  17.325  -8.277  1.00 12.66  ? 83  GLN A C   1 
ATOM   414  O  O   . GLN A 1 52  ? -4.207  17.137  -9.451  1.00 13.37  ? 83  GLN A O   1 
ATOM   415  C  CB  . GLN A 1 52  ? -2.172  16.784  -7.672  1.00 14.88  ? 83  GLN A CB  1 
ATOM   416  C  CG  . GLN A 1 52  ? -1.174  16.442  -6.592  1.00 17.01  ? 83  GLN A CG  1 
ATOM   417  C  CD  . GLN A 1 52  ? 0.231   16.888  -6.941  1.00 28.22  ? 83  GLN A CD  1 
ATOM   418  O  OE1 . GLN A 1 52  ? 0.889   16.325  -7.832  1.00 27.86  ? 83  GLN A OE1 1 
ATOM   419  N  NE2 . GLN A 1 52  ? 0.700   17.915  -6.246  1.00 27.44  ? 83  GLN A NE2 1 
ATOM   420  N  N   . PRO A 1 53  ? -5.788  17.671  -7.937  1.00 11.30  ? 84  PRO A N   1 
ATOM   421  C  CA  . PRO A 1 53  ? -6.878  17.820  -8.911  1.00 11.75  ? 84  PRO A CA  1 
ATOM   422  C  C   . PRO A 1 53  ? -6.606  18.794  -10.055 1.00 13.11  ? 84  PRO A C   1 
ATOM   423  O  O   . PRO A 1 53  ? -7.144  18.617  -11.143 1.00 14.45  ? 84  PRO A O   1 
ATOM   424  C  CB  . PRO A 1 53  ? -8.052  18.283  -8.050  1.00 11.77  ? 84  PRO A CB  1 
ATOM   425  C  CG  . PRO A 1 53  ? -7.371  19.036  -6.912  1.00 13.35  ? 84  PRO A CG  1 
ATOM   426  C  CD  . PRO A 1 53  ? -6.198  18.128  -6.595  1.00 11.08  ? 84  PRO A CD  1 
ATOM   427  N  N   . ASP A 1 54  ? -5.779  19.808  -9.815  1.00 14.37  ? 85  ASP A N   1 
ATOM   428  C  CA  . ASP A 1 54  ? -5.488  20.807  -10.842 1.00 16.32  ? 85  ASP A CA  1 
ATOM   429  C  C   . ASP A 1 54  ? -4.348  20.390  -11.765 1.00 19.03  ? 85  ASP A C   1 
ATOM   430  O  O   . ASP A 1 54  ? -4.004  21.111  -12.700 1.00 19.42  ? 85  ASP A O   1 
ATOM   431  C  CB  . ASP A 1 54  ? -5.144  22.144  -10.191 1.00 18.96  ? 85  ASP A CB  1 
ATOM   432  C  CG  . ASP A 1 54  ? -3.877  22.078  -9.369  1.00 16.45  ? 85  ASP A CG  1 
ATOM   433  O  OD1 . ASP A 1 54  ? -3.708  21.098  -8.612  1.00 19.45  ? 85  ASP A OD1 1 
ATOM   434  O  OD2 . ASP A 1 54  ? -3.039  22.992  -9.465  1.00 17.79  ? 85  ASP A OD2 1 
ATOM   435  N  N   . LYS A 1 55  ? -3.755  19.230  -11.503 1.00 20.48  ? 86  LYS A N   1 
ATOM   436  C  CA  . LYS A 1 55  ? -2.686  18.732  -12.361 1.00 20.13  ? 86  LYS A CA  1 
ATOM   437  C  C   . LYS A 1 55  ? -3.157  17.531  -13.168 1.00 21.27  ? 86  LYS A C   1 
ATOM   438  O  O   . LYS A 1 55  ? -3.971  16.736  -12.707 1.00 17.94  ? 86  LYS A O   1 
ATOM   439  C  CB  . LYS A 1 55  ? -1.457  18.332  -11.537 1.00 21.96  ? 86  LYS A CB  1 
ATOM   440  C  CG  . LYS A 1 55  ? -0.746  19.485  -10.828 1.00 24.83  ? 86  LYS A CG  1 
ATOM   441  C  CD  . LYS A 1 55  ? -0.290  20.559  -11.811 1.00 29.32  ? 86  LYS A CD  1 
ATOM   442  C  CE  . LYS A 1 55  ? 0.748   21.490  -11.184 1.00 32.01  ? 86  LYS A CE  1 
ATOM   443  N  NZ  . LYS A 1 55  ? 0.263   22.122  -9.929  1.00 30.47  ? 86  LYS A NZ  1 
ATOM   444  N  N   . LEU A 1 56  ? -2.644  17.418  -14.384 1.00 22.51  ? 87  LEU A N   1 
ATOM   445  C  CA  . LEU A 1 56  ? -2.954  16.290  -15.242 1.00 25.24  ? 87  LEU A CA  1 
ATOM   446  C  C   . LEU A 1 56  ? -1.857  15.251  -15.064 1.00 24.07  ? 87  LEU A C   1 
ATOM   447  O  O   . LEU A 1 56  ? -0.767  15.390  -15.626 1.00 24.48  ? 87  LEU A O   1 
ATOM   448  C  CB  . LEU A 1 56  ? -2.998  16.739  -16.703 1.00 28.38  ? 87  LEU A CB  1 
ATOM   449  C  CG  . LEU A 1 56  ? -4.132  17.686  -17.099 1.00 30.81  ? 87  LEU A CG  1 
ATOM   450  C  CD1 . LEU A 1 56  ? -3.952  18.127  -18.549 1.00 36.04  ? 87  LEU A CD1 1 
ATOM   451  C  CD2 . LEU A 1 56  ? -5.475  17.002  -16.905 1.00 32.44  ? 87  LEU A CD2 1 
ATOM   452  N  N   . ILE A 1 57  ? -2.139  14.211  -14.288 1.00 21.77  ? 88  ILE A N   1 
ATOM   453  C  CA  . ILE A 1 57  ? -1.146  13.168  -14.059 1.00 23.77  ? 88  ILE A CA  1 
ATOM   454  C  C   . ILE A 1 57  ? -1.134  12.133  -15.186 1.00 22.79  ? 88  ILE A C   1 
ATOM   455  O  O   . ILE A 1 57  ? -2.178  11.660  -15.620 1.00 18.89  ? 88  ILE A O   1 
ATOM   456  C  CB  . ILE A 1 57  ? -1.390  12.459  -12.719 1.00 24.73  ? 88  ILE A CB  1 
ATOM   457  C  CG1 . ILE A 1 57  ? -0.241  11.502  -12.428 1.00 27.35  ? 88  ILE A CG1 1 
ATOM   458  C  CG2 . ILE A 1 57  ? -2.694  11.701  -12.761 1.00 33.24  ? 88  ILE A CG2 1 
ATOM   459  C  CD1 . ILE A 1 57  ? -0.296  10.895  -11.053 1.00 30.99  ? 88  ILE A CD1 1 
ATOM   460  N  N   . LYS A 1 58  ? 0.059   11.797  -15.662 1.00 21.87  ? 89  LYS A N   1 
ATOM   461  C  CA  . LYS A 1 58  ? 0.240   10.884  -16.740 0.00 22.97  ? 89  LYS A CA  1 
ATOM   462  C  C   . LYS A 1 58  ? 0.333   9.474   -16.175 1.00 22.17  ? 89  LYS A C   1 
ATOM   463  O  O   . LYS A 1 58  ? 1.196   9.187   -15.339 1.00 23.73  ? 89  LYS A O   1 
ATOM   464  C  CB  . LYS A 1 58  ? 1.497   11.216  -17.536 0.00 25.26  ? 89  LYS A CB  1 
ATOM   465  C  CG  . LYS A 1 58  ? 1.478   12.586  -18.161 1.00 29.07  ? 89  LYS A CG  1 
ATOM   466  C  CD  . LYS A 1 58  ? 2.849   13.036  -18.663 1.00 35.16  ? 89  LYS A CD  1 
ATOM   467  C  CE  . LYS A 1 58  ? 3.868   13.102  -17.524 1.00 35.38  ? 89  LYS A CE  1 
ATOM   468  N  NZ  . LYS A 1 58  ? 5.241   13.387  -18.023 1.00 35.10  ? 89  LYS A NZ  1 
ATOM   469  N  N   . ILE A 1 59  ? -0.555  8.596   -16.628 1.00 16.28  ? 90  ILE A N   1 
ATOM   470  C  CA  . ILE A 1 59  ? -0.539  7.207   -16.184 1.00 15.22  ? 90  ILE A CA  1 
ATOM   471  C  C   . ILE A 1 59  ? -0.394  6.206   -17.333 1.00 13.00  ? 90  ILE A C   1 
ATOM   472  O  O   . ILE A 1 59  ? -1.177  6.207   -18.272 1.00 11.75  ? 90  ILE A O   1 
ATOM   473  C  CB  . ILE A 1 59  ? -1.812  6.872   -15.388 1.00 14.58  ? 90  ILE A CB  1 
ATOM   474  C  CG1 . ILE A 1 59  ? -1.958  7.837   -14.210 1.00 12.24  ? 90  ILE A CG1 1 
ATOM   475  C  CG2 . ILE A 1 59  ? -1.756  5.416   -14.897 1.00 12.92  ? 90  ILE A CG2 1 
ATOM   476  C  CD1 . ILE A 1 59  ? -3.210  7.621   -13.376 1.00 14.25  ? 90  ILE A CD1 1 
ATOM   477  N  N   . PHE A 1 60  ? 0.617   5.352   -17.237 1.00 13.68  ? 91  PHE A N   1 
ATOM   478  C  CA  . PHE A 1 60  ? 0.849   4.312   -18.227 1.00 13.83  ? 91  PHE A CA  1 
ATOM   479  C  C   . PHE A 1 60  ? -0.054  3.102   -17.952 1.00 14.27  ? 91  PHE A C   1 
ATOM   480  O  O   . PHE A 1 60  ? -0.062  2.556   -16.845 1.00 12.44  ? 91  PHE A O   1 
ATOM   481  C  CB  . PHE A 1 60  ? 2.326   3.898   -18.202 1.00 14.22  ? 91  PHE A CB  1 
ATOM   482  C  CG  . PHE A 1 60  ? 2.653   2.741   -19.105 1.00 15.91  ? 91  PHE A CG  1 
ATOM   483  C  CD1 . PHE A 1 60  ? 2.459   2.835   -20.483 1.00 13.84  ? 91  PHE A CD1 1 
ATOM   484  C  CD2 . PHE A 1 60  ? 3.143   1.553   -18.573 1.00 14.88  ? 91  PHE A CD2 1 
ATOM   485  C  CE1 . PHE A 1 60  ? 2.743   1.762   -21.318 1.00 17.29  ? 91  PHE A CE1 1 
ATOM   486  C  CE2 . PHE A 1 60  ? 3.435   0.474   -19.394 1.00 18.08  ? 91  PHE A CE2 1 
ATOM   487  C  CZ  . PHE A 1 60  ? 3.233   0.574   -20.772 1.00 20.66  ? 91  PHE A CZ  1 
ATOM   488  N  N   . TYR A 1 61  ? -0.817  2.689   -18.962 1.00 14.36  ? 92  TYR A N   1 
ATOM   489  C  CA  . TYR A 1 61  ? -1.714  1.549   -18.812 1.00 19.16  ? 92  TYR A CA  1 
ATOM   490  C  C   . TYR A 1 61  ? -1.272  0.352   -19.641 1.00 19.47  ? 92  TYR A C   1 
ATOM   491  O  O   . TYR A 1 61  ? -1.038  0.467   -20.845 1.00 19.72  ? 92  TYR A O   1 
ATOM   492  C  CB  . TYR A 1 61  ? -3.138  1.895   -19.150 0.00 17.06  ? 92  TYR A CB  1 
ATOM   493  C  CG  . TYR A 1 61  ? -3.796  2.791   -18.139 1.00 15.98  ? 92  TYR A CG  1 
ATOM   494  C  CD1 . TYR A 1 61  ? -3.821  4.175   -18.302 1.00 15.81  ? 92  TYR A CD1 1 
ATOM   495  C  CD2 . TYR A 1 61  ? -4.362  2.257   -16.985 1.00 15.89  ? 92  TYR A CD2 1 
ATOM   496  C  CE1 . TYR A 1 61  ? -4.429  4.999   -17.363 1.00 15.95  ? 92  TYR A CE1 1 
ATOM   497  C  CE2 . TYR A 1 61  ? -4.980  3.069   -16.046 1.00 16.33  ? 92  TYR A CE2 1 
ATOM   498  C  CZ  . TYR A 1 61  ? -5.020  4.436   -16.244 1.00 17.50  ? 92  TYR A CZ  1 
ATOM   499  O  OH  . TYR A 1 61  ? -5.659  5.233   -15.328 1.00 15.89  ? 92  TYR A OH  1 
ATOM   500  N  N   . SER A 1 62  ? -1.166  -0.798  -18.986 1.00 21.93  ? 93  SER A N   1 
ATOM   501  C  CA  . SER A 1 62  ? -0.763  -2.028  -19.653 1.00 26.47  ? 93  SER A CA  1 
ATOM   502  C  C   . SER A 1 62  ? -0.920  -3.218  -18.726 1.00 28.70  ? 93  SER A C   1 
ATOM   503  O  O   . SER A 1 62  ? -0.533  -3.150  -17.558 1.00 29.74  ? 93  SER A O   1 
ATOM   504  C  CB  . SER A 1 62  ? 0.691   -1.934  -20.103 1.00 25.90  ? 93  SER A CB  1 
ATOM   505  O  OG  . SER A 1 62  ? 1.144   -3.184  -20.571 1.00 27.66  ? 93  SER A OG  1 
ATOM   506  N  N   . ASN A 1 63  ? -1.484  -4.304  -19.252 1.00 33.21  ? 94  ASN A N   1 
ATOM   507  C  CA  . ASN A 1 63  ? -1.659  -5.543  -18.492 1.00 34.40  ? 94  ASN A CA  1 
ATOM   508  C  C   . ASN A 1 63  ? -0.314  -6.119  -18.073 1.00 32.23  ? 94  ASN A C   1 
ATOM   509  O  O   . ASN A 1 63  ? -0.211  -6.772  -17.039 1.00 35.74  ? 94  ASN A O   1 
ATOM   510  C  CB  . ASN A 1 63  ? -2.395  -6.593  -19.327 1.00 37.58  ? 94  ASN A CB  1 
ATOM   511  C  CG  . ASN A 1 63  ? -3.840  -6.224  -19.603 1.00 47.06  ? 94  ASN A CG  1 
ATOM   512  O  OD1 . ASN A 1 63  ? -4.548  -6.950  -20.307 1.00 51.35  ? 94  ASN A OD1 1 
ATOM   513  N  ND2 . ASN A 1 63  ? -4.286  -5.093  -19.058 1.00 48.05  ? 94  ASN A ND2 1 
ATOM   514  N  N   . GLU A 1 64  ? 0.709   -5.885  -18.889 1.00 31.77  ? 95  GLU A N   1 
ATOM   515  C  CA  . GLU A 1 64  ? 2.044   -6.402  -18.614 1.00 32.27  ? 95  GLU A CA  1 
ATOM   516  C  C   . GLU A 1 64  ? 2.884   -5.452  -17.772 1.00 29.72  ? 95  GLU A C   1 
ATOM   517  O  O   . GLU A 1 64  ? 2.987   -4.262  -18.063 0.00 31.43  ? 95  GLU A O   1 
ATOM   518  C  CB  . GLU A 1 64  ? 2.788   -6.688  -19.919 1.00 35.03  ? 95  GLU A CB  1 
ATOM   519  C  CG  . GLU A 1 64  ? 2.368   -7.961  -20.634 1.00 41.97  ? 95  GLU A CG  1 
ATOM   520  C  CD  . GLU A 1 64  ? 3.327   -8.334  -21.759 1.00 48.07  ? 95  GLU A CD  1 
ATOM   521  O  OE1 . GLU A 1 64  ? 4.521   -8.591  -21.471 1.00 45.68  ? 95  GLU A OE1 1 
ATOM   522  O  OE2 . GLU A 1 64  ? 2.890   -8.366  -22.930 1.00 48.65  ? 95  GLU A OE2 1 
ATOM   523  N  N   . LEU A 1 65  ? 3.426   -5.984  -16.683 1.00 28.00  ? 96  LEU A N   1 
ATOM   524  C  CA  . LEU A 1 65  ? 4.270   -5.208  -15.795 1.00 27.45  ? 96  LEU A CA  1 
ATOM   525  C  C   . LEU A 1 65  ? 5.612   -4.996  -16.489 1.00 25.01  ? 96  LEU A C   1 
ATOM   526  O  O   . LEU A 1 65  ? 6.380   -5.935  -16.687 1.00 25.77  ? 96  LEU A O   1 
ATOM   527  C  CB  . LEU A 1 65  ? 4.463   -5.945  -14.468 1.00 28.99  ? 96  LEU A CB  1 
ATOM   528  C  CG  . LEU A 1 65  ? 5.272   -5.206  -13.394 1.00 30.79  ? 96  LEU A CG  1 
ATOM   529  C  CD1 . LEU A 1 65  ? 4.572   -3.905  -13.003 1.00 25.26  ? 96  LEU A CD1 1 
ATOM   530  C  CD2 . LEU A 1 65  ? 5.448   -6.111  -12.188 1.00 30.31  ? 96  LEU A CD2 1 
ATOM   531  N  N   . GLN A 1 66  ? 5.881   -3.753  -16.866 1.00 22.84  ? 97  GLN A N   1 
ATOM   532  C  CA  . GLN A 1 66  ? 7.101   -3.420  -17.585 1.00 22.55  ? 97  GLN A CA  1 
ATOM   533  C  C   . GLN A 1 66  ? 7.747   -2.164  -17.007 1.00 22.99  ? 97  GLN A C   1 
ATOM   534  O  O   . GLN A 1 66  ? 7.158   -1.471  -16.176 1.00 20.61  ? 97  GLN A O   1 
ATOM   535  C  CB  . GLN A 1 66  ? 6.782   -3.219  -19.066 1.00 21.98  ? 97  GLN A CB  1 
ATOM   536  C  CG  . GLN A 1 66  ? 5.534   -2.372  -19.301 1.00 18.82  ? 97  GLN A CG  1 
ATOM   537  C  CD  . GLN A 1 66  ? 5.144   -2.303  -20.764 1.00 22.83  ? 97  GLN A CD  1 
ATOM   538  O  OE1 . GLN A 1 66  ? 5.864   -1.727  -21.574 1.00 24.07  ? 97  GLN A OE1 1 
ATOM   539  N  NE2 . GLN A 1 66  ? 4.003   -2.893  -21.107 1.00 21.74  ? 97  GLN A NE2 1 
ATOM   540  N  N   . PHE A 1 67  ? 8.959   -1.875  -17.466 1.00 22.18  ? 98  PHE A N   1 
ATOM   541  C  CA  . PHE A 1 67  ? 9.721   -0.753  -16.950 1.00 24.62  ? 98  PHE A CA  1 
ATOM   542  C  C   . PHE A 1 67  ? 8.987   0.580   -16.957 1.00 22.81  ? 98  PHE A C   1 
ATOM   543  O  O   . PHE A 1 67  ? 9.185   1.392   -16.062 1.00 25.03  ? 98  PHE A O   1 
ATOM   544  C  CB  . PHE A 1 67  ? 11.039  -0.596  -17.706 1.00 29.82  ? 98  PHE A CB  1 
ATOM   545  C  CG  . PHE A 1 67  ? 11.944  0.439   -17.109 1.00 34.93  ? 98  PHE A CG  1 
ATOM   546  C  CD1 . PHE A 1 67  ? 12.765  0.123   -16.031 1.00 39.63  ? 98  PHE A CD1 1 
ATOM   547  C  CD2 . PHE A 1 67  ? 11.956  1.740   -17.603 1.00 37.66  ? 98  PHE A CD2 1 
ATOM   548  C  CE1 . PHE A 1 67  ? 13.591  1.088   -15.457 1.00 39.81  ? 98  PHE A CE1 1 
ATOM   549  C  CE2 . PHE A 1 67  ? 12.776  2.713   -17.038 1.00 39.46  ? 98  PHE A CE2 1 
ATOM   550  C  CZ  . PHE A 1 67  ? 13.597  2.385   -15.962 1.00 40.81  ? 98  PHE A CZ  1 
ATOM   551  N  N   . ARG A 1 68  ? 8.150   0.812   -17.961 1.00 19.16  ? 99  ARG A N   1 
ATOM   552  C  CA  . ARG A 1 68  ? 7.425   2.065   -18.031 1.00 18.47  ? 99  ARG A CA  1 
ATOM   553  C  C   . ARG A 1 68  ? 6.437   2.232   -16.880 1.00 18.37  ? 99  ARG A C   1 
ATOM   554  O  O   . ARG A 1 68  ? 5.930   3.332   -16.646 1.00 18.90  ? 99  ARG A O   1 
ATOM   555  C  CB  . ARG A 1 68  ? 6.717   2.212   -19.381 1.00 17.85  ? 99  ARG A CB  1 
ATOM   556  C  CG  . ARG A 1 68  ? 7.640   2.734   -20.488 1.00 22.47  ? 99  ARG A CG  1 
ATOM   557  C  CD  . ARG A 1 68  ? 6.859   3.215   -21.702 1.00 28.15  ? 99  ARG A CD  1 
ATOM   558  N  NE  . ARG A 1 68  ? 6.431   2.112   -22.548 1.00 27.47  ? 99  ARG A NE  1 
ATOM   559  C  CZ  . ARG A 1 68  ? 5.455   2.192   -23.443 1.00 29.41  ? 99  ARG A CZ  1 
ATOM   560  N  NH1 . ARG A 1 68  ? 4.789   3.326   -23.598 1.00 28.10  ? 99  ARG A NH1 1 
ATOM   561  N  NH2 . ARG A 1 68  ? 5.148   1.138   -24.190 1.00 32.50  ? 99  ARG A NH2 1 
ATOM   562  N  N   . HIS A 1 69  ? 6.170   1.152   -16.159 1.00 14.30  ? 100 HIS A N   1 
ATOM   563  C  CA  . HIS A 1 69  ? 5.293   1.235   -14.995 1.00 15.80  ? 100 HIS A CA  1 
ATOM   564  C  C   . HIS A 1 69  ? 5.991   2.038   -13.897 1.00 13.07  ? 100 HIS A C   1 
ATOM   565  O  O   . HIS A 1 69  ? 5.342   2.541   -12.977 1.00 10.10  ? 100 HIS A O   1 
ATOM   566  C  CB  . HIS A 1 69  ? 4.927   -0.151  -14.494 0.00 14.50  ? 100 HIS A CB  1 
ATOM   567  C  CG  . HIS A 1 69  ? 3.794   -0.765  -15.255 1.00 14.58  ? 100 HIS A CG  1 
ATOM   568  N  ND1 . HIS A 1 69  ? 2.502   -0.275  -15.197 1.00 17.00  ? 100 HIS A ND1 1 
ATOM   569  C  CD2 . HIS A 1 69  ? 3.766   -1.795  -16.131 1.00 9.57   ? 100 HIS A CD2 1 
ATOM   570  C  CE1 . HIS A 1 69  ? 1.734   -0.974  -16.012 1.00 11.14  ? 100 HIS A CE1 1 
ATOM   571  N  NE2 . HIS A 1 69  ? 2.474   -1.901  -16.591 1.00 12.25  ? 100 HIS A NE2 1 
ATOM   572  N  N   . SER A 1 70  ? 7.311   2.157   -14.015 1.00 9.70   ? 101 SER A N   1 
ATOM   573  C  CA  . SER A 1 70  ? 8.122   2.889   -13.043 1.00 15.20  ? 101 SER A CA  1 
ATOM   574  C  C   . SER A 1 70  ? 7.673   4.346   -12.950 1.00 12.49  ? 101 SER A C   1 
ATOM   575  O  O   . SER A 1 70  ? 7.644   4.923   -11.866 0.00 13.68  ? 101 SER A O   1 
ATOM   576  C  CB  . SER A 1 70  ? 9.609   2.833   -13.432 1.00 14.73  ? 101 SER A CB  1 
ATOM   577  O  OG  . SER A 1 70  ? 10.089  1.502   -13.427 1.00 22.57  ? 101 SER A OG  1 
ATOM   578  N  N   . ASP A 1 71  ? 7.333   4.926   -14.101 1.00 13.42  ? 102 ASP A N   1 
ATOM   579  C  CA  . ASP A 1 71  ? 6.875   6.309   -14.122 1.00 14.93  ? 102 ASP A CA  1 
ATOM   580  C  C   . ASP A 1 71  ? 5.639   6.467   -13.250 1.00 13.36  ? 102 ASP A C   1 
ATOM   581  O  O   . ASP A 1 71  ? 5.477   7.500   -12.602 1.00 15.35  ? 102 ASP A O   1 
ATOM   582  C  CB  . ASP A 1 71  ? 6.552   6.801   -15.539 1.00 14.65  ? 102 ASP A CB  1 
ATOM   583  C  CG  . ASP A 1 71  ? 7.771   6.871   -16.434 1.00 20.55  ? 102 ASP A CG  1 
ATOM   584  O  OD1 . ASP A 1 71  ? 8.844   7.334   -15.984 1.00 22.36  ? 102 ASP A OD1 1 
ATOM   585  O  OD2 . ASP A 1 71  ? 7.676   6.479   -17.618 1.00 23.82  ? 102 ASP A OD2 1 
ATOM   586  N  N   . ASN A 1 72  ? 4.765   5.463   -13.230 1.00 9.87   ? 103 ASN A N   1 
ATOM   587  C  CA  . ASN A 1 72  ? 3.573   5.557   -12.382 1.00 11.28  ? 103 ASN A CA  1 
ATOM   588  C  C   . ASN A 1 72  ? 3.977   5.617   -10.919 1.00 10.63  ? 103 ASN A C   1 
ATOM   589  O  O   . ASN A 1 72  ? 3.447   6.414   -10.147 1.00 11.60  ? 103 ASN A O   1 
ATOM   590  C  CB  . ASN A 1 72  ? 2.620   4.381   -12.603 1.00 9.94   ? 103 ASN A CB  1 
ATOM   591  C  CG  . ASN A 1 72  ? 2.047   4.354   -13.999 1.00 10.81  ? 103 ASN A CG  1 
ATOM   592  O  OD1 . ASN A 1 72  ? 1.970   5.384   -14.668 1.00 12.69  ? 103 ASN A OD1 1 
ATOM   593  N  ND2 . ASN A 1 72  ? 1.641   3.175   -14.450 1.00 11.19  ? 103 ASN A ND2 1 
ATOM   594  N  N   . ILE A 1 73  ? 4.930   4.771   -10.552 1.00 11.48  ? 104 ILE A N   1 
ATOM   595  C  CA  . ILE A 1 73  ? 5.435   4.710   -9.192  1.00 8.89   ? 104 ILE A CA  1 
ATOM   596  C  C   . ILE A 1 73  ? 6.090   6.037   -8.787  1.00 9.16   ? 104 ILE A C   1 
ATOM   597  O  O   . ILE A 1 73  ? 5.782   6.575   -7.723  1.00 8.77   ? 104 ILE A O   1 
ATOM   598  C  CB  . ILE A 1 73  ? 6.463   3.557   -9.036  1.00 8.64   ? 104 ILE A CB  1 
ATOM   599  C  CG1 . ILE A 1 73  ? 5.870   2.239   -9.531  1.00 10.26  ? 104 ILE A CG1 1 
ATOM   600  C  CG2 . ILE A 1 73  ? 6.880   3.407   -7.574  1.00 8.83   ? 104 ILE A CG2 1 
ATOM   601  C  CD1 . ILE A 1 73  ? 4.691   1.749   -8.731  1.00 14.38  ? 104 ILE A CD1 1 
ATOM   602  N  N   . ASN A 1 74  ? 6.979   6.563   -9.630  1.00 8.82   ? 105 ASN A N   1 
ATOM   603  C  CA  . ASN A 1 74  ? 7.721   7.775   -9.365  0.00 12.54  ? 105 ASN A CA  1 
ATOM   604  C  C   . ASN A 1 74  ? 6.844   8.967   -9.111  1.00 11.93  ? 105 ASN A C   1 
ATOM   605  O  O   . ASN A 1 74  ? 7.248   9.894   -8.415  1.00 14.56  ? 105 ASN A O   1 
ATOM   606  C  CB  . ASN A 1 74  ? 8.669   8.113   -10.516 0.00 13.77  ? 105 ASN A CB  1 
ATOM   607  C  CG  . ASN A 1 74  ? 9.806   7.150   -10.612 1.00 17.31  ? 105 ASN A CG  1 
ATOM   608  O  OD1 . ASN A 1 74  ? 10.139  6.484   -9.632  1.00 16.98  ? 105 ASN A OD1 1 
ATOM   609  N  ND2 . ASN A 1 74  ? 10.444  7.074   -11.782 1.00 20.28  ? 105 ASN A ND2 1 
ATOM   610  N  N   . LYS A 1 75  ? 5.649   8.973   -9.694  1.00 13.30  ? 106 LYS A N   1 
ATOM   611  C  CA  . LYS A 1 75  ? 4.693   10.044  -9.463  1.00 13.02  ? 106 LYS A CA  1 
ATOM   612  C  C   . LYS A 1 75  ? 4.333   10.041  -7.986  1.00 11.41  ? 106 LYS A C   1 
ATOM   613  O  O   . LYS A 1 75  ? 4.366   11.077  -7.332  1.00 10.39  ? 106 LYS A O   1 
ATOM   614  C  CB  . LYS A 1 75  ? 3.418   9.831   -10.296 1.00 15.19  ? 106 LYS A CB  1 
ATOM   615  C  CG  . LYS A 1 75  ? 3.629   9.817   -11.810 1.00 18.94  ? 106 LYS A CG  1 
ATOM   616  C  CD  . LYS A 1 75  ? 3.997   11.191  -12.338 1.00 22.31  ? 106 LYS A CD  1 
ATOM   617  C  CE  . LYS A 1 75  ? 4.494   11.128  -13.783 1.00 27.00  ? 106 LYS A CE  1 
ATOM   618  N  NZ  . LYS A 1 75  ? 3.515   10.500  -14.722 1.00 30.11  ? 106 LYS A NZ  1 
ATOM   619  N  N   . PHE A 1 76  ? 3.991   8.863   -7.467  1.00 10.40  ? 107 PHE A N   1 
ATOM   620  C  CA  . PHE A 1 76  ? 3.626   8.740   -6.059  1.00 9.20   ? 107 PHE A CA  1 
ATOM   621  C  C   . PHE A 1 76  ? 4.787   9.073   -5.124  1.00 9.19   ? 107 PHE A C   1 
ATOM   622  O  O   . PHE A 1 76  ? 4.580   9.688   -4.081  1.00 10.04  ? 107 PHE A O   1 
ATOM   623  C  CB  . PHE A 1 76  ? 3.117   7.337   -5.747  1.00 6.75   ? 107 PHE A CB  1 
ATOM   624  C  CG  . PHE A 1 76  ? 2.714   7.145   -4.309  1.00 5.96   ? 107 PHE A CG  1 
ATOM   625  C  CD1 . PHE A 1 76  ? 1.465   7.560   -3.860  1.00 7.32   ? 107 PHE A CD1 1 
ATOM   626  C  CD2 . PHE A 1 76  ? 3.584   6.544   -3.406  1.00 6.70   ? 107 PHE A CD2 1 
ATOM   627  C  CE1 . PHE A 1 76  ? 1.087   7.366   -2.516  1.00 9.56   ? 107 PHE A CE1 1 
ATOM   628  C  CE2 . PHE A 1 76  ? 3.222   6.348   -2.071  1.00 5.89   ? 107 PHE A CE2 1 
ATOM   629  C  CZ  . PHE A 1 76  ? 1.974   6.759   -1.624  1.00 7.41   ? 107 PHE A CZ  1 
ATOM   630  N  N   . LEU A 1 77  ? 5.998   8.668   -5.492  1.00 7.46   ? 108 LEU A N   1 
ATOM   631  C  CA  . LEU A 1 77  ? 7.172   8.943   -4.667  1.00 10.16  ? 108 LEU A CA  1 
ATOM   632  C  C   . LEU A 1 77  ? 7.481   10.444  -4.663  1.00 11.19  ? 108 LEU A C   1 
ATOM   633  O  O   . LEU A 1 77  ? 7.857   11.014  -3.631  1.00 10.17  ? 108 LEU A O   1 
ATOM   634  C  CB  . LEU A 1 77  ? 8.390   8.137   -5.153  1.00 7.58   ? 108 LEU A CB  1 
ATOM   635  C  CG  . LEU A 1 77  ? 8.281   6.603   -5.022  1.00 13.31  ? 108 LEU A CG  1 
ATOM   636  C  CD1 . LEU A 1 77  ? 9.466   5.886   -5.681  1.00 10.20  ? 108 LEU A CD1 1 
ATOM   637  C  CD2 . LEU A 1 77  ? 8.185   6.225   -3.559  1.00 10.96  ? 108 LEU A CD2 1 
ATOM   638  N  N   . ASP A 1 78  ? 7.314   11.090  -5.812  1.00 10.94  ? 109 ASP A N   1 
ATOM   639  C  CA  . ASP A 1 78  ? 7.578   12.520  -5.900  1.00 10.71  ? 109 ASP A CA  1 
ATOM   640  C  C   . ASP A 1 78  ? 6.542   13.272  -5.085  1.00 11.59  ? 109 ASP A C   1 
ATOM   641  O  O   . ASP A 1 78  ? 6.835   14.317  -4.494  1.00 9.88   ? 109 ASP A O   1 
ATOM   642  C  CB  . ASP A 1 78  ? 7.524   12.999  -7.356  1.00 12.00  ? 109 ASP A CB  1 
ATOM   643  C  CG  . ASP A 1 78  ? 8.701   12.498  -8.179  1.00 17.14  ? 109 ASP A CG  1 
ATOM   644  O  OD1 . ASP A 1 78  ? 9.783   12.245  -7.598  1.00 18.51  ? 109 ASP A OD1 1 
ATOM   645  O  OD2 . ASP A 1 78  ? 8.574   12.359  -9.416  1.00 20.57  ? 109 ASP A OD2 1 
ATOM   646  N  N   . PHE A 1 79  ? 5.332   12.724  -5.048  1.00 9.56   ? 110 PHE A N   1 
ATOM   647  C  CA  . PHE A 1 79  ? 4.232   13.334  -4.327  1.00 8.76   ? 110 PHE A CA  1 
ATOM   648  C  C   . PHE A 1 79  ? 4.435   13.331  -2.808  1.00 11.14  ? 110 PHE A C   1 
ATOM   649  O  O   . PHE A 1 79  ? 4.345   14.380  -2.174  1.00 10.84  ? 110 PHE A O   1 
ATOM   650  C  CB  . PHE A 1 79  ? 2.933   12.607  -4.672  1.00 11.40  ? 110 PHE A CB  1 
ATOM   651  C  CG  . PHE A 1 79  ? 1.760   13.013  -3.824  1.00 11.70  ? 110 PHE A CG  1 
ATOM   652  C  CD1 . PHE A 1 79  ? 1.201   14.270  -3.952  1.00 11.79  ? 110 PHE A CD1 1 
ATOM   653  C  CD2 . PHE A 1 79  ? 1.197   12.122  -2.919  1.00 13.83  ? 110 PHE A CD2 1 
ATOM   654  C  CE1 . PHE A 1 79  ? 0.100   14.640  -3.188  1.00 12.05  ? 110 PHE A CE1 1 
ATOM   655  C  CE2 . PHE A 1 79  ? 0.091   12.484  -2.157  1.00 12.46  ? 110 PHE A CE2 1 
ATOM   656  C  CZ  . PHE A 1 79  ? -0.453  13.749  -2.295  1.00 10.77  ? 110 PHE A CZ  1 
ATOM   657  N  N   . ILE A 1 80  ? 4.690   12.160  -2.226  1.00 7.70   ? 111 ILE A N   1 
ATOM   658  C  CA  . ILE A 1 80  ? 4.835   12.065  -0.776  1.00 10.73  ? 111 ILE A CA  1 
ATOM   659  C  C   . ILE A 1 80  ? 6.048   12.864  -0.297  1.00 9.92   ? 111 ILE A C   1 
ATOM   660  O  O   . ILE A 1 80  ? 6.112   13.301  0.841   0.00 12.01  ? 111 ILE A O   1 
ATOM   661  C  CB  . ILE A 1 80  ? 4.938   10.590  -0.318  1.00 7.59   ? 111 ILE A CB  1 
ATOM   662  C  CG1 . ILE A 1 80  ? 6.171   9.916   -0.930  1.00 7.48   ? 111 ILE A CG1 1 
ATOM   663  C  CG2 . ILE A 1 80  ? 3.684   9.850   -0.714  1.00 6.26   ? 111 ILE A CG2 1 
ATOM   664  C  CD1 . ILE A 1 80  ? 6.357   8.456   -0.496  1.00 7.35   ? 111 ILE A CD1 1 
ATOM   665  N  N   . HIS A 1 81  ? 7.007   13.014  -1.202  1.00 13.78  ? 112 HIS A N   1 
ATOM   666  C  CA  . HIS A 1 81  ? 8.200   13.789  -0.926  1.00 16.45  ? 112 HIS A CA  1 
ATOM   667  C  C   . HIS A 1 81  ? 7.852   15.273  -1.040  1.00 16.86  ? 112 HIS A C   1 
ATOM   668  O  O   . HIS A 1 81  ? 8.296   16.089  -0.236  1.00 17.45  ? 112 HIS A O   1 
ATOM   669  C  CB  . HIS A 1 81  ? 9.301   13.441  -1.917  1.00 20.75  ? 112 HIS A CB  1 
ATOM   670  C  CG  . HIS A 1 81  ? 10.527  14.285  -1.764  1.00 30.39  ? 112 HIS A CG  1 
ATOM   671  N  ND1 . HIS A 1 81  ? 11.311  14.262  -0.630  1.00 34.02  ? 112 HIS A ND1 1 
ATOM   672  C  CD2 . HIS A 1 81  ? 11.084  15.205  -2.587  1.00 34.61  ? 112 HIS A CD2 1 
ATOM   673  C  CE1 . HIS A 1 81  ? 12.297  15.130  -0.761  1.00 32.36  ? 112 HIS A CE1 1 
ATOM   674  N  NE2 . HIS A 1 81  ? 12.182  15.715  -1.940  1.00 32.83  ? 112 HIS A NE2 1 
ATOM   675  N  N   . GLY A 1 82  ? 7.037   15.601  -2.039  1.00 13.40  ? 113 GLY A N   1 
ATOM   676  C  CA  . GLY A 1 82  ? 6.621   16.971  -2.255  1.00 11.38  ? 113 GLY A CA  1 
ATOM   677  C  C   . GLY A 1 82  ? 5.768   17.548  -1.132  1.00 13.44  ? 113 GLY A C   1 
ATOM   678  O  O   . GLY A 1 82  ? 5.940   18.713  -0.773  1.00 7.72   ? 113 GLY A O   1 
ATOM   679  N  N   . ILE A 1 83  ? 4.858   16.746  -0.574  1.00 8.65   ? 114 ILE A N   1 
ATOM   680  C  CA  . ILE A 1 83  ? 3.989   17.217  0.501   1.00 10.21  ? 114 ILE A CA  1 
ATOM   681  C  C   . ILE A 1 83  ? 4.658   17.189  1.872   1.00 12.86  ? 114 ILE A C   1 
ATOM   682  O  O   . ILE A 1 83  ? 4.059   17.602  2.866   1.00 12.78  ? 114 ILE A O   1 
ATOM   683  C  CB  . ILE A 1 83  ? 2.711   16.373  0.627   1.00 11.40  ? 114 ILE A CB  1 
ATOM   684  C  CG1 . ILE A 1 83  ? 3.089   14.921  0.950   1.00 6.76   ? 114 ILE A CG1 1 
ATOM   685  C  CG2 . ILE A 1 83  ? 1.850   16.513  -0.617  1.00 11.73  ? 114 ILE A CG2 1 
ATOM   686  C  CD1 . ILE A 1 83  ? 1.898   14.028  1.183   1.00 14.34  ? 114 ILE A CD1 1 
ATOM   687  N  N   . GLY A 1 84  ? 5.872   16.658  1.940   1.00 12.43  ? 115 GLY A N   1 
ATOM   688  C  CA  . GLY A 1 84  ? 6.552   16.643  3.200   0.00 12.72  ? 115 GLY A CA  1 
ATOM   689  C  C   . GLY A 1 84  ? 6.368   15.442  4.096   1.00 13.76  ? 115 GLY A C   1 
ATOM   690  O  O   . GLY A 1 84  ? 6.514   15.578  5.314   1.00 14.77  ? 115 GLY A O   1 
ATOM   691  N  N   . LEU A 1 85  ? 5.971   14.291  3.556   1.00 9.96   ? 116 LEU A N   1 
ATOM   692  C  CA  . LEU A 1 85  ? 5.840   13.110  4.408   1.00 8.31   ? 116 LEU A CA  1 
ATOM   693  C  C   . LEU A 1 85  ? 7.264   12.723  4.812   1.00 9.42   ? 116 LEU A C   1 
ATOM   694  O  O   . LEU A 1 85  ? 8.154   12.676  3.960   1.00 12.31  ? 116 LEU A O   1 
ATOM   695  C  CB  . LEU A 1 85  ? 5.183   11.958  3.647   1.00 6.12   ? 116 LEU A CB  1 
ATOM   696  C  CG  . LEU A 1 85  ? 4.961   10.674  4.452   1.00 5.40   ? 116 LEU A CG  1 
ATOM   697  C  CD1 . LEU A 1 85  ? 3.831   10.890  5.430   1.00 5.14   ? 116 LEU A CD1 1 
ATOM   698  C  CD2 . LEU A 1 85  ? 4.620   9.517   3.520   1.00 6.52   ? 116 LEU A CD2 1 
ATOM   699  N  N   . PRO A 1 86  ? 7.508   12.468  6.108   1.00 9.74   ? 117 PRO A N   1 
ATOM   700  C  CA  . PRO A 1 86  ? 8.857   12.100  6.562   1.00 10.71  ? 117 PRO A CA  1 
ATOM   701  C  C   . PRO A 1 86  ? 9.456   10.981  5.716   1.00 11.55  ? 117 PRO A C   1 
ATOM   702  O  O   . PRO A 1 86  ? 8.777   10.007  5.403   1.00 13.11  ? 117 PRO A O   1 
ATOM   703  C  CB  . PRO A 1 86  ? 8.625   11.673  8.012   1.00 10.50  ? 117 PRO A CB  1 
ATOM   704  C  CG  . PRO A 1 86  ? 7.517   12.569  8.436   1.00 11.16  ? 117 PRO A CG  1 
ATOM   705  C  CD  . PRO A 1 86  ? 6.565   12.507  7.240   1.00 9.84   ? 117 PRO A CD  1 
ATOM   706  N  N   . GLU A 1 87  ? 10.727  11.124  5.359   1.00 12.72  ? 118 GLU A N   1 
ATOM   707  C  CA  . GLU A 1 87  ? 11.394  10.158  4.500   1.00 16.23  ? 118 GLU A CA  1 
ATOM   708  C  C   . GLU A 1 87  ? 11.435  8.738   5.047   1.00 16.14  ? 118 GLU A C   1 
ATOM   709  O  O   . GLU A 1 87  ? 11.398  7.776   4.277   1.00 17.74  ? 118 GLU A O   1 
ATOM   710  C  CB  . GLU A 1 87  ? 12.801  10.652  4.154   1.00 19.46  ? 118 GLU A CB  1 
ATOM   711  C  CG  . GLU A 1 87  ? 12.764  11.974  3.396   1.00 27.16  ? 118 GLU A CG  1 
ATOM   712  C  CD  . GLU A 1 87  ? 14.141  12.522  3.071   1.00 34.74  ? 118 GLU A CD  1 
ATOM   713  O  OE1 . GLU A 1 87  ? 14.233  13.723  2.717   1.00 35.40  ? 118 GLU A OE1 1 
ATOM   714  O  OE2 . GLU A 1 87  ? 15.130  11.757  3.167   1.00 36.07  ? 118 GLU A OE2 1 
ATOM   715  N  N   . ILE A 1 88  ? 11.483  8.601   6.369   1.00 16.51  ? 119 ILE A N   1 
ATOM   716  C  CA  . ILE A 1 88  ? 11.516  7.283   6.994   1.00 16.47  ? 119 ILE A CA  1 
ATOM   717  C  C   . ILE A 1 88  ? 10.317  6.430   6.577   1.00 17.70  ? 119 ILE A C   1 
ATOM   718  O  O   . ILE A 1 88  ? 10.365  5.207   6.680   1.00 18.99  ? 119 ILE A O   1 
ATOM   719  C  CB  . ILE A 1 88  ? 11.534  7.385   8.544   1.00 18.22  ? 119 ILE A CB  1 
ATOM   720  C  CG1 . ILE A 1 88  ? 11.670  5.984   9.163   1.00 21.01  ? 119 ILE A CG1 1 
ATOM   721  C  CG2 . ILE A 1 88  ? 10.270  8.069   9.043   1.00 15.65  ? 119 ILE A CG2 1 
ATOM   722  C  CD1 . ILE A 1 88  ? 11.661  5.954   10.686  1.00 23.03  ? 119 ILE A CD1 1 
ATOM   723  N  N   . PHE A 1 89  ? 9.246   7.075   6.113   1.00 16.40  ? 120 PHE A N   1 
ATOM   724  C  CA  . PHE A 1 89  ? 8.031   6.366   5.692   1.00 18.39  ? 120 PHE A CA  1 
ATOM   725  C  C   . PHE A 1 89  ? 8.038   5.997   4.209   1.00 16.53  ? 120 PHE A C   1 
ATOM   726  O  O   . PHE A 1 89  ? 7.202   5.222   3.767   1.00 17.93  ? 120 PHE A O   1 
ATOM   727  C  CB  . PHE A 1 89  ? 6.775   7.210   5.981   1.00 15.41  ? 120 PHE A CB  1 
ATOM   728  C  CG  . PHE A 1 89  ? 6.563   7.510   7.434   1.00 12.65  ? 120 PHE A CG  1 
ATOM   729  C  CD1 . PHE A 1 89  ? 6.397   8.816   7.866   1.00 11.89  ? 120 PHE A CD1 1 
ATOM   730  C  CD2 . PHE A 1 89  ? 6.552   6.489   8.374   1.00 14.32  ? 120 PHE A CD2 1 
ATOM   731  C  CE1 . PHE A 1 89  ? 6.233   9.104   9.215   1.00 12.59  ? 120 PHE A CE1 1 
ATOM   732  C  CE2 . PHE A 1 89  ? 6.385   6.766   9.728   1.00 13.41  ? 120 PHE A CE2 1 
ATOM   733  C  CZ  . PHE A 1 89  ? 6.227   8.071   10.149  1.00 11.99  ? 120 PHE A CZ  1 
ATOM   734  N  N   . HIS A 1 90  ? 8.968   6.564   3.447   1.00 17.00  ? 121 HIS A N   1 
ATOM   735  C  CA  . HIS A 1 90  ? 9.077   6.325   2.021   0.00 17.51  ? 121 HIS A CA  1 
ATOM   736  C  C   . HIS A 1 90  ? 9.655   4.945   1.705   1.00 17.64  ? 121 HIS A C   1 
ATOM   737  O  O   . HIS A 1 90  ? 10.236  4.285   2.566   1.00 17.87  ? 121 HIS A O   1 
ATOM   738  C  CB  . HIS A 1 90  ? 9.967   7.337   1.374   1.00 16.12  ? 121 HIS A CB  1 
ATOM   739  C  CG  . HIS A 1 90  ? 9.512   8.759   1.485   1.00 15.21  ? 121 HIS A CG  1 
ATOM   740  N  ND1 . HIS A 1 90  ? 8.481   9.151   2.316   1.00 16.40  ? 121 HIS A ND1 1 
ATOM   741  C  CD2 . HIS A 1 90  ? 9.958   9.888   0.888   1.00 13.14  ? 121 HIS A CD2 1 
ATOM   742  C  CE1 . HIS A 1 90  ? 8.313   10.457  2.224   1.00 15.08  ? 121 HIS A CE1 1 
ATOM   743  N  NE2 . HIS A 1 90  ? 9.199   10.931  1.365   1.00 13.38  ? 121 HIS A NE2 1 
ATOM   744  N  N   . PHE A 1 91  ? 9.412   4.481   0.479   1.00 19.87  ? 122 PHE A N   1 
ATOM   745  C  CA  . PHE A 1 91  ? 9.936   3.197   0.014   1.00 16.45  ? 122 PHE A CA  1 
ATOM   746  C  C   . PHE A 1 91  ? 10.614  3.448   -1.323  1.00 16.19  ? 122 PHE A C   1 
ATOM   747  O  O   . PHE A 1 91  ? 10.422  4.499   -1.920  1.00 16.25  ? 122 PHE A O   1 
ATOM   748  C  CB  . PHE A 1 91  ? 8.823   2.141   -0.113  1.00 13.30  ? 122 PHE A CB  1 
ATOM   749  C  CG  . PHE A 1 91  ? 7.744   2.494   -1.097  1.00 14.26  ? 122 PHE A CG  1 
ATOM   750  C  CD1 . PHE A 1 91  ? 8.000   2.509   -2.460  1.00 11.71  ? 122 PHE A CD1 1 
ATOM   751  C  CD2 . PHE A 1 91  ? 6.467   2.819   -0.653  1.00 12.55  ? 122 PHE A CD2 1 
ATOM   752  C  CE1 . PHE A 1 91  ? 7.009   2.851   -3.359  1.00 12.69  ? 122 PHE A CE1 1 
ATOM   753  C  CE2 . PHE A 1 91  ? 5.472   3.156   -1.549  1.00 10.52  ? 122 PHE A CE2 1 
ATOM   754  C  CZ  . PHE A 1 91  ? 5.740   3.174   -2.902  1.00 13.11  ? 122 PHE A CZ  1 
ATOM   755  N  N   . GLU A 1 92  ? 11.410  2.492   -1.786  1.00 19.69  ? 123 GLU A N   1 
ATOM   756  C  CA  . GLU A 1 92  ? 12.145  2.628   -3.046  1.00 20.00  ? 123 GLU A CA  1 
ATOM   757  C  C   . GLU A 1 92  ? 11.447  1.886   -4.189  1.00 17.09  ? 123 GLU A C   1 
ATOM   758  O  O   . GLU A 1 92  ? 10.613  1.010   -3.963  1.00 14.09  ? 123 GLU A O   1 
ATOM   759  C  CB  . GLU A 1 92  ? 13.562  2.067   -2.894  1.00 24.71  ? 123 GLU A CB  1 
ATOM   760  C  CG  . GLU A 1 92  ? 14.270  2.477   -1.614  1.00 35.69  ? 123 GLU A CG  1 
ATOM   761  C  CD  . GLU A 1 92  ? 14.539  3.968   -1.545  1.00 43.30  ? 123 GLU A CD  1 
ATOM   762  O  OE1 . GLU A 1 92  ? 15.000  4.438   -0.480  1.00 44.36  ? 123 GLU A OE1 1 
ATOM   763  O  OE2 . GLU A 1 92  ? 14.300  4.667   -2.558  1.00 44.38  ? 123 GLU A OE2 1 
ATOM   764  N  N   . LEU A 1 93  ? 11.812  2.236   -5.415  1.00 14.39  ? 124 LEU A N   1 
ATOM   765  C  CA  . LEU A 1 93  ? 11.231  1.609   -6.593  1.00 17.41  ? 124 LEU A CA  1 
ATOM   766  C  C   . LEU A 1 93  ? 11.387  0.079   -6.574  1.00 16.06  ? 124 LEU A C   1 
ATOM   767  O  O   . LEU A 1 93  ? 10.452  -0.650  -6.903  1.00 15.89  ? 124 LEU A O   1 
ATOM   768  C  CB  . LEU A 1 93  ? 11.870  2.195   -7.857  1.00 17.52  ? 124 LEU A CB  1 
ATOM   769  C  CG  . LEU A 1 93  ? 11.348  1.706   -9.214  1.00 25.53  ? 124 LEU A CG  1 
ATOM   770  C  CD1 . LEU A 1 93  ? 9.852   1.975   -9.368  1.00 16.75  ? 124 LEU A CD1 1 
ATOM   771  C  CD2 . LEU A 1 93  ? 12.141  2.390   -10.327 1.00 23.74  ? 124 LEU A CD2 1 
ATOM   772  N  N   . THR A 1 94  ? 12.565  -0.401  -6.180  1.00 14.63  ? 125 THR A N   1 
ATOM   773  C  CA  . THR A 1 94  ? 12.827  -1.841  -6.117  1.00 15.17  ? 125 THR A CA  1 
ATOM   774  C  C   . THR A 1 94  ? 11.897  -2.583  -5.148  1.00 16.19  ? 125 THR A C   1 
ATOM   775  O  O   . THR A 1 94  ? 11.565  -3.750  -5.376  1.00 17.37  ? 125 THR A O   1 
ATOM   776  C  CB  . THR A 1 94  ? 14.295  -2.139  -5.696  1.00 18.15  ? 125 THR A CB  1 
ATOM   777  O  OG1 . THR A 1 94  ? 15.187  -1.215  -6.328  1.00 22.88  ? 125 THR A OG1 1 
ATOM   778  C  CG2 . THR A 1 94  ? 14.706  -3.526  -6.173  1.00 22.71  ? 125 THR A CG2 1 
ATOM   779  N  N   . ASP A 1 95  ? 11.497  -1.920  -4.064  1.00 12.09  ? 126 ASP A N   1 
ATOM   780  C  CA  . ASP A 1 95  ? 10.609  -2.531  -3.074  1.00 14.83  ? 126 ASP A CA  1 
ATOM   781  C  C   . ASP A 1 95  ? 9.262   -2.914  -3.668  1.00 14.07  ? 126 ASP A C   1 
ATOM   782  O  O   . ASP A 1 95  ? 8.648   -3.891  -3.244  1.00 14.11  ? 126 ASP A O   1 
ATOM   783  C  CB  . ASP A 1 95  ? 10.309  -1.603  -1.901  0.00 15.49  ? 126 ASP A CB  1 
ATOM   784  C  CG  . ASP A 1 95  ? 11.513  -1.188  -1.118  1.00 16.97  ? 126 ASP A CG  1 
ATOM   785  O  OD1 . ASP A 1 95  ? 12.410  -2.027  -0.891  1.00 17.32  ? 126 ASP A OD1 1 
ATOM   786  O  OD2 . ASP A 1 95  ? 11.652  0.009   -0.789  1.00 17.87  ? 126 ASP A OD2 1 
ATOM   787  N  N   . ILE A 1 96  ? 8.791   -2.127  -4.632  1.00 13.44  ? 127 ILE A N   1 
ATOM   788  C  CA  . ILE A 1 96  ? 7.483   -2.367  -5.230  1.00 12.63  ? 127 ILE A CA  1 
ATOM   789  C  C   . ILE A 1 96  ? 7.543   -2.976  -6.639  1.00 14.38  ? 127 ILE A C   1 
ATOM   790  O  O   . ILE A 1 96  ? 6.915   -4.007  -6.893  1.00 12.95  ? 127 ILE A O   1 
ATOM   791  C  CB  . ILE A 1 96  ? 6.630   -1.047  -5.230  1.00 12.94  ? 127 ILE A CB  1 
ATOM   792  C  CG1 . ILE A 1 96  ? 5.231   -1.316  -5.790  1.00 11.75  ? 127 ILE A CG1 1 
ATOM   793  C  CG2 . ILE A 1 96  ? 7.327   0.054   -6.036  1.00 8.21   ? 127 ILE A CG2 1 
ATOM   794  C  CD1 . ILE A 1 96  ? 4.254   -0.162  -5.582  1.00 17.58  ? 127 ILE A CD1 1 
ATOM   795  N  N   . TYR A 1 97  ? 8.299   -2.350  -7.541  1.00 12.64  ? 128 TYR A N   1 
ATOM   796  C  CA  . TYR A 1 97  ? 8.407   -2.838  -8.918  1.00 15.91  ? 128 TYR A CA  1 
ATOM   797  C  C   . TYR A 1 97  ? 8.884   -4.284  -8.972  1.00 17.91  ? 128 TYR A C   1 
ATOM   798  O  O   . TYR A 1 97  ? 8.196   -5.163  -9.499  1.00 17.20  ? 128 TYR A O   1 
ATOM   799  C  CB  . TYR A 1 97  ? 9.374   -1.982  -9.734  1.00 14.90  ? 128 TYR A CB  1 
ATOM   800  C  CG  . TYR A 1 97  ? 9.425   -2.402  -11.185 1.00 17.00  ? 128 TYR A CG  1 
ATOM   801  C  CD1 . TYR A 1 97  ? 8.277   -2.350  -11.972 1.00 18.97  ? 128 TYR A CD1 1 
ATOM   802  C  CD2 . TYR A 1 97  ? 10.604  -2.880  -11.763 1.00 14.76  ? 128 TYR A CD2 1 
ATOM   803  C  CE1 . TYR A 1 97  ? 8.292   -2.755  -13.295 1.00 23.29  ? 128 TYR A CE1 1 
ATOM   804  C  CE2 . TYR A 1 97  ? 10.631  -3.292  -13.096 1.00 18.14  ? 128 TYR A CE2 1 
ATOM   805  C  CZ  . TYR A 1 97  ? 9.464   -3.224  -13.853 1.00 21.42  ? 128 TYR A CZ  1 
ATOM   806  O  OH  . TYR A 1 97  ? 9.440   -3.628  -15.168 1.00 25.34  ? 128 TYR A OH  1 
ATOM   807  N  N   . GLU A 1 98  ? 10.078  -4.520  -8.442  1.00 19.77  ? 129 GLU A N   1 
ATOM   808  C  CA  . GLU A 1 98  ? 10.619  -5.867  -8.382  1.00 22.16  ? 129 GLU A CA  1 
ATOM   809  C  C   . GLU A 1 98  ? 9.994   -6.590  -7.206  1.00 23.17  ? 129 GLU A C   1 
ATOM   810  O  O   . GLU A 1 98  ? 10.190  -7.791  -7.026  1.00 25.71  ? 129 GLU A O   1 
ATOM   811  C  CB  . GLU A 1 98  ? 12.132  -5.823  -8.221  1.00 24.53  ? 129 GLU A CB  1 
ATOM   812  C  CG  . GLU A 1 98  ? 12.846  -5.195  -9.398  1.00 27.18  ? 129 GLU A CG  1 
ATOM   813  C  CD  . GLU A 1 98  ? 14.329  -5.050  -9.154  1.00 36.12  ? 129 GLU A CD  1 
ATOM   814  O  OE1 . GLU A 1 98  ? 14.956  -6.047  -8.729  1.00 35.46  ? 129 GLU A OE1 1 
ATOM   815  O  OE2 . GLU A 1 98  ? 14.870  -3.942  -9.383  1.00 36.02  ? 129 GLU A OE2 1 
ATOM   816  N  N   . GLY A 1 99  ? 9.239   -5.843  -6.405  1.00 23.94  ? 130 GLY A N   1 
ATOM   817  C  CA  . GLY A 1 99  ? 8.536   -6.404  -5.263  0.00 24.75  ? 130 GLY A CA  1 
ATOM   818  C  C   . GLY A 1 99  ? 9.414   -7.033  -4.214  1.00 24.99  ? 130 GLY A C   1 
ATOM   819  O  O   . GLY A 1 99  ? 9.101   -8.120  -3.729  1.00 24.91  ? 130 GLY A O   1 
ATOM   820  N  N   . LYS A 1 100 ? 10.538  -6.402  -3.888  1.00 24.23  ? 131 LYS A N   1 
ATOM   821  C  CA  . LYS A 1 100 ? 11.444  -6.958  -2.883  1.00 24.71  ? 131 LYS A CA  1 
ATOM   822  C  C   . LYS A 1 100 ? 11.005  -6.633  -1.446  1.00 21.53  ? 131 LYS A C   1 
ATOM   823  O  O   . LYS A 1 100 ? 11.467  -7.261  -0.496  1.00 18.13  ? 131 LYS A O   1 
ATOM   824  C  CB  . LYS A 1 100 ? 12.871  -6.454  -3.113  1.00 26.37  ? 131 LYS A CB  1 
ATOM   825  C  CG  . LYS A 1 100 ? 13.067  -4.982  -2.771  1.00 39.22  ? 131 LYS A CG  1 
ATOM   826  C  CD  . LYS A 1 100 ? 14.490  -4.520  -3.068  1.00 47.69  ? 131 LYS A CD  1 
ATOM   827  C  CE  . LYS A 1 100 ? 14.713  -3.073  -2.646  1.00 43.86  ? 131 LYS A CE  1 
ATOM   828  N  NZ  . LYS A 1 100 ? 16.150  -2.681  -2.791  1.00 55.01  ? 131 LYS A NZ  1 
ATOM   829  N  N   . ASN A 1 101 ? 10.119  -5.652  -1.294  1.00 21.19  ? 132 ASN A N   1 
ATOM   830  C  CA  . ASN A 1 101 ? 9.642   -5.246  0.030   1.00 17.84  ? 132 ASN A CA  1 
ATOM   831  C  C   . ASN A 1 101 ? 8.274   -4.571  -0.063  1.00 15.19  ? 132 ASN A C   1 
ATOM   832  O  O   . ASN A 1 101 ? 8.140   -3.365  0.174   1.00 11.54  ? 132 ASN A O   1 
ATOM   833  C  CB  . ASN A 1 101 ? 10.641  -4.318  0.724   0.00 18.05  ? 132 ASN A CB  1 
ATOM   834  C  CG  . ASN A 1 101 ? 10.506  -4.382  2.241   1.00 17.76  ? 132 ASN A CG  1 
ATOM   835  O  OD1 . ASN A 1 101 ? 9.405   -4.570  2.757   1.00 15.60  ? 132 ASN A OD1 1 
ATOM   836  N  ND2 . ASN A 1 101 ? 11.599  -4.140  2.960   1.00 18.51  ? 132 ASN A ND2 1 
ATOM   837  N  N   . LEU A 1 102 ? 7.259   -5.362  -0.403  1.00 13.54  ? 133 LEU A N   1 
ATOM   838  C  CA  . LEU A 1 102 ? 5.888   -4.861  -0.536  1.00 12.17  ? 133 LEU A CA  1 
ATOM   839  C  C   . LEU A 1 102 ? 5.276   -4.377  0.782   1.00 10.82  ? 133 LEU A C   1 
ATOM   840  O  O   . LEU A 1 102 ? 4.426   -3.482  0.787   1.00 11.23  ? 133 LEU A O   1 
ATOM   841  C  CB  . LEU A 1 102 ? 5.000   -5.928  -1.182  1.00 10.17  ? 133 LEU A CB  1 
ATOM   842  C  CG  . LEU A 1 102 ? 5.242   -6.098  -2.692  1.00 13.84  ? 133 LEU A CG  1 
ATOM   843  C  CD1 . LEU A 1 102 ? 4.509   -7.336  -3.220  1.00 13.79  ? 133 LEU A CD1 1 
ATOM   844  C  CD2 . LEU A 1 102 ? 4.785   -4.846  -3.435  1.00 9.07   ? 133 LEU A CD2 1 
ATOM   845  N  N   . PRO A 1 103 ? 5.668   -4.989  1.909   1.00 11.08  ? 134 PRO A N   1 
ATOM   846  C  CA  . PRO A 1 103 ? 5.158   -4.542  3.209   1.00 11.09  ? 134 PRO A CA  1 
ATOM   847  C  C   . PRO A 1 103 ? 5.533   -3.087  3.518   1.00 10.71  ? 134 PRO A C   1 
ATOM   848  O  O   . PRO A 1 103 ? 4.847   -2.406  4.287   1.00 11.82  ? 134 PRO A O   1 
ATOM   849  C  CB  . PRO A 1 103 ? 5.812   -5.522  4.188   1.00 8.77   ? 134 PRO A CB  1 
ATOM   850  C  CG  . PRO A 1 103 ? 5.868   -6.786  3.385   1.00 10.23  ? 134 PRO A CG  1 
ATOM   851  C  CD  . PRO A 1 103 ? 6.332   -6.304  2.029   1.00 8.62   ? 134 PRO A CD  1 
ATOM   852  N  N   . LYS A 1 104 ? 6.625   -2.613  2.930   1.00 11.17  ? 135 LYS A N   1 
ATOM   853  C  CA  . LYS A 1 104 ? 7.050   -1.235  3.148   1.00 14.51  ? 135 LYS A CA  1 
ATOM   854  C  C   . LYS A 1 104 ? 6.121   -0.296  2.397   1.00 14.33  ? 135 LYS A C   1 
ATOM   855  O  O   . LYS A 1 104 ? 5.961   0.868   2.768   1.00 14.24  ? 135 LYS A O   1 
ATOM   856  C  CB  . LYS A 1 104 ? 8.492   -1.025  2.684   1.00 18.39  ? 135 LYS A CB  1 
ATOM   857  C  CG  . LYS A 1 104 ? 9.051   0.345   3.017   1.00 23.27  ? 135 LYS A CG  1 
ATOM   858  C  CD  . LYS A 1 104 ? 10.548  0.429   2.742   1.00 27.86  ? 135 LYS A CD  1 
ATOM   859  C  CE  . LYS A 1 104 ? 11.309  -0.638  3.513   1.00 30.00  ? 135 LYS A CE  1 
ATOM   860  N  NZ  . LYS A 1 104 ? 12.781  -0.545  3.273   1.00 30.82  ? 135 LYS A NZ  1 
ATOM   861  N  N   . VAL A 1 105 ? 5.507   -0.804  1.333   1.00 13.24  ? 136 VAL A N   1 
ATOM   862  C  CA  . VAL A 1 105 ? 4.550   -0.011  0.572   1.00 10.82  ? 136 VAL A CA  1 
ATOM   863  C  C   . VAL A 1 105 ? 3.303   0.162   1.431   1.00 9.00   ? 136 VAL A C   1 
ATOM   864  O  O   . VAL A 1 105 ? 2.801   1.273   1.601   1.00 8.95   ? 136 VAL A O   1 
ATOM   865  C  CB  . VAL A 1 105 ? 4.182   -0.704  -0.761  1.00 12.81  ? 136 VAL A CB  1 
ATOM   866  C  CG1 . VAL A 1 105 ? 3.024   0.012   -1.429  1.00 10.23  ? 136 VAL A CG1 1 
ATOM   867  C  CG2 . VAL A 1 105 ? 5.395   -0.718  -1.687  1.00 11.12  ? 136 VAL A CG2 1 
ATOM   868  N  N   . ILE A 1 106 ? 2.818   -0.948  1.980   1.00 6.97   ? 137 ILE A N   1 
ATOM   869  C  CA  . ILE A 1 106 ? 1.648   -0.938  2.847   1.00 6.74   ? 137 ILE A CA  1 
ATOM   870  C  C   . ILE A 1 106 ? 1.908   -0.010  4.034   1.00 8.86   ? 137 ILE A C   1 
ATOM   871  O  O   . ILE A 1 106 ? 1.023   0.717   4.474   1.00 10.73  ? 137 ILE A O   1 
ATOM   872  C  CB  . ILE A 1 106 ? 1.338   -2.365  3.359   1.00 7.28   ? 137 ILE A CB  1 
ATOM   873  C  CG1 . ILE A 1 106 ? 1.067   -3.301  2.172   1.00 9.55   ? 137 ILE A CG1 1 
ATOM   874  C  CG2 . ILE A 1 106 ? 0.154   -2.350  4.301   1.00 4.94   ? 137 ILE A CG2 1 
ATOM   875  C  CD1 . ILE A 1 106 ? 0.025   -2.767  1.186   1.00 6.71   ? 137 ILE A CD1 1 
ATOM   876  N  N   . TYR A 1 107 ? 3.136   -0.059  4.547   1.00 10.87  ? 138 TYR A N   1 
ATOM   877  C  CA  . TYR A 1 107 ? 3.563   0.782   5.665   1.00 9.63   ? 138 TYR A CA  1 
ATOM   878  C  C   . TYR A 1 107 ? 3.507   2.247   5.240   1.00 8.03   ? 138 TYR A C   1 
ATOM   879  O  O   . TYR A 1 107 ? 2.986   3.097   5.956   1.00 6.44   ? 138 TYR A O   1 
ATOM   880  C  CB  . TYR A 1 107 ? 4.992   0.406   6.068   1.00 11.42  ? 138 TYR A CB  1 
ATOM   881  C  CG  . TYR A 1 107 ? 5.583   1.242   7.187   1.00 11.78  ? 138 TYR A CG  1 
ATOM   882  C  CD1 . TYR A 1 107 ? 5.000   1.273   8.455   1.00 13.42  ? 138 TYR A CD1 1 
ATOM   883  C  CD2 . TYR A 1 107 ? 6.737   1.989   6.978   1.00 11.99  ? 138 TYR A CD2 1 
ATOM   884  C  CE1 . TYR A 1 107 ? 5.560   2.037   9.481   1.00 14.01  ? 138 TYR A CE1 1 
ATOM   885  C  CE2 . TYR A 1 107 ? 7.299   2.754   7.988   1.00 11.29  ? 138 TYR A CE2 1 
ATOM   886  C  CZ  . TYR A 1 107 ? 6.709   2.776   9.232   1.00 12.20  ? 138 TYR A CZ  1 
ATOM   887  O  OH  . TYR A 1 107 ? 7.258   3.558   10.216  1.00 17.48  ? 138 TYR A OH  1 
ATOM   888  N  N   . CYS A 1 108 ? 4.038   2.534   4.060   1.00 7.93   ? 139 CYS A N   1 
ATOM   889  C  CA  . CYS A 1 108 ? 4.033   3.890   3.554   1.00 8.36   ? 139 CYS A CA  1 
ATOM   890  C  C   . CYS A 1 108 ? 2.596   4.396   3.437   1.00 9.60   ? 139 CYS A C   1 
ATOM   891  O  O   . CYS A 1 108 ? 2.297   5.542   3.808   1.00 8.93   ? 139 CYS A O   1 
ATOM   892  C  CB  . CYS A 1 108 ? 4.743   3.954   2.199   1.00 12.05  ? 139 CYS A CB  1 
ATOM   893  S  SG  . CYS A 1 108 ? 4.677   5.581   1.409   1.00 12.73  ? 139 CYS A SG  1 
ATOM   894  N  N   . ILE A 1 109 ? 1.697   3.541   2.954   1.00 8.69   ? 140 ILE A N   1 
ATOM   895  C  CA  . ILE A 1 109 ? 0.295   3.928   2.797   1.00 8.20   ? 140 ILE A CA  1 
ATOM   896  C  C   . ILE A 1 109 ? -0.381  4.278   4.129   1.00 11.02  ? 140 ILE A C   1 
ATOM   897  O  O   . ILE A 1 109 ? -1.197  5.199   4.195   1.00 8.38   ? 140 ILE A O   1 
ATOM   898  C  CB  . ILE A 1 109 ? -0.500  2.818   2.089   1.00 9.56   ? 140 ILE A CB  1 
ATOM   899  C  CG1 . ILE A 1 109 ? -0.051  2.723   0.623   1.00 9.36   ? 140 ILE A CG1 1 
ATOM   900  C  CG2 . ILE A 1 109 ? -2.000  3.084   2.202   1.00 8.45   ? 140 ILE A CG2 1 
ATOM   901  C  CD1 . ILE A 1 109 ? -0.677  1.595   -0.146  1.00 8.91   ? 140 ILE A CD1 1 
ATOM   902  N  N   . HIS A 1 110 ? -0.048  3.536   5.185   1.00 9.06   ? 141 HIS A N   1 
ATOM   903  C  CA  . HIS A 1 110 ? -0.620  3.802   6.500   1.00 8.68   ? 141 HIS A CA  1 
ATOM   904  C  C   . HIS A 1 110 ? -0.135  5.174   7.004   1.00 10.37  ? 141 HIS A C   1 
ATOM   905  O  O   . HIS A 1 110 ? -0.929  5.991   7.475   1.00 7.80   ? 141 HIS A O   1 
ATOM   906  C  CB  . HIS A 1 110 ? -0.214  2.716   7.511   1.00 8.25   ? 141 HIS A CB  1 
ATOM   907  C  CG  . HIS A 1 110 ? -1.063  1.479   7.469   1.00 8.14   ? 141 HIS A CG  1 
ATOM   908  N  ND1 . HIS A 1 110 ? -1.764  1.027   8.566   1.00 7.14   ? 141 HIS A ND1 1 
ATOM   909  C  CD2 . HIS A 1 110 ? -1.276  0.570   6.485   1.00 5.48   ? 141 HIS A CD2 1 
ATOM   910  C  CE1 . HIS A 1 110 ? -2.374  -0.106  8.263   1.00 8.24   ? 141 HIS A CE1 1 
ATOM   911  N  NE2 . HIS A 1 110 ? -2.089  -0.410  7.008   1.00 4.92   ? 141 HIS A NE2 1 
ATOM   912  N  N   . ALA A 1 111 ? 1.169   5.418   6.895   1.00 7.83   ? 142 ALA A N   1 
ATOM   913  C  CA  . ALA A 1 111 ? 1.761   6.669   7.363   1.00 9.13   ? 142 ALA A CA  1 
ATOM   914  C  C   . ALA A 1 111 ? 1.159   7.852   6.600   1.00 10.44  ? 142 ALA A C   1 
ATOM   915  O  O   . ALA A 1 111 ? 0.815   8.875   7.196   1.00 10.67  ? 142 ALA A O   1 
ATOM   916  C  CB  . ALA A 1 111 ? 3.276   6.632   7.187   1.00 8.21   ? 142 ALA A CB  1 
ATOM   917  N  N   . LEU A 1 112 ? 1.026   7.705   5.283   1.00 10.66  ? 143 LEU A N   1 
ATOM   918  C  CA  . LEU A 1 112 ? 0.415   8.749   4.472   1.00 10.62  ? 143 LEU A CA  1 
ATOM   919  C  C   . LEU A 1 112 ? -1.018  9.014   4.947   1.00 12.21  ? 143 LEU A C   1 
ATOM   920  O  O   . LEU A 1 112 ? -1.417  10.166  5.110   1.00 13.15  ? 143 LEU A O   1 
ATOM   921  C  CB  . LEU A 1 112 ? 0.394   8.347   2.998   1.00 10.87  ? 143 LEU A CB  1 
ATOM   922  C  CG  . LEU A 1 112 ? -0.222  9.372   2.035   1.00 10.89  ? 143 LEU A CG  1 
ATOM   923  C  CD1 . LEU A 1 112 ? 0.673   10.611  1.992   1.00 9.67   ? 143 LEU A CD1 1 
ATOM   924  C  CD2 . LEU A 1 112 ? -0.388  8.773   0.631   1.00 8.15   ? 143 LEU A CD2 1 
ATOM   925  N  N   . SER A 1 113 ? -1.789  7.954   5.182   1.00 10.08  ? 144 SER A N   1 
ATOM   926  C  CA  . SER A 1 113 ? -3.171  8.124   5.615   1.00 10.02  ? 144 SER A CA  1 
ATOM   927  C  C   . SER A 1 113 ? -3.252  8.975   6.879   1.00 11.52  ? 144 SER A C   1 
ATOM   928  O  O   . SER A 1 113 ? -4.129  9.841   7.002   1.00 9.12   ? 144 SER A O   1 
ATOM   929  C  CB  . SER A 1 113 ? -3.851  6.777   5.873   1.00 8.85   ? 144 SER A CB  1 
ATOM   930  O  OG  . SER A 1 113 ? -3.397  6.205   7.082   1.00 12.40  ? 144 SER A OG  1 
ATOM   931  N  N   . TYR A 1 114 ? -2.344  8.725   7.822   1.00 11.22  ? 145 TYR A N   1 
ATOM   932  C  CA  . TYR A 1 114 ? -2.322  9.482   9.069   1.00 12.98  ? 145 TYR A CA  1 
ATOM   933  C  C   . TYR A 1 114 ? -1.869  10.910  8.820   1.00 12.69  ? 145 TYR A C   1 
ATOM   934  O  O   . TYR A 1 114 ? -2.405  11.845  9.411   1.00 12.77  ? 145 TYR A O   1 
ATOM   935  C  CB  . TYR A 1 114 ? -1.396  8.825   10.102  1.00 14.65  ? 145 TYR A CB  1 
ATOM   936  C  CG  . TYR A 1 114 ? -1.960  7.555   10.713  1.00 21.17  ? 145 TYR A CG  1 
ATOM   937  C  CD1 . TYR A 1 114 ? -1.552  6.295   10.263  1.00 22.92  ? 145 TYR A CD1 1 
ATOM   938  C  CD2 . TYR A 1 114 ? -2.918  7.614   11.729  1.00 24.48  ? 145 TYR A CD2 1 
ATOM   939  C  CE1 . TYR A 1 114 ? -2.082  5.123   10.811  1.00 25.13  ? 145 TYR A CE1 1 
ATOM   940  C  CE2 . TYR A 1 114 ? -3.456  6.449   12.285  1.00 25.46  ? 145 TYR A CE2 1 
ATOM   941  C  CZ  . TYR A 1 114 ? -3.033  5.210   11.819  1.00 25.89  ? 145 TYR A CZ  1 
ATOM   942  O  OH  . TYR A 1 114 ? -3.559  4.055   12.351  1.00 27.80  ? 145 TYR A OH  1 
ATOM   943  N  N   . PHE A 1 115 ? -0.879  11.074  7.946   1.00 12.79  ? 146 PHE A N   1 
ATOM   944  C  CA  . PHE A 1 115 ? -0.350  12.398  7.631   1.00 12.17  ? 146 PHE A CA  1 
ATOM   945  C  C   . PHE A 1 115 ? -1.449  13.289  7.069   1.00 12.96  ? 146 PHE A C   1 
ATOM   946  O  O   . PHE A 1 115 ? -1.521  14.481  7.379   1.00 9.37   ? 146 PHE A O   1 
ATOM   947  C  CB  . PHE A 1 115 ? 0.784   12.290  6.606   1.00 14.89  ? 146 PHE A CB  1 
ATOM   948  C  CG  . PHE A 1 115 ? 1.470   13.602  6.308   1.00 14.09  ? 146 PHE A CG  1 
ATOM   949  C  CD1 . PHE A 1 115 ? 2.315   14.188  7.240   1.00 14.30  ? 146 PHE A CD1 1 
ATOM   950  C  CD2 . PHE A 1 115 ? 1.273   14.246  5.094   1.00 15.29  ? 146 PHE A CD2 1 
ATOM   951  C  CE1 . PHE A 1 115 ? 2.952   15.397  6.973   1.00 12.73  ? 146 PHE A CE1 1 
ATOM   952  C  CE2 . PHE A 1 115 ? 1.909   15.453  4.815   1.00 15.88  ? 146 PHE A CE2 1 
ATOM   953  C  CZ  . PHE A 1 115 ? 2.756   16.026  5.765   1.00 13.88  ? 146 PHE A CZ  1 
ATOM   954  N  N   . LEU A 1 116 ? -2.303  12.700  6.232   1.00 13.15  ? 147 LEU A N   1 
ATOM   955  C  CA  . LEU A 1 116 ? -3.390  13.444  5.607   1.00 12.14  ? 147 LEU A CA  1 
ATOM   956  C  C   . LEU A 1 116 ? -4.622  13.549  6.503   1.00 11.95  ? 147 LEU A C   1 
ATOM   957  O  O   . LEU A 1 116 ? -5.211  14.630  6.622   1.00 11.34  ? 147 LEU A O   1 
ATOM   958  C  CB  . LEU A 1 116 ? -3.774  12.807  4.270   1.00 9.86   ? 147 LEU A CB  1 
ATOM   959  C  CG  . LEU A 1 116 ? -2.681  12.674  3.207   1.00 10.68  ? 147 LEU A CG  1 
ATOM   960  C  CD1 . LEU A 1 116 ? -3.261  12.028  1.966   1.00 10.38  ? 147 LEU A CD1 1 
ATOM   961  C  CD2 . LEU A 1 116 ? -2.094  14.040  2.857   1.00 13.47  ? 147 LEU A CD2 1 
ATOM   962  N  N   . SER A 1 117 ? -5.017  12.436  7.123   1.00 9.37   ? 148 SER A N   1 
ATOM   963  C  CA  . SER A 1 117 ? -6.207  12.446  7.972   1.00 12.68  ? 148 SER A CA  1 
ATOM   964  C  C   . SER A 1 117 ? -6.049  13.380  9.180   1.00 12.14  ? 148 SER A C   1 
ATOM   965  O  O   . SER A 1 117 ? -7.013  14.000  9.617   1.00 11.37  ? 148 SER A O   1 
ATOM   966  C  CB  . SER A 1 117 ? -6.600  11.019  8.423   1.00 10.16  ? 148 SER A CB  1 
ATOM   967  O  OG  . SER A 1 117 ? -5.678  10.436  9.336   1.00 10.42  ? 148 SER A OG  1 
ATOM   968  N  N   . MET A 1 118 ? -4.834  13.487  9.706   1.00 14.51  ? 149 MET A N   1 
ATOM   969  C  CA  . MET A 1 118 ? -4.584  14.372  10.845  1.00 19.73  ? 149 MET A CA  1 
ATOM   970  C  C   . MET A 1 118 ? -4.817  15.834  10.450  1.00 19.54  ? 149 MET A C   1 
ATOM   971  O  O   . MET A 1 118 ? -5.159  16.661  11.291  1.00 18.90  ? 149 MET A O   1 
ATOM   972  C  CB  . MET A 1 118 ? -3.154  14.200  11.372  1.00 22.73  ? 149 MET A CB  1 
ATOM   973  C  CG  . MET A 1 118 ? -2.943  12.970  12.236  1.00 28.02  ? 149 MET A CG  1 
ATOM   974  S  SD  . MET A 1 118 ? -4.023  12.931  13.701  1.00 43.48  ? 149 MET A SD  1 
ATOM   975  C  CE  . MET A 1 118 ? -4.252  11.131  13.897  1.00 40.61  ? 149 MET A CE  1 
ATOM   976  N  N   . GLN A 1 119 ? -4.642  16.131  9.164   1.00 19.48  ? 150 GLN A N   1 
ATOM   977  C  CA  . GLN A 1 119 ? -4.843  17.471  8.618   1.00 17.56  ? 150 GLN A CA  1 
ATOM   978  C  C   . GLN A 1 119 ? -6.206  17.619  7.958   1.00 17.54  ? 150 GLN A C   1 
ATOM   979  O  O   . GLN A 1 119 ? -6.475  18.625  7.314   1.00 17.10  ? 150 GLN A O   1 
ATOM   980  C  CB  . GLN A 1 119 ? -3.773  17.776  7.571   1.00 17.35  ? 150 GLN A CB  1 
ATOM   981  C  CG  . GLN A 1 119 ? -2.372  17.907  8.107   1.00 19.29  ? 150 GLN A CG  1 
ATOM   982  C  CD  . GLN A 1 119 ? -1.363  18.151  6.997   1.00 24.52  ? 150 GLN A CD  1 
ATOM   983  O  OE1 . GLN A 1 119 ? -1.447  19.147  6.273   1.00 23.06  ? 150 GLN A OE1 1 
ATOM   984  N  NE2 . GLN A 1 119 ? -0.400  17.244  6.859   1.00 26.91  ? 150 GLN A NE2 1 
ATOM   985  N  N   . ASP A 1 120 ? -7.058  16.609  8.113   1.00 19.13  ? 151 ASP A N   1 
ATOM   986  C  CA  . ASP A 1 120 ? -8.388  16.596  7.501   1.00 20.36  ? 151 ASP A CA  1 
ATOM   987  C  C   . ASP A 1 120 ? -8.334  16.812  5.981   1.00 18.06  ? 151 ASP A C   1 
ATOM   988  O  O   . ASP A 1 120 ? -9.213  17.448  5.404   1.00 17.99  ? 151 ASP A O   1 
ATOM   989  C  CB  . ASP A 1 120 ? -9.303  17.652  8.142   1.00 22.56  ? 151 ASP A CB  1 
ATOM   990  C  CG  . ASP A 1 120 ? -9.537  17.405  9.623   1.00 29.64  ? 151 ASP A CG  1 
ATOM   991  O  OD1 . ASP A 1 120 ? -9.421  16.236  10.073  1.00 30.48  ? 151 ASP A OD1 1 
ATOM   992  O  OD2 . ASP A 1 120 ? -9.856  18.368  10.363  1.00 30.34  ? 151 ASP A OD2 1 
ATOM   993  N  N   . LEU A 1 121 ? -7.296  16.275  5.345   1.00 16.12  ? 152 LEU A N   1 
ATOM   994  C  CA  . LEU A 1 121 ? -7.144  16.362  3.900   1.00 14.95  ? 152 LEU A CA  1 
ATOM   995  C  C   . LEU A 1 121 ? -7.699  15.089  3.255   1.00 15.42  ? 152 LEU A C   1 
ATOM   996  O  O   . LEU A 1 121 ? -7.838  14.992  2.033   1.00 15.20  ? 152 LEU A O   1 
ATOM   997  C  CB  . LEU A 1 121 ? -5.666  16.538  3.539   1.00 12.55  ? 152 LEU A CB  1 
ATOM   998  C  CG  . LEU A 1 121 ? -5.030  17.835  4.047   1.00 11.20  ? 152 LEU A CG  1 
ATOM   999  C  CD1 . LEU A 1 121 ? -3.539  17.883  3.695   1.00 9.39   ? 152 LEU A CD1 1 
ATOM   1000 C  CD2 . LEU A 1 121 ? -5.767  19.028  3.433   1.00 10.02  ? 152 LEU A CD2 1 
ATOM   1001 N  N   . ALA A 1 122 ? -8.020  14.115  4.097   1.00 16.16  ? 153 ALA A N   1 
ATOM   1002 C  CA  . ALA A 1 122 ? -8.556  12.843  3.632   1.00 15.47  ? 153 ALA A CA  1 
ATOM   1003 C  C   . ALA A 1 122 ? -9.134  12.096  4.812   1.00 16.58  ? 153 ALA A C   1 
ATOM   1004 O  O   . ALA A 1 122 ? -8.869  12.439  5.962   1.00 15.98  ? 153 ALA A O   1 
ATOM   1005 C  CB  . ALA A 1 122 ? -7.458  12.013  2.990   1.00 16.31  ? 153 ALA A CB  1 
ATOM   1006 N  N   . PRO A 1 123 ? -9.942  11.068  4.543   1.00 17.95  ? 154 PRO A N   1 
ATOM   1007 C  CA  . PRO A 1 123 ? -10.522 10.268  5.621   1.00 17.53  ? 154 PRO A CA  1 
ATOM   1008 C  C   . PRO A 1 123 ? -9.427  9.477   6.331   1.00 12.74  ? 154 PRO A C   1 
ATOM   1009 O  O   . PRO A 1 123 ? -8.406  9.158   5.745   0.00 16.06  ? 154 PRO A O   1 
ATOM   1010 C  CB  . PRO A 1 123 ? -11.490 9.340   4.890   1.00 17.25  ? 154 PRO A CB  1 
ATOM   1011 C  CG  . PRO A 1 123 ? -11.832 10.104  3.653   1.00 22.75  ? 154 PRO A CG  1 
ATOM   1012 C  CD  . PRO A 1 123 ? -10.505 10.686  3.237   1.00 19.22  ? 154 PRO A CD  1 
ATOM   1013 N  N   . PRO A 1 124 ? -9.659  9.159   7.607   1.00 15.97  ? 155 PRO A N   1 
ATOM   1014 C  CA  . PRO A 1 124 ? -8.694  8.397   8.405   1.00 15.36  ? 155 PRO A CA  1 
ATOM   1015 C  C   . PRO A 1 124 ? -8.763  6.914   8.093   1.00 13.38  ? 155 PRO A C   1 
ATOM   1016 O  O   . PRO A 1 124 ? -9.810  6.409   7.700   1.00 13.95  ? 155 PRO A O   1 
ATOM   1017 C  CB  . PRO A 1 124 ? -9.135  8.685   9.836   1.00 15.14  ? 155 PRO A CB  1 
ATOM   1018 C  CG  . PRO A 1 124 ? -10.624 8.782   9.709   1.00 15.27  ? 155 PRO A CG  1 
ATOM   1019 C  CD  . PRO A 1 124 ? -10.813 9.583   8.425   1.00 14.26  ? 155 PRO A CD  1 
ATOM   1020 N  N   . LEU A 1 125 ? -7.644  6.221   8.248   1.00 14.90  ? 156 LEU A N   1 
ATOM   1021 C  CA  . LEU A 1 125 ? -7.629  4.778   8.063   1.00 14.37  ? 156 LEU A CA  1 
ATOM   1022 C  C   . LEU A 1 125 ? -8.443  4.186   9.227   1.00 14.62  ? 156 LEU A C   1 
ATOM   1023 O  O   . LEU A 1 125 ? -8.421  4.722   10.333  1.00 15.96  ? 156 LEU A O   1 
ATOM   1024 C  CB  . LEU A 1 125 ? -6.180  4.275   8.062   1.00 11.25  ? 156 LEU A CB  1 
ATOM   1025 C  CG  . LEU A 1 125 ? -5.901  2.771   7.932   1.00 9.25   ? 156 LEU A CG  1 
ATOM   1026 C  CD1 . LEU A 1 125 ? -4.585  2.526   7.194   1.00 8.84   ? 156 LEU A CD1 1 
ATOM   1027 C  CD2 . LEU A 1 125 ? -5.860  2.166   9.328   1.00 6.62   ? 156 LEU A CD2 1 
ATOM   1028 N  N   . ILE A 1 126 ? -9.167  3.097   8.973   1.00 16.14  ? 157 ILE A N   1 
ATOM   1029 C  CA  . ILE A 1 126 ? -10.008 2.452   9.990   1.00 15.69  ? 157 ILE A CA  1 
ATOM   1030 C  C   . ILE A 1 126 ? -9.402  1.136   10.492  1.00 15.83  ? 157 ILE A C   1 
ATOM   1031 O  O   . ILE A 1 126 ? -9.183  0.214   9.711   1.00 15.23  ? 157 ILE A O   1 
ATOM   1032 C  CB  . ILE A 1 126 ? -11.412 2.142   9.413   1.00 16.34  ? 157 ILE A CB  1 
ATOM   1033 C  CG1 . ILE A 1 126 ? -12.027 3.397   8.778   1.00 18.82  ? 157 ILE A CG1 1 
ATOM   1034 C  CG2 . ILE A 1 126 ? -12.323 1.558   10.501  1.00 17.42  ? 157 ILE A CG2 1 
ATOM   1035 C  CD1 . ILE A 1 126 ? -12.284 4.530   9.754   1.00 20.55  ? 157 ILE A CD1 1 
ATOM   1036 N  N   . LYS A 1 127 ? -9.139  1.050   11.794  1.00 18.02  ? 158 LYS A N   1 
ATOM   1037 C  CA  . LYS A 1 127 ? -8.573  -0.167  12.386  1.00 20.39  ? 158 LYS A CA  1 
ATOM   1038 C  C   . LYS A 1 127 ? -9.455  -1.379  12.069  1.00 19.15  ? 158 LYS A C   1 
ATOM   1039 O  O   . LYS A 1 127 ? -10.682 -1.309  12.180  1.00 16.33  ? 158 LYS A O   1 
ATOM   1040 C  CB  . LYS A 1 127 ? -8.455  -0.027  13.902  1.00 21.32  ? 158 LYS A CB  1 
ATOM   1041 C  CG  . LYS A 1 127 ? -7.614  1.149   14.372  1.00 30.53  ? 158 LYS A CG  1 
ATOM   1042 C  CD  . LYS A 1 127 ? -7.680  1.290   15.896  1.00 33.76  ? 158 LYS A CD  1 
ATOM   1043 C  CE  . LYS A 1 127 ? -9.114  1.571   16.366  1.00 38.55  ? 158 LYS A CE  1 
ATOM   1044 N  NZ  . LYS A 1 127 ? -9.278  1.445   17.847  1.00 38.60  ? 158 LYS A NZ  1 
ATOM   1045 N  N   . SER A 1 128 ? -8.830  -2.493  11.697  1.00 16.34  ? 159 SER A N   1 
ATOM   1046 C  CA  . SER A 1 128 ? -9.590  -3.680  11.325  1.00 20.20  ? 159 SER A CA  1 
ATOM   1047 C  C   . SER A 1 128 ? -10.478 -4.205  12.453  1.00 19.84  ? 159 SER A C   1 
ATOM   1048 O  O   . SER A 1 128 ? -10.085 -4.245  13.620  1.00 18.69  ? 159 SER A O   1 
ATOM   1049 C  CB  . SER A 1 128 ? -8.663  -4.796  10.814  1.00 17.04  ? 159 SER A CB  1 
ATOM   1050 O  OG  . SER A 1 128 ? -7.792  -5.259  11.826  1.00 27.71  ? 159 SER A OG  1 
ATOM   1051 N  N   . ASP A 1 129 ? -11.695 -4.588  12.095  1.00 20.48  ? 160 ASP A N   1 
ATOM   1052 C  CA  . ASP A 1 129 ? -12.607 -5.167  13.067  1.00 21.88  ? 160 ASP A CA  1 
ATOM   1053 C  C   . ASP A 1 129 ? -11.891 -6.337  13.748  1.00 18.99  ? 160 ASP A C   1 
ATOM   1054 O  O   . ASP A 1 129 ? -11.091 -7.041  13.121  1.00 18.62  ? 160 ASP A O   1 
ATOM   1055 C  CB  . ASP A 1 129 ? -13.880 -5.645  12.369  1.00 24.86  ? 160 ASP A CB  1 
ATOM   1056 C  CG  . ASP A 1 129 ? -14.904 -6.165  13.338  1.00 28.52  ? 160 ASP A CG  1 
ATOM   1057 O  OD1 . ASP A 1 129 ? -14.855 -7.364  13.686  1.00 28.00  ? 160 ASP A OD1 1 
ATOM   1058 O  OD2 . ASP A 1 129 ? -15.764 -5.378  13.787  1.00 34.76  ? 160 ASP A OD2 1 
ATOM   1059 N  N   . GLU A 1 130 ? -12.168 -6.530  15.033  1.00 18.82  ? 161 GLU A N   1 
ATOM   1060 C  CA  . GLU A 1 130 ? -11.554 -7.609  15.812  1.00 19.73  ? 161 GLU A CA  1 
ATOM   1061 C  C   . GLU A 1 130 ? -11.905 -9.005  15.310  1.00 15.50  ? 161 GLU A C   1 
ATOM   1062 O  O   . GLU A 1 130 ? -11.136 -9.950  15.500  1.00 15.36  ? 161 GLU A O   1 
ATOM   1063 C  CB  . GLU A 1 130 ? -11.959 -7.493  17.286  1.00 25.89  ? 161 GLU A CB  1 
ATOM   1064 C  CG  . GLU A 1 130 ? -11.140 -6.486  18.080  1.00 32.66  ? 161 GLU A CG  1 
ATOM   1065 C  CD  . GLU A 1 130 ? -9.861  -7.089  18.630  1.00 37.72  ? 161 GLU A CD  1 
ATOM   1066 O  OE1 . GLU A 1 130 ? -9.947  -7.948  19.537  1.00 35.44  ? 161 GLU A OE1 1 
ATOM   1067 O  OE2 . GLU A 1 130 ? -8.771  -6.708  18.146  1.00 41.32  ? 161 GLU A OE2 1 
ATOM   1068 N  N   . ASN A 1 131 ? -13.067 -9.135  14.678  1.00 9.88   ? 162 ASN A N   1 
ATOM   1069 C  CA  . ASN A 1 131 ? -13.507 -10.423 14.163  1.00 13.51  ? 162 ASN A CA  1 
ATOM   1070 C  C   . ASN A 1 131 ? -13.319 -10.575 12.651  1.00 12.72  ? 162 ASN A C   1 
ATOM   1071 O  O   . ASN A 1 131 ? -13.803 -11.534 12.063  0.00 13.56  ? 162 ASN A O   1 
ATOM   1072 C  CB  . ASN A 1 131 ? -14.963 -10.674 14.558  1.00 9.81   ? 162 ASN A CB  1 
ATOM   1073 C  CG  . ASN A 1 131 ? -15.121 -10.945 16.055  1.00 15.33  ? 162 ASN A CG  1 
ATOM   1074 O  OD1 . ASN A 1 131 ? -14.671 -11.976 16.562  1.00 13.35  ? 162 ASN A OD1 1 
ATOM   1075 N  ND2 . ASN A 1 131 ? -15.750 -10.012 16.765  1.00 11.45  ? 162 ASN A ND2 1 
ATOM   1076 N  N   . LEU A 1 132 ? -12.534 -9.671  12.071  1.00 13.70  ? 163 LEU A N   1 
ATOM   1077 C  CA  . LEU A 1 132 ? -12.220 -9.746  10.648  1.00 15.97  ? 163 LEU A CA  1 
ATOM   1078 C  C   . LEU A 1 132 ? -11.374 -11.003 10.444  1.00 15.16  ? 163 LEU A C   1 
ATOM   1079 O  O   . LEU A 1 132 ? -10.424 -11.239 11.194  0.00 16.18  ? 163 LEU A O   1 
ATOM   1080 C  CB  . LEU A 1 132 ? -11.433 -8.510  10.190  1.00 12.02  ? 163 LEU A CB  1 
ATOM   1081 C  CG  . LEU A 1 132 ? -10.753 -8.627  8.817   1.00 15.33  ? 163 LEU A CG  1 
ATOM   1082 C  CD1 . LEU A 1 132 ? -11.800 -8.588  7.714   1.00 14.22  ? 163 LEU A CD1 1 
ATOM   1083 C  CD2 . LEU A 1 132 ? -9.726  -7.508  8.613   1.00 15.98  ? 163 LEU A CD2 1 
ATOM   1084 N  N   . SER A 1 133 ? -11.742 -11.809 9.452   1.00 15.83  ? 164 SER A N   1 
ATOM   1085 C  CA  . SER A 1 133 ? -11.007 -13.035 9.177   1.00 18.15  ? 164 SER A CA  1 
ATOM   1086 C  C   . SER A 1 133 ? -10.675 -13.265 7.703   1.00 15.06  ? 164 SER A C   1 
ATOM   1087 O  O   . SER A 1 133 ? -11.303 -12.700 6.803   1.00 18.49  ? 164 SER A O   1 
ATOM   1088 C  CB  . SER A 1 133 ? -11.783 -14.239 9.719   1.00 21.43  ? 164 SER A CB  1 
ATOM   1089 O  OG  . SER A 1 133 ? -13.021 -14.380 9.060   1.00 20.65  ? 164 SER A OG  1 
ATOM   1090 N  N   . PHE A 1 134 ? -9.664  -14.088 7.468   1.00 13.66  ? 165 PHE A N   1 
ATOM   1091 C  CA  . PHE A 1 134 ? -9.249  -14.451 6.119   1.00 13.75  ? 165 PHE A CA  1 
ATOM   1092 C  C   . PHE A 1 134 ? -9.249  -15.972 6.099   1.00 12.28  ? 165 PHE A C   1 
ATOM   1093 O  O   . PHE A 1 134 ? -9.203  -16.597 7.158   1.00 11.79  ? 165 PHE A O   1 
ATOM   1094 C  CB  . PHE A 1 134 ? -7.861  -13.935 5.803   0.00 14.15  ? 165 PHE A CB  1 
ATOM   1095 C  CG  . PHE A 1 134 ? -7.692  -12.474 6.058   1.00 15.84  ? 165 PHE A CG  1 
ATOM   1096 C  CD1 . PHE A 1 134 ? -7.311  -12.008 7.313   1.00 17.82  ? 165 PHE A CD1 1 
ATOM   1097 C  CD2 . PHE A 1 134 ? -7.916  -11.550 5.049   1.00 13.80  ? 165 PHE A CD2 1 
ATOM   1098 C  CE1 . PHE A 1 134 ? -7.189  -10.645 7.563   1.00 12.24  ? 165 PHE A CE1 1 
ATOM   1099 C  CE2 . PHE A 1 134 ? -7.812  -10.189 5.301   1.00 12.23  ? 165 PHE A CE2 1 
ATOM   1100 C  CZ  . PHE A 1 134 ? -7.437  -9.739  6.554   1.00 11.68  ? 165 PHE A CZ  1 
ATOM   1101 N  N   . THR A 1 135 ? -9.308  -16.563 4.911   1.00 9.77   ? 166 THR A N   1 
ATOM   1102 C  CA  . THR A 1 135 ? -9.293  -18.021 4.798   1.00 11.94  ? 166 THR A CA  1 
ATOM   1103 C  C   . THR A 1 135 ? -7.984  -18.556 5.349   1.00 12.18  ? 166 THR A C   1 
ATOM   1104 O  O   . THR A 1 135 ? -6.988  -17.832 5.409   1.00 12.15  ? 166 THR A O   1 
ATOM   1105 C  CB  . THR A 1 135 ? -9.419  -18.492 3.319   1.00 10.65  ? 166 THR A CB  1 
ATOM   1106 O  OG1 . THR A 1 135 ? -8.288  -18.017 2.577   1.00 7.26   ? 166 THR A OG1 1 
ATOM   1107 C  CG2 . THR A 1 135 ? -10.684 -17.933 2.669   1.00 5.96   ? 166 THR A CG2 1 
ATOM   1108 N  N   . ASP A 1 136 ? -7.991  -19.822 5.752   1.00 12.33  ? 167 ASP A N   1 
ATOM   1109 C  CA  . ASP A 1 136 ? -6.781  -20.454 6.258   1.00 15.17  ? 167 ASP A CA  1 
ATOM   1110 C  C   . ASP A 1 136 ? -5.723  -20.499 5.158   1.00 14.72  ? 167 ASP A C   1 
ATOM   1111 O  O   . ASP A 1 136 ? -4.525  -20.400 5.436   1.00 17.75  ? 167 ASP A O   1 
ATOM   1112 C  CB  . ASP A 1 136 ? -7.032  -21.860 6.787   0.00 19.69  ? 167 ASP A CB  1 
ATOM   1113 C  CG  . ASP A 1 136 ? -8.031  -21.893 7.928   1.00 27.07  ? 167 ASP A CG  1 
ATOM   1114 O  OD1 . ASP A 1 136 ? -7.987  -21.042 8.845   1.00 26.23  ? 167 ASP A OD1 1 
ATOM   1115 O  OD2 . ASP A 1 136 ? -8.889  -22.801 7.930   1.00 32.43  ? 167 ASP A OD2 1 
ATOM   1116 N  N   . GLU A 1 137 ? -6.158  -20.659 3.909   1.00 11.77  ? 168 GLU A N   1 
ATOM   1117 C  CA  . GLU A 1 137 ? -5.217  -20.727 2.796   1.00 13.67  ? 168 GLU A CA  1 
ATOM   1118 C  C   . GLU A 1 137 ? -4.454  -19.408 2.628   1.00 12.68  ? 168 GLU A C   1 
ATOM   1119 O  O   . GLU A 1 137 ? -3.239  -19.406 2.456   1.00 14.92  ? 168 GLU A O   1 
ATOM   1120 C  CB  . GLU A 1 137 ? -5.936  -21.074 1.479   1.00 14.41  ? 168 GLU A CB  1 
ATOM   1121 C  CG  . GLU A 1 137 ? -6.489  -22.498 1.386   1.00 13.56  ? 168 GLU A CG  1 
ATOM   1122 C  CD  . GLU A 1 137 ? -7.699  -22.710 2.272   1.00 13.55  ? 168 GLU A CD  1 
ATOM   1123 O  OE1 . GLU A 1 137 ? -8.393  -21.721 2.576   1.00 12.07  ? 168 GLU A OE1 1 
ATOM   1124 O  OE2 . GLU A 1 137 ? -7.950  -23.861 2.673   1.00 16.47  ? 168 GLU A OE2 1 
ATOM   1125 N  N   . ASP A 1 138 ? -5.174  -18.293 2.677   1.00 13.76  ? 169 ASP A N   1 
ATOM   1126 C  CA  . ASP A 1 138 ? -4.563  -16.974 2.532   1.00 14.28  ? 169 ASP A CA  1 
ATOM   1127 C  C   . ASP A 1 138 ? -3.561  -16.703 3.643   1.00 11.99  ? 169 ASP A C   1 
ATOM   1128 O  O   . ASP A 1 138 ? -2.511  -16.101 3.410   1.00 10.11  ? 169 ASP A O   1 
ATOM   1129 C  CB  . ASP A 1 138 ? -5.590  -15.877 2.500   0.00 16.26  ? 169 ASP A CB  1 
ATOM   1130 C  CG  . ASP A 1 138 ? -6.291  -15.763 1.191   1.00 17.68  ? 169 ASP A CG  1 
ATOM   1131 O  OD1 . ASP A 1 138 ? -5.819  -16.338 0.186   1.00 19.28  ? 169 ASP A OD1 1 
ATOM   1132 O  OD2 . ASP A 1 138 ? -7.370  -15.135 1.128   1.00 21.60  ? 169 ASP A OD2 1 
ATOM   1133 N  N   . VAL A 1 139 ? -3.894  -17.146 4.852   1.00 10.15  ? 170 VAL A N   1 
ATOM   1134 C  CA  . VAL A 1 139 ? -3.009  -16.963 5.994   1.00 11.24  ? 170 VAL A CA  1 
ATOM   1135 C  C   . VAL A 1 139 ? -1.718  -17.756 5.794   1.00 10.01  ? 170 VAL A C   1 
ATOM   1136 O  O   . VAL A 1 139 ? -0.617  -17.226 6.002   1.00 10.41  ? 170 VAL A O   1 
ATOM   1137 C  CB  . VAL A 1 139 ? -3.661  -17.371 7.290   0.00 12.10  ? 170 VAL A CB  1 
ATOM   1138 C  CG1 . VAL A 1 139 ? -2.772  -17.107 8.427   1.00 15.54  ? 170 VAL A CG1 1 
ATOM   1139 C  CG2 . VAL A 1 139 ? -4.837  -16.550 7.470   1.00 13.21  ? 170 VAL A CG2 1 
ATOM   1140 N  N   . SER A 1 140 ? -1.858  -19.018 5.383   1.00 11.79  ? 171 SER A N   1 
ATOM   1141 C  CA  . SER A 1 140 ? -0.711  -19.915 5.147   1.00 10.46  ? 171 SER A CA  1 
ATOM   1142 C  C   . SER A 1 140 ? 0.180   -19.383 4.043   1.00 8.44   ? 171 SER A C   1 
ATOM   1143 O  O   . SER A 1 140 ? 1.395   -19.543 4.083   1.00 8.08   ? 171 SER A O   1 
ATOM   1144 C  CB  . SER A 1 140 ? -1.180  -21.313 4.726   1.00 11.55  ? 171 SER A CB  1 
ATOM   1145 O  OG  . SER A 1 140 ? -2.095  -21.860 5.646   1.00 18.69  ? 171 SER A OG  1 
ATOM   1146 N  N   . ILE A 1 141 ? -0.433  -18.773 3.035   1.00 10.60  ? 172 ILE A N   1 
ATOM   1147 C  CA  . ILE A 1 141 ? 0.348   -18.204 1.940   1.00 9.08   ? 172 ILE A CA  1 
ATOM   1148 C  C   . ILE A 1 141 ? 1.276   -17.137 2.492   1.00 7.61   ? 172 ILE A C   1 
ATOM   1149 O  O   . ILE A 1 141 ? 2.443   -17.065 2.105   1.00 10.50  ? 172 ILE A O   1 
ATOM   1150 C  CB  . ILE A 1 141 ? -0.564  -17.595 0.851   1.00 8.29   ? 172 ILE A CB  1 
ATOM   1151 C  CG1 . ILE A 1 141 ? -1.274  -18.716 0.083   1.00 10.08  ? 172 ILE A CG1 1 
ATOM   1152 C  CG2 . ILE A 1 141 ? 0.244   -16.730 -0.104  1.00 5.19   ? 172 ILE A CG2 1 
ATOM   1153 C  CD1 . ILE A 1 141 ? -0.322  -19.663 -0.631  1.00 10.16  ? 172 ILE A CD1 1 
ATOM   1154 N  N   . ILE A 1 142 ? 0.758   -16.303 3.396   1.00 9.82   ? 173 ILE A N   1 
ATOM   1155 C  CA  . ILE A 1 142 ? 1.572   -15.241 4.001   1.00 8.70   ? 173 ILE A CA  1 
ATOM   1156 C  C   . ILE A 1 142 ? 2.654   -15.868 4.886   1.00 8.31   ? 173 ILE A C   1 
ATOM   1157 O  O   . ILE A 1 142 ? 3.804   -15.436 4.874   1.00 8.73   ? 173 ILE A O   1 
ATOM   1158 C  CB  . ILE A 1 142 ? 0.707   -14.257 4.829   1.00 8.08   ? 173 ILE A CB  1 
ATOM   1159 C  CG1 . ILE A 1 142 ? -0.377  -13.633 3.943   1.00 10.02  ? 173 ILE A CG1 1 
ATOM   1160 C  CG2 . ILE A 1 142 ? 1.577   -13.156 5.428   1.00 5.24   ? 173 ILE A CG2 1 
ATOM   1161 C  CD1 . ILE A 1 142 ? 0.159   -12.806 2.781   1.00 11.03  ? 173 ILE A CD1 1 
ATOM   1162 N  N   . VAL A 1 143 ? 2.284   -16.888 5.654   1.00 8.80   ? 174 VAL A N   1 
ATOM   1163 C  CA  . VAL A 1 143 ? 3.266   -17.585 6.469   1.00 10.12  ? 174 VAL A CA  1 
ATOM   1164 C  C   . VAL A 1 143 ? 4.428   -18.061 5.582   1.00 12.53  ? 174 VAL A C   1 
ATOM   1165 O  O   . VAL A 1 143 ? 5.600   -17.832 5.906   1.00 13.85  ? 174 VAL A O   1 
ATOM   1166 C  CB  . VAL A 1 143 ? 2.653   -18.792 7.187   1.00 10.73  ? 174 VAL A CB  1 
ATOM   1167 C  CG1 . VAL A 1 143 ? 3.742   -19.594 7.888   1.00 11.68  ? 174 VAL A CG1 1 
ATOM   1168 C  CG2 . VAL A 1 143 ? 1.623   -18.315 8.211   1.00 12.79  ? 174 VAL A CG2 1 
ATOM   1169 N  N   . ARG A 1 144 ? 4.097   -18.712 4.465   1.00 10.60  ? 175 ARG A N   1 
ATOM   1170 C  CA  . ARG A 1 144 ? 5.098   -19.208 3.517   1.00 10.06  ? 175 ARG A CA  1 
ATOM   1171 C  C   . ARG A 1 144 ? 5.928   -18.056 2.948   1.00 11.15  ? 175 ARG A C   1 
ATOM   1172 O  O   . ARG A 1 144 ? 7.153   -18.138 2.849   1.00 12.25  ? 175 ARG A O   1 
ATOM   1173 C  CB  . ARG A 1 144 ? 4.402   -19.972 2.378   1.00 10.46  ? 175 ARG A CB  1 
ATOM   1174 C  CG  . ARG A 1 144 ? 5.318   -20.426 1.232   1.00 8.05   ? 175 ARG A CG  1 
ATOM   1175 C  CD  . ARG A 1 144 ? 4.609   -21.369 0.247   1.00 6.62   ? 175 ARG A CD  1 
ATOM   1176 N  NE  . ARG A 1 144 ? 5.432   -21.630 -0.933  1.00 6.66   ? 175 ARG A NE  1 
ATOM   1177 C  CZ  . ARG A 1 144 ? 5.424   -20.889 -2.035  1.00 7.00   ? 175 ARG A CZ  1 
ATOM   1178 N  NH1 . ARG A 1 144 ? 4.621   -19.838 -2.137  1.00 10.02  ? 175 ARG A NH1 1 
ATOM   1179 N  NH2 . ARG A 1 144 ? 6.235   -21.189 -3.038  1.00 10.41  ? 175 ARG A NH2 1 
ATOM   1180 N  N   . ARG A 1 145 ? 5.262   -16.968 2.581   1.00 11.33  ? 176 ARG A N   1 
ATOM   1181 C  CA  . ARG A 1 145 ? 5.986   -15.820 2.050   1.00 13.82  ? 176 ARG A CA  1 
ATOM   1182 C  C   . ARG A 1 145 ? 7.014   -15.279 3.053   1.00 15.42  ? 176 ARG A C   1 
ATOM   1183 O  O   . ARG A 1 145 ? 8.163   -15.001 2.695   1.00 15.31  ? 176 ARG A O   1 
ATOM   1184 C  CB  . ARG A 1 145 ? 5.012   -14.702 1.657   1.00 14.70  ? 176 ARG A CB  1 
ATOM   1185 C  CG  . ARG A 1 145 ? 5.515   -13.838 0.518   1.00 20.38  ? 176 ARG A CG  1 
ATOM   1186 C  CD  . ARG A 1 145 ? 5.194   -12.362 0.730   1.00 24.88  ? 176 ARG A CD  1 
ATOM   1187 N  NE  . ARG A 1 145 ? 3.778   -12.071 0.548   1.00 22.51  ? 176 ARG A NE  1 
ATOM   1188 C  CZ  . ARG A 1 145 ? 3.234   -10.875 0.734   1.00 18.50  ? 176 ARG A CZ  1 
ATOM   1189 N  NH1 . ARG A 1 145 ? 3.987   -9.853  1.114   1.00 18.31  ? 176 ARG A NH1 1 
ATOM   1190 N  NH2 . ARG A 1 145 ? 1.933   -10.705 0.546   1.00 18.78  ? 176 ARG A NH2 1 
ATOM   1191 N  N   . LEU A 1 146 ? 6.607   -15.136 4.309   1.00 14.50  ? 177 LEU A N   1 
ATOM   1192 C  CA  . LEU A 1 146 ? 7.497   -14.580 5.324   1.00 17.50  ? 177 LEU A CA  1 
ATOM   1193 C  C   . LEU A 1 146 ? 8.656   -15.519 5.652   1.00 18.80  ? 177 LEU A C   1 
ATOM   1194 O  O   . LEU A 1 146 ? 9.753   -15.059 5.976   1.00 20.69  ? 177 LEU A O   1 
ATOM   1195 C  CB  . LEU A 1 146 ? 6.705   -14.211 6.591   1.00 16.15  ? 177 LEU A CB  1 
ATOM   1196 C  CG  . LEU A 1 146 ? 5.613   -13.146 6.375   1.00 14.44  ? 177 LEU A CG  1 
ATOM   1197 C  CD1 . LEU A 1 146 ? 4.917   -12.818 7.684   1.00 10.51  ? 177 LEU A CD1 1 
ATOM   1198 C  CD2 . LEU A 1 146 ? 6.223   -11.894 5.776   1.00 12.67  ? 177 LEU A CD2 1 
ATOM   1199 N  N   . ARG A 1 147 ? 8.431   -16.827 5.554   1.00 19.83  ? 178 ARG A N   1 
ATOM   1200 C  CA  . ARG A 1 147 ? 9.512   -17.786 5.790   1.00 22.37  ? 178 ARG A CA  1 
ATOM   1201 C  C   . ARG A 1 147 ? 10.625  -17.625 4.763   1.00 24.04  ? 178 ARG A C   1 
ATOM   1202 O  O   . ARG A 1 147 ? 11.803  -17.586 5.113   1.00 26.14  ? 178 ARG A O   1 
ATOM   1203 C  CB  . ARG A 1 147 ? 8.999   -19.230 5.732   1.00 20.99  ? 178 ARG A CB  1 
ATOM   1204 C  CG  . ARG A 1 147 ? 8.192   -19.655 6.936   1.00 19.27  ? 178 ARG A CG  1 
ATOM   1205 C  CD  . ARG A 1 147 ? 8.085   -21.170 7.029   1.00 19.35  ? 178 ARG A CD  1 
ATOM   1206 N  NE  . ARG A 1 147 ? 7.175   -21.584 8.095   1.00 16.10  ? 178 ARG A NE  1 
ATOM   1207 C  CZ  . ARG A 1 147 ? 6.861   -22.843 8.356   1.00 11.98  ? 178 ARG A CZ  1 
ATOM   1208 N  NH1 . ARG A 1 147 ? 7.387   -23.816 7.621   1.00 8.90   ? 178 ARG A NH1 1 
ATOM   1209 N  NH2 . ARG A 1 147 ? 6.014   -23.120 9.335   1.00 7.83   ? 178 ARG A NH2 1 
ATOM   1210 N  N   . GLN A 1 148 ? 10.250  -17.536 3.492   1.00 25.78  ? 179 GLN A N   1 
ATOM   1211 C  CA  . GLN A 1 148 ? 11.236  -17.407 2.425   1.00 30.62  ? 179 GLN A CA  1 
ATOM   1212 C  C   . GLN A 1 148 ? 11.734  -15.970 2.293   1.00 31.94  ? 179 GLN A C   1 
ATOM   1213 O  O   . GLN A 1 148 ? 12.745  -15.701 1.638   1.00 31.69  ? 179 GLN A O   1 
ATOM   1214 C  CB  . GLN A 1 148 ? 10.640  -17.880 1.098   1.00 31.19  ? 179 GLN A CB  1 
ATOM   1215 C  CG  . GLN A 1 148 ? 9.869   -19.191 1.210   1.00 36.21  ? 179 GLN A CG  1 
ATOM   1216 C  CD  . GLN A 1 148 ? 9.538   -19.805 -0.143  1.00 37.79  ? 179 GLN A CD  1 
ATOM   1217 O  OE1 . GLN A 1 148 ? 9.135   -19.105 -1.073  1.00 39.50  ? 179 GLN A OE1 1 
ATOM   1218 N  NE2 . GLN A 1 148 ? 9.697   -21.123 -0.251  1.00 37.05  ? 179 GLN A NE2 1 
ATOM   1219 N  N   . SER A 1 149 ? 11.022  -15.051 2.929   1.00 35.42  ? 180 SER A N   1 
ATOM   1220 C  CA  . SER A 1 149 ? 11.378  -13.642 2.886   1.00 37.07  ? 180 SER A CA  1 
ATOM   1221 C  C   . SER A 1 149 ? 12.321  -13.251 3.950   0.00 38.32  ? 180 SER A C   1 
ATOM   1222 O  O   . SER A 1 149 ? 12.149  -13.632 5.109   0.00 38.55  ? 180 SER A O   1 
ATOM   1223 C  CB  . SER A 1 149 ? 10.111  -12.788 2.935   1.00 36.21  ? 180 SER A CB  1 
ATOM   1224 O  OG  . SER A 1 149 ? 10.424  -11.414 2.836   1.00 39.60  ? 180 SER A OG  1 
ATOM   1225 N  N   . ASN A 1 150 ? 13.312  -12.523 3.542   1.00 38.30  ? 181 ASN A N   1 
ATOM   1226 C  CA  . ASN A 1 150 ? 14.320  -12.033 4.480   1.00 43.24  ? 181 ASN A CA  1 
ATOM   1227 C  C   . ASN A 1 150 ? 14.172  -10.544 4.825   1.00 39.71  ? 181 ASN A C   1 
ATOM   1228 O  O   . ASN A 1 150 ? 15.154  -9.869  5.154   1.00 39.87  ? 181 ASN A O   1 
ATOM   1229 C  CB  . ASN A 1 150 ? 15.732  -12.318 3.946   1.00 45.76  ? 181 ASN A CB  1 
ATOM   1230 C  CG  . ASN A 1 150 ? 16.320  -13.606 4.508   1.00 49.72  ? 181 ASN A CG  1 
ATOM   1231 O  OD1 . ASN A 1 150 ? 15.756  -14.688 4.330   1.00 53.14  ? 181 ASN A OD1 1 
ATOM   1232 N  ND2 . ASN A 1 150 ? 17.457  -13.491 5.197   1.00 52.47  ? 181 ASN A ND2 1 
ATOM   1233 N  N   . VAL A 1 151 ? 12.942  -10.042 4.743   1.00 37.24  ? 182 VAL A N   1 
ATOM   1234 C  CA  . VAL A 1 151 ? 12.655  -8.656  5.109   1.00 34.53  ? 182 VAL A CA  1 
ATOM   1235 C  C   . VAL A 1 151 ? 11.874  -8.655  6.417   1.00 30.86  ? 182 VAL A C   1 
ATOM   1236 O  O   . VAL A 1 151 ? 11.027  -9.519  6.656   1.00 33.50  ? 182 VAL A O   1 
ATOM   1237 C  CB  . VAL A 1 151 ? 11.818  -7.900  4.027   1.00 36.20  ? 182 VAL A CB  1 
ATOM   1238 C  CG1 . VAL A 1 151 ? 12.542  -7.923  2.683   1.00 36.04  ? 182 VAL A CG1 1 
ATOM   1239 C  CG2 . VAL A 1 151 ? 10.419  -8.504  3.909   1.00 32.86  ? 182 VAL A CG2 1 
ATOM   1240 N  N   . ILE A 1 152 ? 12.171  -7.682  7.264   1.00 25.04  ? 183 ILE A N   1 
ATOM   1241 C  CA  . ILE A 1 152 ? 11.487  -7.536  8.539   1.00 19.20  ? 183 ILE A CA  1 
ATOM   1242 C  C   . ILE A 1 152 ? 10.253  -6.661  8.340   1.00 16.18  ? 183 ILE A C   1 
ATOM   1243 O  O   . ILE A 1 152 ? 10.345  -5.587  7.754   1.00 15.78  ? 183 ILE A O   1 
ATOM   1244 C  CB  . ILE A 1 152 ? 12.425  -6.854  9.568   1.00 18.28  ? 183 ILE A CB  1 
ATOM   1245 C  CG1 . ILE A 1 152 ? 13.775  -7.584  9.616   1.00 17.77  ? 183 ILE A CG1 1 
ATOM   1246 C  CG2 . ILE A 1 152 ? 11.751  -6.776  10.941  1.00 15.47  ? 183 ILE A CG2 1 
ATOM   1247 C  CD1 . ILE A 1 152 ? 13.694  -9.052  9.973   1.00 12.56  ? 183 ILE A CD1 1 
ATOM   1248 N  N   . LEU A 1 153 ? 9.102   -7.115  8.827   1.00 14.76  ? 184 LEU A N   1 
ATOM   1249 C  CA  . LEU A 1 153 ? 7.873   -6.332  8.726   1.00 15.21  ? 184 LEU A CA  1 
ATOM   1250 C  C   . LEU A 1 153 ? 8.053   -4.980  9.434   1.00 16.05  ? 184 LEU A C   1 
ATOM   1251 O  O   . LEU A 1 153 ? 8.652   -4.912  10.507  1.00 16.56  ? 184 LEU A O   1 
ATOM   1252 C  CB  . LEU A 1 153 ? 6.710   -7.093  9.354   1.00 15.23  ? 184 LEU A CB  1 
ATOM   1253 C  CG  . LEU A 1 153 ? 6.305   -8.407  8.676   1.00 17.87  ? 184 LEU A CG  1 
ATOM   1254 C  CD1 . LEU A 1 153 ? 5.080   -8.977  9.360   1.00 12.74  ? 184 LEU A CD1 1 
ATOM   1255 C  CD2 . LEU A 1 153 ? 6.026   -8.188  7.192   1.00 15.66  ? 184 LEU A CD2 1 
ATOM   1256 N  N   . PRO A 1 154 ? 7.547   -3.894  8.834   1.00 16.26  ? 185 PRO A N   1 
ATOM   1257 C  CA  . PRO A 1 154 ? 7.685   -2.547  9.406   1.00 15.79  ? 185 PRO A CA  1 
ATOM   1258 C  C   . PRO A 1 154 ? 6.932   -2.342  10.724  1.00 14.79  ? 185 PRO A C   1 
ATOM   1259 O  O   . PRO A 1 154 ? 6.114   -3.162  11.127  1.00 12.06  ? 185 PRO A O   1 
ATOM   1260 C  CB  . PRO A 1 154 ? 7.153   -1.646  8.291   1.00 16.55  ? 185 PRO A CB  1 
ATOM   1261 C  CG  . PRO A 1 154 ? 6.141   -2.491  7.622   1.00 21.68  ? 185 PRO A CG  1 
ATOM   1262 C  CD  . PRO A 1 154 ? 6.802   -3.854  7.564   1.00 18.04  ? 185 PRO A CD  1 
ATOM   1263 N  N   . ASN A 1 155 ? 7.207   -1.229  11.386  1.00 14.32  ? 186 ASN A N   1 
ATOM   1264 C  CA  . ASN A 1 155 ? 6.579   -0.941  12.666  1.00 14.59  ? 186 ASN A CA  1 
ATOM   1265 C  C   . ASN A 1 155 ? 5.234   -0.204  12.562  1.00 14.72  ? 186 ASN A C   1 
ATOM   1266 O  O   . ASN A 1 155 ? 5.155   0.987   12.868  1.00 15.23  ? 186 ASN A O   1 
ATOM   1267 C  CB  . ASN A 1 155 ? 7.549   -0.137  13.544  1.00 10.83  ? 186 ASN A CB  1 
ATOM   1268 C  CG  . ASN A 1 155 ? 7.134   -0.120  14.996  1.00 10.86  ? 186 ASN A CG  1 
ATOM   1269 O  OD1 . ASN A 1 155 ? 6.000   -0.455  15.327  1.00 12.34  ? 186 ASN A OD1 1 
ATOM   1270 N  ND2 . ASN A 1 155 ? 8.057   0.272   15.879  1.00 10.60  ? 186 ASN A ND2 1 
ATOM   1271 N  N   . PHE A 1 156 ? 4.183   -0.916  12.148  1.00 14.02  ? 187 PHE A N   1 
ATOM   1272 C  CA  . PHE A 1 156 ? 2.845   -0.329  12.044  1.00 14.25  ? 187 PHE A CA  1 
ATOM   1273 C  C   . PHE A 1 156 ? 2.332   0.152   13.393  1.00 15.37  ? 187 PHE A C   1 
ATOM   1274 O  O   . PHE A 1 156 ? 1.628   1.155   13.477  1.00 14.67  ? 187 PHE A O   1 
ATOM   1275 C  CB  . PHE A 1 156 ? 1.821   -1.343  11.515  1.00 12.19  ? 187 PHE A CB  1 
ATOM   1276 C  CG  . PHE A 1 156 ? 2.063   -1.781  10.111  1.00 14.72  ? 187 PHE A CG  1 
ATOM   1277 C  CD1 . PHE A 1 156 ? 2.754   -2.964  9.853   1.00 12.18  ? 187 PHE A CD1 1 
ATOM   1278 C  CD2 . PHE A 1 156 ? 1.595   -1.020  9.041   1.00 9.20   ? 187 PHE A CD2 1 
ATOM   1279 C  CE1 . PHE A 1 156 ? 2.982   -3.389  8.550   1.00 11.64  ? 187 PHE A CE1 1 
ATOM   1280 C  CE2 . PHE A 1 156 ? 1.817   -1.432  7.728   1.00 13.47  ? 187 PHE A CE2 1 
ATOM   1281 C  CZ  . PHE A 1 156 ? 2.516   -2.621  7.478   1.00 13.55  ? 187 PHE A CZ  1 
ATOM   1282 N  N   . LYS A 1 157 ? 2.665   -0.589  14.443  1.00 16.36  ? 188 LYS A N   1 
ATOM   1283 C  CA  . LYS A 1 157 ? 2.175   -0.292  15.786  1.00 19.88  ? 188 LYS A CA  1 
ATOM   1284 C  C   . LYS A 1 157 ? 2.611   1.071   16.329  1.00 18.87  ? 188 LYS A C   1 
ATOM   1285 O  O   . LYS A 1 157 ? 1.893   1.678   17.116  1.00 18.63  ? 188 LYS A O   1 
ATOM   1286 C  CB  . LYS A 1 157 ? 2.609   -1.402  16.751  1.00 22.55  ? 188 LYS A CB  1 
ATOM   1287 C  CG  . LYS A 1 157 ? 1.811   -1.456  18.034  1.00 25.56  ? 188 LYS A CG  1 
ATOM   1288 C  CD  . LYS A 1 157 ? 2.291   -2.576  18.950  1.00 32.14  ? 188 LYS A CD  1 
ATOM   1289 C  CE  . LYS A 1 157 ? 2.182   -3.947  18.287  1.00 36.78  ? 188 LYS A CE  1 
ATOM   1290 N  NZ  . LYS A 1 157 ? 2.562   -5.058  19.218  1.00 37.41  ? 188 LYS A NZ  1 
ATOM   1291 N  N   . ALA A 1 158 ? 3.772   1.549   15.894  1.00 18.76  ? 189 ALA A N   1 
ATOM   1292 C  CA  . ALA A 1 158 ? 4.304   2.832   16.350  1.00 20.38  ? 189 ALA A CA  1 
ATOM   1293 C  C   . ALA A 1 158 ? 3.743   4.017   15.581  1.00 20.85  ? 189 ALA A C   1 
ATOM   1294 O  O   . ALA A 1 158 ? 4.202   5.142   15.754  1.00 22.26  ? 189 ALA A O   1 
ATOM   1295 C  CB  . ALA A 1 158 ? 5.837   2.833   16.253  1.00 19.97  ? 189 ALA A CB  1 
ATOM   1296 N  N   . LEU A 1 159 ? 2.771   3.773   14.710  1.00 22.07  ? 190 LEU A N   1 
ATOM   1297 C  CA  . LEU A 1 159 ? 2.171   4.863   13.954  1.00 22.95  ? 190 LEU A CA  1 
ATOM   1298 C  C   . LEU A 1 159 ? 1.086   5.515   14.806  1.00 25.72  ? 190 LEU A C   1 
ATOM   1299 O  O   . LEU A 1 159 ? 0.111   4.860   15.184  1.00 28.22  ? 190 LEU A O   1 
ATOM   1300 C  CB  . LEU A 1 159 ? 1.562   4.356   12.642  1.00 20.19  ? 190 LEU A CB  1 
ATOM   1301 C  CG  . LEU A 1 159 ? 2.480   3.776   11.564  1.00 19.76  ? 190 LEU A CG  1 
ATOM   1302 C  CD1 . LEU A 1 159 ? 1.625   3.296   10.388  1.00 19.50  ? 190 LEU A CD1 1 
ATOM   1303 C  CD2 . LEU A 1 159 ? 3.483   4.811   11.102  1.00 16.39  ? 190 LEU A CD2 1 
HETATM 1304 BR BR  . BR  B 2 .   ? -0.986  -1.657  14.139  1.00 108.06 ? 191 BR  A BR  1 
HETATM 1305 BR BR  . BR  C 2 .   ? 2.348   13.950  -14.563 1.00 97.01  ? 192 BR  A BR  1 
HETATM 1306 BR BR  . BR  D 2 .   ? 0.965   -5.237  13.080  0.77 27.52  ? 193 BR  A BR  1 
HETATM 1307 BR BR  . BR  E 2 .   ? 7.564   -10.249 1.900   0.73 40.41  ? 194 BR  A BR  1 
HETATM 1308 BR BR  . BR  F 2 .   ? 3.481   12.088  9.906   0.65 43.82  ? 195 BR  A BR  1 
HETATM 1309 BR BR  . BR  G 2 .   ? -10.999 18.799  -5.411  0.58 37.65  ? 196 BR  A BR  1 
HETATM 1310 BR BR  . BR  H 2 .   ? -10.447 10.679  -7.111  0.48 29.76  ? 197 BR  A BR  1 
HETATM 1311 BR BR  . BR  I 2 .   ? -11.377 13.591  1.213   0.38 24.54  ? 198 BR  A BR  1 
HETATM 1312 BR BR  . BR  J 2 .   ? 12.628  13.394  7.064   0.33 12.91  ? 199 BR  A BR  1 
HETATM 1313 BR BR  . BR  K 2 .   ? -4.622  -15.894 14.382  0.27 22.78  ? 200 BR  A BR  1 
HETATM 1314 BR BR  . BR  L 2 .   ? 6.649   -17.315 -1.389  0.23 16.13  ? 201 BR  A BR  1 
HETATM 1315 O  O   . HOH M 3 .   ? -8.657  -15.469 10.124  0.15 3.06   ? 202 HOH A O   1 
HETATM 1316 O  O   . HOH M 3 .   ? -17.841 5.863   -6.740  1.00 13.58  ? 203 HOH A O   1 
HETATM 1317 O  O   . HOH M 3 .   ? 2.486   -9.063  12.097  1.00 8.73   ? 204 HOH A O   1 
HETATM 1318 O  O   . HOH M 3 .   ? -8.311  -7.696  13.693  1.00 12.32  ? 205 HOH A O   1 
HETATM 1319 O  O   . HOH M 3 .   ? -9.880  -3.932  8.082   1.00 3.88   ? 206 HOH A O   1 
HETATM 1320 O  O   . HOH M 3 .   ? -2.217  1.870   11.261  1.00 20.62  ? 207 HOH A O   1 
HETATM 1321 O  O   . HOH M 3 .   ? 9.495   0.191   10.366  1.00 13.25  ? 208 HOH A O   1 
HETATM 1322 O  O   . HOH M 3 .   ? 6.362   -17.208 8.623   1.00 9.32   ? 209 HOH A O   1 
HETATM 1323 O  O   . HOH M 3 .   ? -3.137  21.218  5.956   1.00 12.63  ? 210 HOH A O   1 
HETATM 1324 O  O   . HOH M 3 .   ? 3.596   -18.080 -0.327  1.00 10.22  ? 211 HOH A O   1 
HETATM 1325 O  O   . HOH M 3 .   ? -10.510 -9.402  0.627   1.00 9.52   ? 212 HOH A O   1 
HETATM 1326 O  O   . HOH M 3 .   ? -3.210  12.426  16.911  1.00 41.06  ? 213 HOH A O   1 
HETATM 1327 O  O   . HOH M 3 .   ? -6.390  -25.926 1.706   1.00 19.86  ? 214 HOH A O   1 
HETATM 1328 O  O   . HOH M 3 .   ? -9.030  -16.182 -0.972  1.00 16.39  ? 215 HOH A O   1 
HETATM 1329 O  O   . HOH M 3 .   ? 7.807   -8.243  -0.701  1.00 8.94   ? 216 HOH A O   1 
HETATM 1330 O  O   . HOH M 3 .   ? -2.484  -14.524 1.146   1.00 16.14  ? 217 HOH A O   1 
HETATM 1331 O  O   . HOH M 3 .   ? -6.580  -6.842  -4.635  1.00 13.19  ? 218 HOH A O   1 
HETATM 1332 O  O   . HOH M 3 .   ? 10.035  2.192   5.171   1.00 28.18  ? 219 HOH A O   1 
HETATM 1333 O  O   . HOH M 3 .   ? -15.459 6.587   -1.213  1.00 19.32  ? 220 HOH A O   1 
HETATM 1334 O  O   . HOH M 3 .   ? -0.413  -9.565  -2.787  1.00 8.24   ? 221 HOH A O   1 
HETATM 1335 O  O   . HOH M 3 .   ? 9.368   -9.826  -10.265 1.00 49.65  ? 222 HOH A O   1 
HETATM 1336 O  O   . HOH M 3 .   ? -8.404  -11.958 0.541   1.00 14.77  ? 223 HOH A O   1 
HETATM 1337 O  O   . HOH M 3 .   ? 9.312   -9.603  10.583  1.00 18.70  ? 224 HOH A O   1 
HETATM 1338 O  O   . HOH M 3 .   ? 11.942  -9.510  -9.035  1.00 35.13  ? 225 HOH A O   1 
HETATM 1339 O  O   . HOH M 3 .   ? 2.756   -11.959 -3.182  1.00 25.23  ? 226 HOH A O   1 
HETATM 1340 O  O   . HOH M 3 .   ? -0.706  -12.864 -0.436  1.00 20.53  ? 227 HOH A O   1 
HETATM 1341 O  O   . HOH M 3 .   ? -4.113  -20.648 8.290   1.00 13.32  ? 228 HOH A O   1 
HETATM 1342 O  O   . HOH M 3 .   ? -7.211  -8.420  16.073  1.00 25.80  ? 229 HOH A O   1 
HETATM 1343 O  O   . HOH M 3 .   ? -9.486  20.112  4.618   1.00 40.54  ? 230 HOH A O   1 
HETATM 1344 O  O   . HOH M 3 .   ? -9.266  1.525   6.614   1.00 20.38  ? 231 HOH A O   1 
HETATM 1345 O  O   . HOH M 3 .   ? 4.182   13.257  -9.003  1.00 10.92  ? 232 HOH A O   1 
HETATM 1346 O  O   . HOH M 3 .   ? 6.672   3.621   12.756  1.00 34.74  ? 233 HOH A O   1 
HETATM 1347 O  O   . HOH M 3 .   ? -0.672  -4.221  -15.202 1.00 19.95  ? 234 HOH A O   1 
HETATM 1348 O  O   . HOH M 3 .   ? 5.634   -0.217  18.227  1.00 26.19  ? 235 HOH A O   1 
HETATM 1349 O  O   . HOH M 3 .   ? -1.009  18.090  -4.463  1.00 21.87  ? 236 HOH A O   1 
HETATM 1350 O  O   . HOH M 3 .   ? -10.050 5.706   12.185  1.00 22.68  ? 237 HOH A O   1 
HETATM 1351 O  O   . HOH M 3 .   ? 0.693   20.221  1.725   1.00 14.49  ? 238 HOH A O   1 
HETATM 1352 O  O   . HOH M 3 .   ? -12.484 -4.757  4.110   1.00 16.41  ? 239 HOH A O   1 
HETATM 1353 O  O   . HOH M 3 .   ? -8.410  -18.395 8.995   1.00 19.83  ? 240 HOH A O   1 
HETATM 1354 O  O   . HOH M 3 .   ? -7.486  -11.750 -6.925  1.00 35.74  ? 241 HOH A O   1 
HETATM 1355 O  O   . HOH M 3 .   ? -6.730  18.242  -14.019 1.00 14.64  ? 242 HOH A O   1 
HETATM 1356 O  O   . HOH M 3 .   ? -1.528  -8.658  -0.643  1.00 12.06  ? 243 HOH A O   1 
HETATM 1357 O  O   . HOH M 3 .   ? -5.406  7.389   8.902   1.00 18.22  ? 244 HOH A O   1 
HETATM 1358 O  O   . HOH M 3 .   ? 12.871  5.328   3.917   1.00 20.53  ? 245 HOH A O   1 
HETATM 1359 O  O   . HOH M 3 .   ? 2.388   9.342   9.516   1.00 14.68  ? 246 HOH A O   1 
HETATM 1360 O  O   . HOH M 3 .   ? -16.607 -4.609  18.064  1.00 44.37  ? 247 HOH A O   1 
HETATM 1361 O  O   . HOH M 3 .   ? -6.189  -3.144  -7.061  1.00 30.85  ? 248 HOH A O   1 
HETATM 1362 O  O   . HOH M 3 .   ? 5.506   5.631   -18.680 1.00 21.69  ? 249 HOH A O   1 
HETATM 1363 O  O   . HOH M 3 .   ? 13.203  -4.714  6.066   1.00 25.55  ? 250 HOH A O   1 
HETATM 1364 O  O   . HOH M 3 .   ? 4.822   -5.469  11.759  1.00 3.34   ? 251 HOH A O   1 
HETATM 1365 O  O   . HOH M 3 .   ? -1.877  -22.069 13.884  1.00 23.03  ? 252 HOH A O   1 
HETATM 1366 O  O   . HOH M 3 .   ? -3.155  -9.209  -7.907  1.00 23.86  ? 253 HOH A O   1 
HETATM 1367 O  O   . HOH M 3 .   ? -16.684 -7.594  15.725  1.00 18.14  ? 254 HOH A O   1 
HETATM 1368 O  O   . HOH M 3 .   ? -13.417 1.339   2.562   1.00 26.80  ? 255 HOH A O   1 
HETATM 1369 O  O   . HOH M 3 .   ? -12.098 13.211  -6.417  1.00 27.31  ? 256 HOH A O   1 
HETATM 1370 O  O   . HOH M 3 .   ? -14.820 15.439  -7.251  1.00 38.44  ? 257 HOH A O   1 
HETATM 1371 O  O   . HOH M 3 .   ? -9.732  7.431   -10.024 1.00 21.32  ? 258 HOH A O   1 
HETATM 1372 O  O   . HOH M 3 .   ? -11.621 5.720   -8.679  1.00 11.50  ? 259 HOH A O   1 
HETATM 1373 O  O   . HOH M 3 .   ? -2.054  -0.373  -8.955  1.00 6.24   ? 260 HOH A O   1 
HETATM 1374 O  O   . HOH M 3 .   ? -6.364  -7.658  -7.097  1.00 27.40  ? 261 HOH A O   1 
HETATM 1375 O  O   . HOH M 3 .   ? -7.510  -13.616 -10.490 1.00 14.20  ? 262 HOH A O   1 
HETATM 1376 O  O   . HOH M 3 .   ? -13.213 -5.206  -1.801  1.00 34.80  ? 263 HOH A O   1 
HETATM 1377 O  O   . HOH M 3 .   ? 12.299  15.631  3.690   1.00 30.69  ? 264 HOH A O   1 
HETATM 1378 O  O   . HOH M 3 .   ? 13.549  4.935   -5.425  1.00 27.01  ? 265 HOH A O   1 
HETATM 1379 O  O   . HOH M 3 .   ? 12.575  3.442   6.779   1.00 33.97  ? 266 HOH A O   1 
HETATM 1380 O  O   . HOH M 3 .   ? 12.857  0.880   8.219   1.00 31.98  ? 267 HOH A O   1 
HETATM 1381 O  O   . HOH M 3 .   ? 11.715  -3.203  8.404   1.00 25.00  ? 268 HOH A O   1 
HETATM 1382 O  O   . HOH M 3 .   ? 12.099  -10.353 -0.335  1.00 25.00  ? 269 HOH A O   1 
HETATM 1383 O  O   . HOH M 3 .   ? 9.920   -7.570  -11.814 1.00 45.32  ? 270 HOH A O   1 
HETATM 1384 O  O   . HOH M 3 .   ? 8.845   -14.771 0.121   1.00 21.45  ? 271 HOH A O   1 
HETATM 1385 O  O   . HOH M 3 .   ? -4.645  -2.238  -11.776 1.00 24.79  ? 272 HOH A O   1 
HETATM 1386 O  O   . HOH M 3 .   ? -0.990  -0.137  -16.211 1.00 27.26  ? 273 HOH A O   1 
HETATM 1387 O  O   . HOH M 3 .   ? 11.515  -9.249  -5.534  1.00 49.53  ? 274 HOH A O   1 
HETATM 1388 O  O   . HOH M 3 .   ? 12.700  2.754   3.648   1.00 40.59  ? 275 HOH A O   1 
HETATM 1389 O  O   . HOH M 3 .   ? 13.417  0.749   0.696   1.00 41.54  ? 276 HOH A O   1 
HETATM 1390 O  O   . HOH M 3 .   ? 15.147  -1.384  5.115   1.00 25.67  ? 277 HOH A O   1 
HETATM 1391 O  O   . HOH M 3 .   ? 8.396   -16.116 9.542   1.00 36.45  ? 278 HOH A O   1 
HETATM 1392 O  O   . HOH M 3 .   ? -14.273 -5.944  17.808  1.00 23.55  ? 279 HOH A O   1 
HETATM 1393 O  O   . HOH M 3 .   ? -10.611 -8.201  22.603  1.00 15.34  ? 280 HOH A O   1 
HETATM 1394 O  O   . HOH M 3 .   ? 18.116  -10.380 5.368   1.00 18.35  ? 281 HOH A O   1 
HETATM 1395 O  O   . HOH M 3 .   ? 9.528   -24.337 5.125   1.00 26.40  ? 282 HOH A O   1 
HETATM 1396 O  O   . HOH M 3 .   ? -9.714  -12.523 -12.698 1.00 38.58  ? 283 HOH A O   1 
HETATM 1397 O  O   . HOH M 3 .   ? 0.095   19.080  3.764   1.00 29.56  ? 284 HOH A O   1 
HETATM 1398 O  O   . HOH M 3 .   ? 2.121   -20.607 14.421  1.00 15.74  ? 285 HOH A O   1 
HETATM 1399 O  O   . HOH M 3 .   ? -6.210  -6.385  14.938  1.00 25.57  ? 286 HOH A O   1 
HETATM 1400 O  O   . HOH M 3 .   ? -10.588 -20.986 5.991   1.00 20.55  ? 287 HOH A O   1 
HETATM 1401 O  O   . HOH M 3 .   ? -16.279 -9.258  11.842  1.00 43.31  ? 288 HOH A O   1 
HETATM 1402 O  O   . HOH M 3 .   ? -9.924  15.120  -6.081  1.00 26.77  ? 289 HOH A O   1 
HETATM 1403 O  O   . HOH M 3 .   ? -4.653  -21.706 12.692  1.00 22.90  ? 290 HOH A O   1 
HETATM 1404 O  O   . HOH M 3 .   ? -9.853  3.191   13.864  1.00 23.53  ? 291 HOH A O   1 
HETATM 1405 O  O   . HOH M 3 .   ? -0.579  19.409  -15.244 1.00 27.18  ? 292 HOH A O   1 
HETATM 1406 O  O   . HOH M 3 .   ? 10.841  -15.327 -1.012  1.00 42.05  ? 293 HOH A O   1 
HETATM 1407 O  O   . HOH M 3 .   ? 8.758   15.931  -5.204  1.00 19.93  ? 294 HOH A O   1 
HETATM 1408 O  O   . HOH M 3 .   ? -9.022  -14.412 2.737   1.00 13.81  ? 295 HOH A O   1 
HETATM 1409 O  O   . HOH M 3 .   ? -12.299 -4.435  9.007   1.00 15.47  ? 296 HOH A O   1 
HETATM 1410 O  O   . HOH M 3 .   ? -15.056 3.052   -1.534  1.00 32.30  ? 297 HOH A O   1 
HETATM 1411 O  O   . HOH M 3 .   ? -15.377 4.947   6.083   1.00 17.35  ? 298 HOH A O   1 
HETATM 1412 O  O   . HOH M 3 .   ? 9.706   14.366  2.494   1.00 32.57  ? 299 HOH A O   1 
HETATM 1413 O  O   . HOH M 3 .   ? 13.124  4.747   -13.032 1.00 36.17  ? 300 HOH A O   1 
HETATM 1414 O  O   . HOH M 3 .   ? -12.470 16.032  -8.422  1.00 35.99  ? 301 HOH A O   1 
HETATM 1415 O  O   . HOH M 3 .   ? 10.013  5.351   -18.969 1.00 26.90  ? 302 HOH A O   1 
HETATM 1416 O  O   . HOH M 3 .   ? -4.838  14.856  17.059  1.00 34.94  ? 303 HOH A O   1 
HETATM 1417 O  O   . HOH M 3 .   ? -11.241 2.757   5.376   1.00 14.46  ? 304 HOH A O   1 
HETATM 1418 O  O   . HOH M 3 .   ? -10.179 13.397  8.008   1.00 31.16  ? 305 HOH A O   1 
HETATM 1419 O  O   . HOH M 3 .   ? -9.413  -13.539 -2.508  1.00 32.73  ? 306 HOH A O   1 
HETATM 1420 O  O   . HOH M 3 .   ? -12.917 -3.894  1.335   1.00 23.51  ? 307 HOH A O   1 
HETATM 1421 O  O   . HOH M 3 .   ? 12.780  6.208   -7.993  1.00 25.23  ? 308 HOH A O   1 
HETATM 1422 O  O   . HOH M 3 .   ? -5.410  -14.676 -3.555  1.00 25.33  ? 309 HOH A O   1 
HETATM 1423 O  O   . HOH M 3 .   ? -11.454 -10.938 4.428   1.00 28.29  ? 310 HOH A O   1 
HETATM 1424 O  O   . HOH M 3 .   ? -13.020 -0.631  7.681   1.00 38.32  ? 311 HOH A O   1 
HETATM 1425 O  O   . HOH M 3 .   ? -5.786  -12.114 -8.919  1.00 46.83  ? 312 HOH A O   1 
HETATM 1426 O  O   . HOH M 3 .   ? 11.117  14.118  -10.778 1.00 59.33  ? 313 HOH A O   1 
HETATM 1427 O  O   . HOH M 3 .   ? 3.997   1.458   19.696  1.00 16.62  ? 314 HOH A O   1 
HETATM 1428 O  O   . HOH M 3 .   ? 9.162   -21.834 10.965  1.00 46.66  ? 315 HOH A O   1 
HETATM 1429 O  O   . HOH M 3 .   ? -16.861 17.187  -7.853  1.00 43.97  ? 316 HOH A O   1 
HETATM 1430 O  O   . HOH M 3 .   ? -4.789  -9.520  16.516  1.00 19.68  ? 317 HOH A O   1 
HETATM 1431 O  O   . HOH M 3 .   ? 9.025   -11.410 -0.860  1.00 47.07  ? 318 HOH A O   1 
HETATM 1432 O  O   . HOH M 3 .   ? 10.938  -9.864  -14.341 1.00 42.65  ? 319 HOH A O   1 
HETATM 1433 O  O   . HOH M 3 .   ? 10.295  -4.050  -19.351 1.00 30.42  ? 320 HOH A O   1 
HETATM 1434 O  O   . HOH M 3 .   ? 12.208  12.674  -8.238  1.00 42.40  ? 321 HOH A O   1 
HETATM 1435 O  O   . HOH M 3 .   ? -3.451  9.267   -17.719 1.00 56.17  ? 322 HOH A O   1 
HETATM 1436 O  O   . HOH M 3 .   ? -11.305 -8.053  3.545   1.00 34.35  ? 323 HOH A O   1 
HETATM 1437 O  O   . HOH M 3 .   ? 15.045  7.089   -3.187  1.00 43.46  ? 324 HOH A O   1 
HETATM 1438 O  O   . HOH M 3 .   ? 13.731  -1.386  -10.205 1.00 24.89  ? 325 HOH A O   1 
HETATM 1439 O  O   . HOH M 3 .   ? 1.576   4.310   18.785  1.00 50.55  ? 326 HOH A O   1 
HETATM 1440 O  O   . HOH M 3 .   ? 8.303   -23.549 -1.630  1.00 39.90  ? 327 HOH A O   1 
HETATM 1441 O  O   . HOH M 3 .   ? 4.848   -21.361 15.125  1.00 55.92  ? 328 HOH A O   1 
HETATM 1442 O  O   . HOH M 3 .   ? 6.707   6.653   16.910  1.00 48.06  ? 329 HOH A O   1 
HETATM 1443 O  O   . HOH M 3 .   ? 4.057   -15.227 9.647   1.00 30.28  ? 330 HOH A O   1 
HETATM 1444 O  O   . HOH M 3 .   ? -7.159  1.998   19.405  1.00 44.70  ? 331 HOH A O   1 
HETATM 1445 O  O   . HOH M 3 .   ? -5.547  -18.621 9.813   1.00 26.08  ? 332 HOH A O   1 
HETATM 1446 O  O   . HOH M 3 .   ? 11.258  14.142  -5.582  1.00 42.35  ? 333 HOH A O   1 
HETATM 1447 O  O   . HOH M 3 .   ? 11.977  -12.792 8.286   1.00 20.91  ? 334 HOH A O   1 
HETATM 1448 O  O   . HOH M 3 .   ? -11.943 -4.208  -8.206  1.00 32.17  ? 335 HOH A O   1 
HETATM 1449 O  O   . HOH M 3 .   ? 5.105   -12.205 -2.516  1.00 23.99  ? 336 HOH A O   1 
HETATM 1450 O  O   . HOH M 3 .   ? 6.434   -2.448  -24.005 1.00 52.86  ? 337 HOH A O   1 
HETATM 1451 O  O   . HOH M 3 .   ? -5.949  9.609   -17.444 1.00 44.04  ? 338 HOH A O   1 
HETATM 1452 O  O   . HOH M 3 .   ? -15.122 -1.818  -1.195  1.00 54.19  ? 339 HOH A O   1 
HETATM 1453 O  O   . HOH M 3 .   ? 16.179  14.628  0.451   1.00 46.92  ? 340 HOH A O   1 
HETATM 1454 O  O   . HOH M 3 .   ? -13.036 9.976   0.545   1.00 37.40  ? 341 HOH A O   1 
HETATM 1455 O  O   . HOH M 3 .   ? 11.945  -23.965 6.827   1.00 51.34  ? 342 HOH A O   1 
HETATM 1456 O  O   . HOH M 3 .   ? 14.079  7.446   -11.954 1.00 51.72  ? 343 HOH A O   1 
HETATM 1457 O  O   . HOH M 3 .   ? -17.931 2.067   -5.540  1.00 30.90  ? 344 HOH A O   1 
HETATM 1458 O  O   . HOH M 3 .   ? -7.734  5.007   21.130  1.00 50.61  ? 345 HOH A O   1 
HETATM 1459 O  O   . HOH M 3 .   ? 3.802   -20.306 18.761  1.00 39.21  ? 346 HOH A O   1 
HETATM 1460 O  O   . HOH M 3 .   ? -4.771  -5.993  -22.841 1.00 46.88  ? 347 HOH A O   1 
HETATM 1461 O  O   . HOH M 3 .   ? -14.583 -3.314  6.518   1.00 41.50  ? 348 HOH A O   1 
HETATM 1462 O  O   . HOH M 3 .   ? 11.522  -5.169  -16.226 1.00 41.60  ? 349 HOH A O   1 
HETATM 1463 O  O   . HOH M 3 .   ? 3.265   6.962   17.744  1.00 65.62  ? 350 HOH A O   1 
HETATM 1464 O  O   . HOH M 3 .   ? 14.006  15.365  -11.978 1.00 42.29  ? 351 HOH A O   1 
HETATM 1465 O  O   . HOH M 3 .   ? 16.171  -0.275  -9.834  1.00 40.50  ? 352 HOH A O   1 
HETATM 1466 O  O   . HOH M 3 .   ? -12.989 -20.529 1.716   1.00 34.29  ? 353 HOH A O   1 
HETATM 1467 O  O   . HOH M 3 .   ? 14.019  -14.616 10.355  1.00 47.35  ? 354 HOH A O   1 
HETATM 1468 O  O   . HOH M 3 .   ? 13.493  16.433  -9.110  1.00 52.95  ? 355 HOH A O   1 
HETATM 1469 O  O   . HOH M 3 .   ? -13.460 -17.881 0.859   1.00 47.95  ? 356 HOH A O   1 
HETATM 1470 O  O   . HOH M 3 .   ? -0.785  -3.350  -22.838 1.00 53.54  ? 357 HOH A O   1 
HETATM 1471 O  O   . HOH M 3 .   ? -0.229  1.036   -7.602  1.00 7.12   ? 358 HOH A O   1 
# 
